data_7W9M
#
_entry.id   7W9M
#
_cell.length_a   1.00
_cell.length_b   1.00
_cell.length_c   1.00
_cell.angle_alpha   90.00
_cell.angle_beta   90.00
_cell.angle_gamma   90.00
#
_symmetry.space_group_name_H-M   'P 1'
#
loop_
_entity.id
_entity.type
_entity.pdbx_description
1 polymer 'Sodium channel protein type 9 subunit alpha'
2 polymer 'Sodium channel subunit beta-1'
3 polymer 'Sodium channel subunit beta-2'
4 branched 2-acetamido-2-deoxy-beta-D-glucopyranose-(1-4)-2-acetamido-2-deoxy-beta-D-glucopyranose
5 non-polymer '(1R,5R,6R,7R,9S,11S,12S,13S,14S)-3-amino-14-(hydroxymethyl)-8,10-dioxa-2,4-diazatetracyclo[7.3.1.1~7,11~.0~1,6~]tetradec-3-ene-5,9,12,13,14-pentol (non-preferred name)'
6 non-polymer 2-acetamido-2-deoxy-beta-D-glucopyranose
7 non-polymer O-[(R)-{[(2R)-2,3-bis(octadecanoyloxy)propyl]oxy}(hydroxy)phosphoryl]-L-serine
8 non-polymer 'CHOLESTEROL HEMISUCCINATE'
9 non-polymer 1-O-OCTADECYL-SN-GLYCERO-3-PHOSPHOCHOLINE
#
loop_
_entity_poly.entity_id
_entity_poly.type
_entity_poly.pdbx_seq_one_letter_code
_entity_poly.pdbx_strand_id
1 'polypeptide(L)'
;MASWSHPQFEKGGGARGGSGGGSWSHPQFEKGFDYKDDDDKGTMAMLPPPGPQSFVHFTKQSLALIEQRIAERKSKEPKE
EKKDDDEEAPKPSSDLEAGKQLPFIYGDIPPGMVSEPLEDLDPYYADKKTFIVLNKGKTIFRFNATPALYMLSPFSPLRR
ISIKILVHSLFSMLIMCTILTNCIFMTMNNPPDWTKNVEYTFTGIYTFESLVKILARGFCVGEFTFLRDPWNWLDFVVIV
FAYLTEFVNLGNVSALRTFRVLRALKTISVIPGLKTIVGALIQSVKKLSDVMILTVFCLSVFALIGLQLFMGNLKHKCFR
NSLENNETLESIMNTLESEEDFRKYFYYLEGSKDALLCGFSTDSGQCPEGYTCVKIGRNPDYGYTSFDTFSWAFLALFRL
MTQDYWENLYQQTLRAAGKTYMIFFVVVIFLGSFYLINLILAVVAMAYKEQNQANIEEAKQKELEFQQMLDRLKKEQEEA
EAIAAAAAEYTSIRRSRIMGLSESSSETSKLSSKSAKERRNRRKKKNQKKLSSGEEKGDAEKLSKSESEDSIRRKSFHLG
VEGHRRAHEKRLSTPNQSPLSIRGSLFSARRSSRTSLFSFKGRGRDIGSETEFADDEHSIFGDNESRRGSLFVPHRPQER
RSSNISQASRSPPMLPVNGKMHSAVDCNGVVSLVDGRSALMLPNGQLLPEVIIDKATSDDSGTTNQIHKKRRCSSYLLSE
DMLNDPNLRQRAMSRASILTNTVEELEESRQKCPPWWYRFAHKFLIWNCSPYWIKFKKCIYFIVMDPFVDLAITICIVLN
TLFMAMEHHPMTEEFKNVLAIGNLVFTGIFAAEMVLKLIAMDPYEYFQVGWNIFDSLIVTLSLVELFLADVEGLSVLRSF
RLLRVFKLAKSWPTLNMLIKIIGNSVGALGNLTLVLAIIVFIFAVVGMQLFGKSYKECVCKINDDCTLPRWHMNDFFHSF
LIVFRVLCGEWIETMWDCMEVAGQAMCLIVYMMVMVIGNLVVLNLFLALLLSSFSSDNLTAIEEDPDANNLQIAVTRIKK
GINYVKQTLREFILKAFSKKPKISREIRQAEDLNTKKENYISNHTLAEMSKGHNFLKEKDKISGFGSSVDKHLMEDSDGQ
SFIHNPSLTVTVPIAPGESDLENMNAEELSSDSDSEYSKVRLNRSSSSECSTVDNPLPGEGEEAEAEPMNSDEPEACFTD
GCVWRFSCCQVNIESGKGKIWWNIRKTCYKIVEHSWFESFIVLMILLSSGALAFEDIYIERKKTIKIILEYADKIFTYIF
ILEMLLKWIAYGYKTYFTNAWCWLDFLIVDVSLVTLVANTLGYSDLGPIKSLRTLRALRPLRALSRFEGMRVVVNALIGA
IPSIMNVLLVCLIFWLIFSIMGVNLFAGKFYECINTTDGSRFPASQVPNRSECFALMNVSQNVRWKNLKVNFDNVGLGYL
SLLQVATFKGWTIIMYAAVDSVNVDKQPKYEYSLYMYIYFVVFIIFGSFFTLNLFIGVIIDNFNQQKKKLGGQDIFMTEE
QKKYYNAMKKLGSKKPQKPIPRPGNKIQGCIFDLVTNQAFDISIMVLICLNMVTMMVEKEGQSQHMTEVLYWINVVFIIL
FTGECVLKLISLRHYYFTVGWNIFDFVVVIISIVGMFLADLIETYFVSPTLFRVIRLARIGRILRLVKGAKGIRTLLFAL
MMSLPALFNIGLLLFLVMFIYAIFGMSNFAYVKKEDGINDMFNFETFGNSMICLFQITTSAGWDGLLAPILNSKPPDCDP
KKVHPGSSVEGDCGNPSVGIFYFVSYIIISFLVVVNMYIAVILENFSVATEESTEPLSEDDFEMFYEVWEKFDPDATQFI
EFSKLSDFAAALDPPLLIAKPNKVQLIAMDLPMVSGDRIHCLDILFAFTKRVLGESGEMDSLRSQMEERFMSANPSKVSY
EPITTTLKRKQEDVSATVIQRAYRRYRLRQNVKNISSIYIKDGDRDDDLLNKKDMAFDNVNENSSPEKTDATSSTTSPPS
YDSVTKPDKEKYEQDRTEKEDKGKDSKESKK
;
A
2 'polypeptide(L)'
;MGRLLALVVGAALVSSACGGCVEVDSETEAVYGMTFKILCISCKRRSETNAETFTEWTFRQKGTEEFVKILRYENEVLQL
EEDERFEGRVVWNGSRGTKDLQDLSIFITNVTYNHSGDYECHVYRLLFFENYEHNTSVVKKIHIEVVDKANRDMASIVSE
IMMYVLIVVLTIWLVAEMIYCYKKIAAATETAAQENASEYLAITSESKENCTGVQVAE
;
B
3 'polypeptide(L)'
;MHRDAWLPRPAFSLTGLSLFFSLVPPGRSMEVTVPATLNVLNGSDARLPCTFNSCYTVNHKQFSLNWTYQECNNCSEEMF
LQFRMKIINLKLERFQDRVEFSGNPSKYDVSVMLRNVQPEDEGIYNCYIMNPPDRHRGHGKIHLQVLMEEPPERDSTVAV
IVGASVGGFLAVVILVLMVVKCVRRKKEQKLSTDDLKTEEEGKTDGEGNPDDGAK
;
C
#
# COMPACT_ATOMS: atom_id res chain seq x y z
N GLY A 51 -3.97 -51.21 -25.45
CA GLY A 51 -4.88 -51.72 -26.47
C GLY A 51 -5.28 -50.67 -27.48
N PRO A 52 -4.42 -50.42 -28.47
CA PRO A 52 -4.74 -49.40 -29.49
C PRO A 52 -5.99 -49.71 -30.29
N GLN A 53 -6.40 -50.97 -30.35
CA GLN A 53 -7.62 -51.32 -31.06
C GLN A 53 -8.67 -51.90 -30.11
N SER A 54 -8.80 -51.29 -28.94
CA SER A 54 -9.80 -51.70 -27.95
C SER A 54 -10.90 -50.64 -27.96
N PHE A 55 -11.83 -50.80 -28.89
CA PHE A 55 -12.98 -49.92 -29.03
C PHE A 55 -14.19 -50.79 -29.28
N VAL A 56 -15.20 -50.69 -28.42
CA VAL A 56 -16.35 -51.58 -28.47
C VAL A 56 -17.60 -50.78 -28.15
N HIS A 57 -18.56 -50.78 -29.07
CA HIS A 57 -19.83 -50.13 -28.84
C HIS A 57 -20.52 -50.74 -27.63
N PHE A 58 -20.97 -49.87 -26.71
CA PHE A 58 -21.70 -50.33 -25.55
C PHE A 58 -22.96 -51.07 -26.01
N THR A 59 -22.99 -52.37 -25.81
CA THR A 59 -24.13 -53.14 -26.28
C THR A 59 -24.92 -53.70 -25.13
N LYS A 60 -26.11 -54.21 -25.43
CA LYS A 60 -26.96 -54.78 -24.39
C LYS A 60 -26.35 -56.04 -23.85
N GLN A 61 -25.82 -56.87 -24.75
CA GLN A 61 -25.18 -58.10 -24.33
C GLN A 61 -23.97 -57.79 -23.46
N SER A 62 -23.16 -56.80 -23.85
CA SER A 62 -22.00 -56.41 -23.05
C SER A 62 -22.43 -55.83 -21.73
N LEU A 63 -23.55 -55.10 -21.70
CA LEU A 63 -24.06 -54.57 -20.45
C LEU A 63 -24.39 -55.73 -19.52
N ALA A 64 -25.07 -56.74 -20.04
CA ALA A 64 -25.42 -57.91 -19.24
C ALA A 64 -24.15 -58.59 -18.74
N LEU A 65 -23.13 -58.65 -19.60
CA LEU A 65 -21.86 -59.25 -19.22
C LEU A 65 -21.28 -58.51 -18.02
N ILE A 66 -21.19 -57.19 -18.12
CA ILE A 66 -20.66 -56.40 -17.02
C ILE A 66 -21.45 -56.70 -15.76
N GLU A 67 -22.78 -56.70 -15.86
CA GLU A 67 -23.62 -56.99 -14.71
C GLU A 67 -23.23 -58.31 -14.05
N GLN A 68 -23.26 -59.40 -14.81
CA GLN A 68 -22.98 -60.71 -14.22
C GLN A 68 -21.57 -60.77 -13.65
N ARG A 69 -20.61 -60.10 -14.30
CA ARG A 69 -19.24 -60.10 -13.82
C ARG A 69 -19.12 -59.41 -12.47
N ILE A 70 -19.72 -58.23 -12.34
CA ILE A 70 -19.57 -57.49 -11.09
C ILE A 70 -20.31 -58.26 -10.00
N ALA A 71 -21.40 -58.93 -10.37
CA ALA A 71 -22.16 -59.62 -9.35
C ALA A 71 -21.36 -60.81 -8.84
N GLU A 72 -20.76 -61.57 -9.74
CA GLU A 72 -20.03 -62.75 -9.31
C GLU A 72 -18.83 -62.34 -8.45
N ARG A 73 -18.11 -61.29 -8.85
CA ARG A 73 -16.98 -60.89 -8.05
C ARG A 73 -17.43 -60.47 -6.66
N LYS A 74 -18.52 -59.71 -6.56
CA LYS A 74 -18.94 -59.23 -5.25
C LYS A 74 -19.37 -60.42 -4.38
N SER A 75 -20.03 -61.40 -4.99
CA SER A 75 -20.47 -62.57 -4.23
C SER A 75 -19.25 -63.32 -3.71
N LYS A 76 -18.22 -63.44 -4.54
CA LYS A 76 -16.99 -64.09 -4.07
C LYS A 76 -16.35 -63.32 -2.93
N GLU A 77 -16.34 -61.99 -3.03
CA GLU A 77 -15.78 -61.18 -1.96
C GLU A 77 -16.48 -61.45 -0.65
N PRO A 90 -7.52 -50.46 -5.45
CA PRO A 90 -7.16 -50.04 -6.82
C PRO A 90 -7.68 -48.65 -7.15
N LYS A 91 -6.85 -47.85 -7.82
CA LYS A 91 -7.27 -46.52 -8.19
C LYS A 91 -7.44 -46.42 -9.70
N PRO A 92 -8.46 -45.70 -10.17
CA PRO A 92 -8.65 -45.56 -11.61
C PRO A 92 -7.46 -44.86 -12.26
N SER A 93 -7.19 -45.23 -13.50
CA SER A 93 -6.14 -44.57 -14.26
C SER A 93 -6.48 -43.10 -14.46
N SER A 94 -5.75 -42.22 -13.79
CA SER A 94 -6.04 -40.79 -13.86
C SER A 94 -5.89 -40.22 -15.25
N ASP A 95 -5.14 -40.89 -16.13
CA ASP A 95 -4.95 -40.39 -17.48
C ASP A 95 -6.12 -40.72 -18.40
N LEU A 96 -6.93 -41.71 -18.05
CA LEU A 96 -8.16 -41.99 -18.79
C LEU A 96 -9.37 -41.30 -18.19
N GLU A 97 -9.16 -40.48 -17.16
CA GLU A 97 -10.27 -39.80 -16.51
C GLU A 97 -11.01 -38.91 -17.50
N ALA A 98 -12.35 -38.90 -17.38
CA ALA A 98 -13.17 -38.07 -18.24
C ALA A 98 -12.78 -36.61 -18.12
N GLY A 99 -13.03 -35.86 -19.18
CA GLY A 99 -12.60 -34.48 -19.28
C GLY A 99 -11.21 -34.30 -19.85
N LYS A 100 -10.36 -35.31 -19.79
CA LYS A 100 -9.03 -35.23 -20.34
C LYS A 100 -9.08 -35.56 -21.84
N GLN A 101 -7.90 -35.76 -22.43
CA GLN A 101 -7.81 -36.13 -23.84
C GLN A 101 -7.33 -37.57 -23.96
N LEU A 102 -7.79 -38.23 -25.01
CA LEU A 102 -7.50 -39.65 -25.18
C LEU A 102 -6.01 -39.83 -25.47
N PRO A 103 -5.35 -40.81 -24.84
CA PRO A 103 -3.94 -41.05 -25.14
C PRO A 103 -3.74 -41.47 -26.58
N PHE A 104 -2.71 -40.90 -27.21
CA PHE A 104 -2.41 -41.18 -28.61
C PHE A 104 -2.14 -42.65 -28.86
N ILE A 105 -1.76 -43.42 -27.84
CA ILE A 105 -1.46 -44.83 -28.01
C ILE A 105 -2.64 -45.59 -28.58
N TYR A 106 -3.86 -45.13 -28.34
CA TYR A 106 -5.02 -45.74 -28.95
C TYR A 106 -5.19 -45.36 -30.41
N GLY A 107 -4.34 -44.48 -30.92
CA GLY A 107 -4.41 -44.06 -32.30
C GLY A 107 -5.75 -43.41 -32.61
N ASP A 108 -6.06 -43.38 -33.90
CA ASP A 108 -7.32 -42.81 -34.34
C ASP A 108 -8.49 -43.69 -33.90
N ILE A 109 -9.65 -43.07 -33.78
CA ILE A 109 -10.89 -43.75 -33.43
C ILE A 109 -11.54 -44.21 -34.72
N PRO A 110 -12.13 -45.40 -34.78
CA PRO A 110 -12.94 -45.77 -35.95
C PRO A 110 -14.07 -44.77 -36.14
N PRO A 111 -14.31 -44.34 -37.38
CA PRO A 111 -15.37 -43.36 -37.63
C PRO A 111 -16.76 -43.84 -37.24
N GLY A 112 -16.94 -45.15 -37.03
CA GLY A 112 -18.23 -45.65 -36.62
C GLY A 112 -18.37 -45.69 -35.12
N MET A 113 -17.26 -45.53 -34.41
CA MET A 113 -17.25 -45.59 -32.96
C MET A 113 -17.35 -44.23 -32.28
N VAL A 114 -16.95 -43.15 -32.97
CA VAL A 114 -16.93 -41.83 -32.35
C VAL A 114 -18.36 -41.40 -32.01
N SER A 115 -18.49 -40.71 -30.88
CA SER A 115 -19.75 -40.14 -30.42
C SER A 115 -20.84 -41.21 -30.35
N GLU A 116 -20.53 -42.29 -29.64
CA GLU A 116 -21.45 -43.41 -29.48
C GLU A 116 -21.18 -44.04 -28.13
N PRO A 117 -22.19 -44.62 -27.49
CA PRO A 117 -21.96 -45.31 -26.22
C PRO A 117 -20.94 -46.43 -26.37
N LEU A 118 -19.78 -46.28 -25.74
CA LEU A 118 -18.75 -47.29 -25.77
C LEU A 118 -18.55 -47.88 -24.40
N GLU A 119 -18.03 -49.10 -24.37
CA GLU A 119 -17.78 -49.78 -23.12
C GLU A 119 -16.55 -49.18 -22.44
N ASP A 120 -16.52 -49.26 -21.12
CA ASP A 120 -15.51 -48.57 -20.33
C ASP A 120 -14.11 -49.12 -20.63
N LEU A 121 -13.16 -48.21 -20.80
CA LEU A 121 -11.78 -48.62 -21.09
C LEU A 121 -11.00 -48.86 -19.80
N ASP A 122 -11.08 -47.93 -18.85
CA ASP A 122 -10.36 -48.07 -17.60
C ASP A 122 -10.75 -49.38 -16.91
N PRO A 123 -9.77 -50.22 -16.53
CA PRO A 123 -10.12 -51.46 -15.84
C PRO A 123 -10.81 -51.23 -14.51
N TYR A 124 -10.43 -50.18 -13.79
CA TYR A 124 -11.03 -49.92 -12.49
C TYR A 124 -12.54 -49.74 -12.59
N TYR A 125 -13.01 -49.12 -13.67
CA TYR A 125 -14.44 -49.00 -13.91
C TYR A 125 -14.99 -50.13 -14.75
N ALA A 126 -14.14 -50.94 -15.38
CA ALA A 126 -14.62 -52.05 -16.18
C ALA A 126 -15.50 -52.98 -15.37
N ASP A 127 -15.23 -53.10 -14.07
CA ASP A 127 -16.07 -53.91 -13.20
C ASP A 127 -17.35 -53.16 -12.82
N LYS A 128 -17.26 -51.86 -12.59
CA LYS A 128 -18.44 -51.08 -12.25
C LYS A 128 -19.31 -50.87 -13.47
N LYS A 129 -20.55 -50.45 -13.22
CA LYS A 129 -21.56 -50.27 -14.25
C LYS A 129 -21.40 -48.88 -14.85
N THR A 130 -20.85 -48.81 -16.06
CA THR A 130 -20.54 -47.52 -16.68
C THR A 130 -20.36 -47.71 -18.17
N PHE A 131 -20.25 -46.59 -18.87
CA PHE A 131 -19.96 -46.57 -20.30
C PHE A 131 -19.39 -45.21 -20.66
N ILE A 132 -18.46 -45.20 -21.60
CA ILE A 132 -17.75 -43.98 -21.97
C ILE A 132 -18.09 -43.61 -23.41
N VAL A 133 -18.14 -42.30 -23.66
CA VAL A 133 -18.38 -41.75 -24.99
C VAL A 133 -17.30 -40.72 -25.29
N LEU A 134 -16.76 -40.75 -26.50
CA LEU A 134 -15.69 -39.87 -26.91
C LEU A 134 -16.17 -38.94 -28.01
N ASN A 135 -15.57 -37.75 -28.07
CA ASN A 135 -15.91 -36.77 -29.09
C ASN A 135 -14.95 -36.87 -30.26
N LYS A 136 -15.14 -35.99 -31.24
CA LYS A 136 -14.19 -35.84 -32.34
C LYS A 136 -12.97 -35.02 -31.94
N GLY A 137 -12.83 -34.75 -30.64
CA GLY A 137 -11.66 -34.07 -30.13
C GLY A 137 -10.94 -34.93 -29.10
N LYS A 138 -11.24 -36.23 -29.12
CA LYS A 138 -10.60 -37.20 -28.24
C LYS A 138 -10.82 -36.87 -26.77
N THR A 139 -12.01 -36.38 -26.45
CA THR A 139 -12.36 -35.97 -25.08
C THR A 139 -13.16 -37.08 -24.41
N ILE A 140 -12.68 -37.53 -23.25
CA ILE A 140 -13.30 -38.65 -22.55
C ILE A 140 -14.53 -38.14 -21.78
N PHE A 141 -15.63 -38.87 -21.89
CA PHE A 141 -16.86 -38.54 -21.20
C PHE A 141 -17.41 -39.81 -20.56
N ARG A 142 -17.27 -39.91 -19.24
CA ARG A 142 -17.83 -41.02 -18.50
C ARG A 142 -19.31 -40.77 -18.22
N PHE A 143 -20.05 -41.85 -17.98
CA PHE A 143 -21.46 -41.75 -17.70
C PHE A 143 -21.85 -42.84 -16.72
N ASN A 144 -23.15 -42.98 -16.49
CA ASN A 144 -23.71 -44.05 -15.68
C ASN A 144 -24.70 -44.83 -16.52
N ALA A 145 -24.48 -46.14 -16.63
CA ALA A 145 -25.32 -46.96 -17.48
C ALA A 145 -26.63 -47.36 -16.82
N THR A 146 -26.79 -47.10 -15.53
CA THR A 146 -28.07 -47.32 -14.89
C THR A 146 -29.13 -46.45 -15.57
N PRO A 147 -30.36 -46.93 -15.67
CA PRO A 147 -31.40 -46.14 -16.34
C PRO A 147 -31.58 -44.78 -15.70
N ALA A 148 -31.39 -43.73 -16.50
CA ALA A 148 -31.54 -42.37 -16.01
C ALA A 148 -32.98 -42.16 -15.55
N LEU A 149 -33.15 -41.83 -14.27
CA LEU A 149 -34.48 -41.78 -13.65
C LEU A 149 -35.22 -43.09 -13.89
N TYR A 150 -34.49 -44.19 -13.79
CA TYR A 150 -35.00 -45.55 -14.02
C TYR A 150 -35.95 -45.59 -15.21
N MET A 151 -35.59 -44.86 -16.25
CA MET A 151 -36.49 -44.73 -17.39
C MET A 151 -35.85 -45.02 -18.72
N LEU A 152 -34.58 -44.65 -18.91
CA LEU A 152 -33.94 -44.76 -20.22
C LEU A 152 -32.69 -45.62 -20.14
N SER A 153 -32.61 -46.60 -21.02
CA SER A 153 -31.43 -47.43 -21.13
C SER A 153 -30.35 -46.70 -21.92
N PRO A 154 -29.09 -47.13 -21.77
CA PRO A 154 -28.01 -46.52 -22.56
C PRO A 154 -28.19 -46.69 -24.07
N PHE A 155 -29.23 -47.42 -24.47
CA PHE A 155 -29.53 -47.62 -25.88
C PHE A 155 -30.87 -47.02 -26.28
N SER A 156 -31.56 -46.36 -25.36
CA SER A 156 -32.81 -45.70 -25.72
C SER A 156 -32.53 -44.62 -26.76
N PRO A 157 -33.37 -44.49 -27.78
CA PRO A 157 -33.13 -43.45 -28.79
C PRO A 157 -33.02 -42.06 -28.21
N LEU A 158 -33.90 -41.73 -27.25
CA LEU A 158 -33.84 -40.43 -26.60
C LEU A 158 -32.50 -40.23 -25.90
N ARG A 159 -32.11 -41.17 -25.05
CA ARG A 159 -30.83 -41.06 -24.38
C ARG A 159 -29.68 -41.10 -25.37
N ARG A 160 -29.84 -41.86 -26.46
CA ARG A 160 -28.80 -41.94 -27.47
C ARG A 160 -28.53 -40.57 -28.07
N ILE A 161 -29.57 -39.91 -28.59
CA ILE A 161 -29.38 -38.60 -29.18
C ILE A 161 -28.99 -37.58 -28.12
N SER A 162 -29.42 -37.79 -26.87
CA SER A 162 -29.03 -36.90 -25.79
C SER A 162 -27.52 -36.91 -25.61
N ILE A 163 -26.93 -38.10 -25.52
CA ILE A 163 -25.48 -38.19 -25.39
C ILE A 163 -24.81 -37.71 -26.67
N LYS A 164 -25.45 -37.91 -27.81
CA LYS A 164 -24.89 -37.42 -29.07
C LYS A 164 -24.70 -35.91 -29.02
N ILE A 165 -25.73 -35.19 -28.62
CA ILE A 165 -25.62 -33.74 -28.70
C ILE A 165 -24.84 -33.15 -27.56
N LEU A 166 -24.88 -33.79 -26.40
CA LEU A 166 -24.24 -33.16 -25.27
C LEU A 166 -22.77 -33.00 -25.54
N VAL A 167 -22.13 -34.04 -26.04
CA VAL A 167 -20.74 -33.85 -26.39
C VAL A 167 -20.68 -33.53 -27.88
N HIS A 168 -21.11 -32.33 -28.22
CA HIS A 168 -21.01 -31.88 -29.61
C HIS A 168 -20.39 -30.49 -29.59
N SER A 169 -19.51 -30.19 -30.55
CA SER A 169 -18.81 -28.90 -30.54
C SER A 169 -19.74 -27.71 -30.58
N LEU A 170 -20.75 -27.76 -31.44
CA LEU A 170 -21.68 -26.64 -31.56
C LEU A 170 -22.38 -26.36 -30.24
N PHE A 171 -22.82 -27.41 -29.55
CA PHE A 171 -23.54 -27.24 -28.29
C PHE A 171 -22.70 -26.49 -27.26
N SER A 172 -21.44 -26.89 -27.10
CA SER A 172 -20.58 -26.25 -26.11
C SER A 172 -20.35 -24.77 -26.42
N MET A 173 -20.08 -24.45 -27.68
CA MET A 173 -19.86 -23.05 -28.07
C MET A 173 -21.13 -22.24 -27.93
N LEU A 174 -22.27 -22.83 -28.29
CA LEU A 174 -23.55 -22.14 -28.15
C LEU A 174 -23.72 -21.57 -26.76
N ILE A 175 -23.48 -22.38 -25.74
CA ILE A 175 -23.68 -21.94 -24.37
C ILE A 175 -22.77 -20.77 -24.02
N MET A 176 -21.56 -20.75 -24.57
CA MET A 176 -20.64 -19.66 -24.27
C MET A 176 -21.17 -18.35 -24.83
N CYS A 177 -21.63 -18.36 -26.08
CA CYS A 177 -22.16 -17.15 -26.68
C CYS A 177 -23.39 -16.67 -25.93
N THR A 178 -24.26 -17.60 -25.51
CA THR A 178 -25.43 -17.21 -24.73
C THR A 178 -25.01 -16.53 -23.44
N ILE A 179 -24.05 -17.11 -22.73
CA ILE A 179 -23.56 -16.52 -21.49
C ILE A 179 -23.07 -15.11 -21.75
N LEU A 180 -22.28 -14.93 -22.81
CA LEU A 180 -21.70 -13.63 -23.07
C LEU A 180 -22.76 -12.59 -23.38
N THR A 181 -23.72 -12.92 -24.24
CA THR A 181 -24.72 -11.93 -24.58
C THR A 181 -25.63 -11.63 -23.39
N ASN A 182 -25.90 -12.62 -22.54
CA ASN A 182 -26.66 -12.33 -21.33
C ASN A 182 -25.88 -11.39 -20.41
N CYS A 183 -24.57 -11.59 -20.32
CA CYS A 183 -23.75 -10.68 -19.54
C CYS A 183 -23.85 -9.27 -20.10
N ILE A 184 -23.81 -9.13 -21.41
CA ILE A 184 -23.95 -7.80 -22.01
C ILE A 184 -25.30 -7.20 -21.63
N PHE A 185 -26.34 -8.01 -21.61
CA PHE A 185 -27.66 -7.49 -21.27
C PHE A 185 -27.75 -7.08 -19.82
N MET A 186 -26.99 -7.74 -18.94
CA MET A 186 -27.12 -7.47 -17.51
C MET A 186 -26.79 -6.03 -17.13
N THR A 187 -26.00 -5.38 -17.96
CA THR A 187 -25.47 -4.08 -17.62
C THR A 187 -26.27 -2.93 -18.04
N MET A 188 -27.55 -3.09 -18.21
CA MET A 188 -28.33 -1.92 -18.52
C MET A 188 -29.13 -1.61 -17.30
N ASN A 189 -28.95 -0.42 -16.76
CA ASN A 189 -29.62 -0.09 -15.52
C ASN A 189 -31.13 -0.10 -15.63
N ASN A 190 -31.66 0.44 -16.71
CA ASN A 190 -33.10 0.52 -16.87
C ASN A 190 -33.49 0.01 -18.23
N PRO A 191 -33.45 -1.29 -18.39
CA PRO A 191 -33.71 -1.83 -19.73
C PRO A 191 -35.08 -1.50 -20.27
N PRO A 192 -35.19 -1.40 -21.59
CA PRO A 192 -36.52 -1.19 -22.15
C PRO A 192 -37.35 -2.43 -21.92
N ASP A 193 -38.65 -2.28 -22.08
CA ASP A 193 -39.54 -3.42 -21.88
C ASP A 193 -39.32 -4.67 -22.73
N TRP A 194 -39.16 -4.53 -24.03
CA TRP A 194 -39.08 -5.70 -24.90
C TRP A 194 -38.00 -6.67 -24.45
N THR A 195 -37.00 -6.18 -23.73
CA THR A 195 -35.91 -7.05 -23.27
C THR A 195 -36.41 -8.20 -22.41
N LYS A 196 -37.64 -8.10 -21.89
CA LYS A 196 -38.19 -9.23 -21.15
C LYS A 196 -38.29 -10.47 -22.03
N ASN A 197 -38.61 -10.28 -23.31
CA ASN A 197 -38.68 -11.41 -24.22
C ASN A 197 -37.31 -12.07 -24.37
N VAL A 198 -36.25 -11.25 -24.48
CA VAL A 198 -34.92 -11.80 -24.58
C VAL A 198 -34.54 -12.52 -23.30
N GLU A 199 -34.98 -12.01 -22.16
CA GLU A 199 -34.73 -12.70 -20.90
C GLU A 199 -35.41 -14.06 -20.89
N TYR A 200 -36.64 -14.12 -21.38
CA TYR A 200 -37.31 -15.40 -21.51
C TYR A 200 -36.53 -16.33 -22.43
N THR A 201 -36.00 -15.82 -23.52
CA THR A 201 -35.16 -16.62 -24.40
C THR A 201 -33.97 -17.20 -23.64
N PHE A 202 -33.29 -16.35 -22.86
CA PHE A 202 -32.14 -16.80 -22.10
C PHE A 202 -32.51 -17.94 -21.17
N THR A 203 -33.53 -17.72 -20.34
CA THR A 203 -33.89 -18.76 -19.39
C THR A 203 -34.39 -20.02 -20.09
N GLY A 204 -34.97 -19.89 -21.27
CA GLY A 204 -35.38 -21.06 -21.99
C GLY A 204 -34.20 -21.87 -22.48
N ILE A 205 -33.19 -21.17 -23.00
CA ILE A 205 -31.98 -21.88 -23.46
C ILE A 205 -31.32 -22.58 -22.29
N TYR A 206 -31.26 -21.91 -21.14
CA TYR A 206 -30.62 -22.52 -19.98
C TYR A 206 -31.39 -23.76 -19.52
N THR A 207 -32.72 -23.67 -19.49
CA THR A 207 -33.51 -24.85 -19.16
C THR A 207 -33.26 -25.97 -20.15
N PHE A 208 -33.19 -25.64 -21.44
CA PHE A 208 -32.99 -26.65 -22.46
C PHE A 208 -31.65 -27.36 -22.28
N GLU A 209 -30.59 -26.59 -22.04
CA GLU A 209 -29.27 -27.21 -21.91
C GLU A 209 -29.17 -28.02 -20.62
N SER A 210 -29.89 -27.60 -19.61
CA SER A 210 -29.79 -28.34 -18.40
C SER A 210 -30.50 -29.64 -18.62
N LEU A 211 -31.61 -29.60 -19.34
CA LEU A 211 -32.39 -30.80 -19.54
C LEU A 211 -31.62 -31.81 -20.32
N VAL A 212 -30.97 -31.38 -21.39
CA VAL A 212 -30.31 -32.34 -22.24
C VAL A 212 -29.21 -32.99 -21.44
N LYS A 213 -28.74 -32.30 -20.43
CA LYS A 213 -27.71 -32.92 -19.61
C LYS A 213 -28.30 -33.90 -18.61
N ILE A 214 -29.47 -33.58 -18.05
CA ILE A 214 -30.11 -34.52 -17.14
C ILE A 214 -30.62 -35.74 -17.92
N LEU A 215 -31.08 -35.54 -19.14
CA LEU A 215 -31.52 -36.61 -20.01
C LEU A 215 -30.38 -37.50 -20.47
N ALA A 216 -29.15 -37.17 -20.11
CA ALA A 216 -28.00 -38.03 -20.38
C ALA A 216 -27.43 -38.64 -19.11
N ARG A 217 -27.17 -37.84 -18.09
CA ARG A 217 -26.50 -38.34 -16.90
C ARG A 217 -27.44 -38.70 -15.76
N GLY A 218 -28.71 -38.37 -15.86
CA GLY A 218 -29.64 -38.64 -14.79
C GLY A 218 -29.47 -37.68 -13.62
N PHE A 219 -30.47 -37.68 -12.75
CA PHE A 219 -30.52 -36.68 -11.68
C PHE A 219 -29.61 -37.06 -10.53
N CYS A 220 -29.99 -38.08 -9.77
CA CYS A 220 -29.14 -38.60 -8.70
C CYS A 220 -29.18 -40.12 -8.67
N VAL A 221 -29.83 -40.76 -9.65
CA VAL A 221 -30.00 -42.20 -9.67
C VAL A 221 -28.67 -42.95 -9.73
N GLY A 222 -27.57 -42.26 -10.03
CA GLY A 222 -26.29 -42.91 -10.13
C GLY A 222 -25.14 -42.13 -9.51
N GLU A 223 -23.92 -42.48 -9.88
CA GLU A 223 -22.73 -41.79 -9.39
C GLU A 223 -22.19 -40.77 -10.38
N PHE A 224 -22.11 -41.13 -11.65
CA PHE A 224 -21.71 -40.14 -12.64
C PHE A 224 -23.02 -39.55 -13.03
N THR A 225 -23.48 -38.58 -12.23
CA THR A 225 -24.80 -38.01 -12.47
C THR A 225 -24.75 -36.49 -12.38
N PHE A 226 -25.75 -35.82 -12.92
CA PHE A 226 -25.79 -34.35 -12.91
C PHE A 226 -25.44 -33.76 -11.57
N LEU A 227 -26.27 -34.03 -10.57
CA LEU A 227 -26.05 -33.39 -9.28
C LEU A 227 -24.72 -33.75 -8.65
N ARG A 228 -23.98 -34.70 -9.21
CA ARG A 228 -22.73 -35.11 -8.59
C ARG A 228 -21.68 -33.99 -8.68
N ASP A 229 -21.57 -33.36 -9.84
CA ASP A 229 -20.62 -32.26 -10.00
C ASP A 229 -21.16 -31.03 -9.30
N PRO A 230 -20.41 -30.43 -8.37
CA PRO A 230 -20.92 -29.22 -7.70
C PRO A 230 -21.20 -28.08 -8.66
N TRP A 231 -20.44 -27.97 -9.75
CA TRP A 231 -20.66 -26.89 -10.70
C TRP A 231 -22.07 -26.90 -11.26
N ASN A 232 -22.70 -28.06 -11.32
CA ASN A 232 -24.07 -28.10 -11.81
C ASN A 232 -25.05 -27.53 -10.81
N TRP A 233 -24.71 -27.52 -9.53
CA TRP A 233 -25.60 -26.94 -8.52
C TRP A 233 -25.89 -25.48 -8.83
N LEU A 234 -24.89 -24.76 -9.31
CA LEU A 234 -25.08 -23.34 -9.61
C LEU A 234 -26.20 -23.15 -10.61
N ASP A 235 -26.01 -23.66 -11.83
CA ASP A 235 -27.02 -23.49 -12.86
C ASP A 235 -28.34 -24.14 -12.45
N PHE A 236 -28.28 -25.15 -11.58
CA PHE A 236 -29.53 -25.75 -11.11
C PHE A 236 -30.35 -24.75 -10.31
N VAL A 237 -29.72 -24.13 -9.31
CA VAL A 237 -30.46 -23.15 -8.52
C VAL A 237 -30.79 -21.93 -9.37
N VAL A 238 -30.00 -21.67 -10.41
CA VAL A 238 -30.36 -20.60 -11.34
C VAL A 238 -31.66 -20.94 -12.04
N ILE A 239 -31.79 -22.18 -12.52
CA ILE A 239 -33.02 -22.60 -13.17
C ILE A 239 -34.18 -22.54 -12.18
N VAL A 240 -33.93 -22.89 -10.93
CA VAL A 240 -34.97 -22.82 -9.90
C VAL A 240 -35.47 -21.39 -9.77
N PHE A 241 -34.56 -20.46 -9.54
CA PHE A 241 -34.93 -19.05 -9.45
C PHE A 241 -35.64 -18.59 -10.72
N ALA A 242 -35.21 -19.10 -11.86
CA ALA A 242 -35.78 -18.69 -13.14
C ALA A 242 -37.28 -18.91 -13.21
N TYR A 243 -37.80 -19.89 -12.48
CA TYR A 243 -39.23 -20.16 -12.49
C TYR A 243 -39.93 -19.84 -11.18
N LEU A 244 -39.18 -19.60 -10.11
CA LEU A 244 -39.83 -19.07 -8.92
C LEU A 244 -40.10 -17.58 -9.05
N THR A 245 -39.24 -16.86 -9.78
CA THR A 245 -39.26 -15.41 -9.79
C THR A 245 -40.40 -14.82 -10.60
N GLU A 246 -41.05 -15.59 -11.46
CA GLU A 246 -42.09 -15.04 -12.31
C GLU A 246 -43.50 -15.25 -11.75
N PHE A 247 -43.76 -16.39 -11.11
CA PHE A 247 -45.08 -16.66 -10.57
C PHE A 247 -45.23 -16.12 -9.15
N VAL A 248 -44.38 -16.60 -8.24
CA VAL A 248 -44.41 -16.12 -6.86
C VAL A 248 -43.50 -14.91 -6.72
N ASN A 249 -43.95 -13.92 -5.97
CA ASN A 249 -43.14 -12.72 -5.75
C ASN A 249 -42.67 -12.63 -4.30
N ASN A 252 -38.89 -7.22 -2.00
CA ASN A 252 -37.57 -6.78 -2.39
C ASN A 252 -37.22 -7.24 -3.81
N VAL A 253 -37.61 -6.44 -4.80
CA VAL A 253 -37.37 -6.80 -6.19
C VAL A 253 -35.96 -6.43 -6.65
N SER A 254 -35.29 -5.51 -5.96
CA SER A 254 -33.92 -5.17 -6.30
C SER A 254 -32.92 -6.20 -5.78
N ALA A 255 -33.35 -7.09 -4.89
CA ALA A 255 -32.48 -8.14 -4.37
C ALA A 255 -32.67 -9.47 -5.06
N LEU A 256 -33.70 -9.61 -5.90
CA LEU A 256 -33.89 -10.88 -6.60
C LEU A 256 -33.19 -10.87 -7.96
N ARG A 257 -33.22 -9.74 -8.66
CA ARG A 257 -32.64 -9.68 -9.99
C ARG A 257 -31.14 -9.92 -9.95
N THR A 258 -30.50 -9.53 -8.85
CA THR A 258 -29.05 -9.73 -8.74
C THR A 258 -28.70 -11.21 -8.77
N PHE A 259 -29.56 -12.06 -8.21
CA PHE A 259 -29.25 -13.49 -8.14
C PHE A 259 -28.99 -14.09 -9.50
N ARG A 260 -29.56 -13.53 -10.56
CA ARG A 260 -29.34 -14.07 -11.88
C ARG A 260 -27.92 -13.83 -12.38
N VAL A 261 -27.10 -13.10 -11.63
CA VAL A 261 -25.74 -12.86 -12.07
C VAL A 261 -24.91 -14.14 -12.04
N LEU A 262 -25.36 -15.18 -11.33
CA LEU A 262 -24.61 -16.43 -11.34
C LEU A 262 -24.48 -17.01 -12.74
N ARG A 263 -25.37 -16.62 -13.65
CA ARG A 263 -25.15 -16.93 -15.05
C ARG A 263 -23.78 -16.44 -15.50
N ALA A 264 -23.31 -15.32 -14.94
CA ALA A 264 -21.96 -14.89 -15.25
C ALA A 264 -20.94 -15.89 -14.75
N LEU A 265 -21.11 -16.37 -13.52
CA LEU A 265 -20.21 -17.40 -13.01
C LEU A 265 -20.20 -18.61 -13.91
N LYS A 266 -21.32 -18.89 -14.57
CA LYS A 266 -21.40 -20.08 -15.41
C LYS A 266 -20.29 -20.14 -16.47
N THR A 267 -19.66 -19.01 -16.78
CA THR A 267 -18.59 -19.04 -17.77
C THR A 267 -17.40 -19.84 -17.26
N ILE A 268 -17.26 -19.97 -15.94
CA ILE A 268 -16.10 -20.65 -15.39
C ILE A 268 -16.16 -22.14 -15.67
N SER A 269 -17.36 -22.68 -15.82
CA SER A 269 -17.52 -24.10 -16.07
C SER A 269 -17.63 -24.45 -17.54
N VAL A 270 -17.40 -23.49 -18.44
CA VAL A 270 -17.44 -23.74 -19.87
C VAL A 270 -16.10 -23.43 -20.53
N ILE A 271 -15.46 -22.33 -20.16
CA ILE A 271 -14.17 -22.00 -20.77
C ILE A 271 -13.12 -23.01 -20.30
N PRO A 272 -12.43 -23.68 -21.19
CA PRO A 272 -11.48 -24.71 -20.78
C PRO A 272 -10.28 -24.14 -20.06
N GLY A 273 -10.21 -24.35 -18.75
CA GLY A 273 -9.04 -23.95 -18.00
C GLY A 273 -9.34 -23.08 -16.80
N LEU A 274 -10.61 -22.73 -16.61
CA LEU A 274 -10.96 -21.87 -15.49
C LEU A 274 -11.21 -22.64 -14.21
N LYS A 275 -11.78 -23.83 -14.30
CA LYS A 275 -11.93 -24.64 -13.09
C LYS A 275 -10.57 -24.89 -12.45
N THR A 276 -9.56 -25.18 -13.27
CA THR A 276 -8.23 -25.39 -12.73
C THR A 276 -7.73 -24.16 -11.99
N ILE A 277 -7.97 -22.98 -12.56
CA ILE A 277 -7.43 -21.76 -11.96
C ILE A 277 -8.13 -21.45 -10.64
N VAL A 278 -9.45 -21.59 -10.61
CA VAL A 278 -10.13 -21.32 -9.34
C VAL A 278 -9.77 -22.36 -8.30
N GLY A 279 -9.50 -23.60 -8.71
CA GLY A 279 -8.97 -24.56 -7.78
C GLY A 279 -7.63 -24.15 -7.22
N ALA A 280 -6.77 -23.62 -8.08
CA ALA A 280 -5.47 -23.12 -7.62
C ALA A 280 -5.65 -21.99 -6.62
N LEU A 281 -6.60 -21.10 -6.87
CA LEU A 281 -6.84 -20.01 -5.94
C LEU A 281 -7.35 -20.52 -4.60
N ILE A 282 -8.24 -21.51 -4.63
CA ILE A 282 -8.74 -22.05 -3.37
C ILE A 282 -7.61 -22.70 -2.58
N GLN A 283 -6.78 -23.49 -3.26
CA GLN A 283 -5.65 -24.10 -2.57
C GLN A 283 -4.70 -23.06 -2.03
N SER A 284 -4.56 -21.93 -2.73
CA SER A 284 -3.73 -20.87 -2.18
C SER A 284 -4.36 -20.23 -0.96
N VAL A 285 -5.67 -20.12 -0.91
CA VAL A 285 -6.32 -19.53 0.25
C VAL A 285 -6.18 -20.44 1.46
N LYS A 286 -6.41 -21.74 1.28
CA LYS A 286 -6.44 -22.64 2.42
C LYS A 286 -5.15 -22.59 3.23
N LYS A 287 -4.06 -22.12 2.66
CA LYS A 287 -2.81 -21.99 3.38
C LYS A 287 -2.67 -20.66 4.10
N LEU A 288 -3.60 -19.74 3.91
CA LEU A 288 -3.56 -18.44 4.55
C LEU A 288 -4.30 -18.41 5.87
N SER A 289 -4.55 -19.56 6.48
CA SER A 289 -5.36 -19.58 7.69
C SER A 289 -4.64 -18.89 8.84
N ASP A 290 -3.45 -19.39 9.19
CA ASP A 290 -2.74 -18.86 10.34
C ASP A 290 -2.41 -17.39 10.19
N VAL A 291 -2.11 -16.94 8.97
CA VAL A 291 -1.85 -15.51 8.77
C VAL A 291 -3.10 -14.71 9.05
N MET A 292 -4.26 -15.20 8.63
CA MET A 292 -5.48 -14.47 8.92
C MET A 292 -5.75 -14.43 10.42
N ILE A 293 -5.49 -15.54 11.11
CA ILE A 293 -5.68 -15.55 12.56
C ILE A 293 -4.76 -14.53 13.22
N LEU A 294 -3.49 -14.54 12.84
CA LEU A 294 -2.54 -13.59 13.41
C LEU A 294 -2.93 -12.16 13.09
N THR A 295 -3.45 -11.92 11.89
CA THR A 295 -3.87 -10.58 11.53
C THR A 295 -5.02 -10.13 12.42
N VAL A 296 -6.01 -10.99 12.59
CA VAL A 296 -7.11 -10.67 13.49
C VAL A 296 -6.59 -10.41 14.89
N PHE A 297 -5.63 -11.21 15.33
CA PHE A 297 -5.13 -11.07 16.69
C PHE A 297 -4.41 -9.75 16.88
N CYS A 298 -3.52 -9.38 15.95
CA CYS A 298 -2.80 -8.12 16.08
C CYS A 298 -3.73 -6.94 15.94
N LEU A 299 -4.66 -6.99 14.99
CA LEU A 299 -5.60 -5.89 14.87
C LEU A 299 -6.43 -5.75 16.12
N SER A 300 -6.79 -6.86 16.77
CA SER A 300 -7.57 -6.77 17.99
C SER A 300 -6.75 -6.21 19.14
N VAL A 301 -5.49 -6.63 19.26
CA VAL A 301 -4.65 -6.10 20.33
C VAL A 301 -4.44 -4.62 20.17
N PHE A 302 -3.97 -4.22 18.98
CA PHE A 302 -3.78 -2.80 18.73
C PHE A 302 -5.10 -2.05 18.83
N ALA A 303 -6.22 -2.70 18.55
CA ALA A 303 -7.49 -2.03 18.67
C ALA A 303 -7.86 -1.81 20.12
N LEU A 304 -7.52 -2.74 20.99
CA LEU A 304 -7.72 -2.50 22.41
C LEU A 304 -6.83 -1.38 22.90
N ILE A 305 -5.59 -1.32 22.39
CA ILE A 305 -4.72 -0.21 22.75
C ILE A 305 -5.33 1.11 22.33
N GLY A 306 -5.81 1.19 21.09
CA GLY A 306 -6.41 2.42 20.62
C GLY A 306 -7.69 2.76 21.36
N LEU A 307 -8.50 1.75 21.66
CA LEU A 307 -9.70 1.99 22.43
C LEU A 307 -9.37 2.51 23.82
N GLN A 308 -8.26 2.07 24.38
CA GLN A 308 -7.87 2.56 25.69
C GLN A 308 -7.39 4.01 25.60
N LEU A 309 -6.59 4.32 24.58
CA LEU A 309 -5.94 5.61 24.54
C LEU A 309 -6.83 6.71 23.99
N PHE A 310 -7.64 6.44 22.98
CA PHE A 310 -8.34 7.49 22.26
C PHE A 310 -9.85 7.44 22.42
N MET A 311 -10.37 6.62 23.33
CA MET A 311 -11.81 6.48 23.42
C MET A 311 -12.47 7.82 23.64
N GLY A 312 -13.33 8.20 22.70
CA GLY A 312 -14.06 9.44 22.83
C GLY A 312 -13.23 10.67 22.63
N ASN A 313 -12.04 10.54 22.05
CA ASN A 313 -11.22 11.72 21.79
C ASN A 313 -11.68 12.45 20.55
N LEU A 314 -12.14 11.74 19.53
CA LEU A 314 -12.48 12.39 18.29
C LEU A 314 -13.78 13.15 18.35
N LYS A 315 -14.43 13.20 19.51
CA LYS A 315 -15.62 14.02 19.63
C LYS A 315 -15.30 15.47 19.98
N HIS A 316 -14.04 15.80 20.22
CA HIS A 316 -13.70 17.15 20.64
C HIS A 316 -14.08 18.15 19.56
N LYS A 317 -14.66 19.26 19.99
CA LYS A 317 -15.02 20.34 19.08
C LYS A 317 -14.82 21.66 19.80
N CYS A 318 -14.56 22.70 19.03
CA CYS A 318 -14.37 24.03 19.59
C CYS A 318 -15.73 24.68 19.71
N PHE A 319 -16.23 24.78 20.93
CA PHE A 319 -17.55 25.34 21.20
C PHE A 319 -17.41 26.78 21.66
N ARG A 320 -18.28 27.65 21.15
CA ARG A 320 -18.17 29.06 21.49
C ARG A 320 -18.55 29.32 22.94
N ASN A 321 -17.89 30.31 23.54
CA ASN A 321 -18.09 30.56 24.96
C ASN A 321 -19.35 31.36 25.21
N SER A 322 -19.43 32.56 24.66
CA SER A 322 -20.51 33.49 25.00
C SER A 322 -21.79 33.01 24.34
N LEU A 323 -22.72 32.54 25.14
CA LEU A 323 -24.02 32.12 24.65
C LEU A 323 -25.09 33.07 25.16
N GLU A 324 -26.13 33.25 24.35
CA GLU A 324 -27.20 34.17 24.68
C GLU A 324 -28.38 33.42 25.29
N ASN A 325 -29.38 34.17 25.72
CA ASN A 325 -30.66 33.64 26.19
C ASN A 325 -30.48 32.68 27.36
N ASN A 326 -29.42 32.86 28.13
CA ASN A 326 -29.04 31.93 29.22
C ASN A 326 -29.23 30.47 28.82
N GLU A 327 -28.48 30.06 27.81
CA GLU A 327 -28.49 28.68 27.36
C GLU A 327 -27.19 28.00 27.74
N THR A 328 -27.26 26.67 27.88
CA THR A 328 -26.11 25.85 28.17
C THR A 328 -25.81 24.94 27.00
N LEU A 329 -24.81 24.10 27.18
CA LEU A 329 -24.44 23.17 26.11
C LEU A 329 -25.55 22.16 25.85
N GLU A 330 -26.17 21.64 26.92
CA GLU A 330 -27.18 20.62 26.73
C GLU A 330 -28.42 21.18 26.06
N SER A 331 -28.92 22.31 26.59
CA SER A 331 -30.10 22.93 26.01
C SER A 331 -29.93 23.26 24.53
N ILE A 332 -28.70 23.32 24.05
CA ILE A 332 -28.44 23.59 22.65
C ILE A 332 -28.30 22.31 21.86
N MET A 333 -27.51 21.36 22.36
CA MET A 333 -27.14 20.20 21.55
C MET A 333 -28.32 19.30 21.22
N ASN A 334 -29.50 19.54 21.78
CA ASN A 334 -30.67 18.75 21.45
C ASN A 334 -31.70 19.55 20.66
N THR A 335 -31.36 20.77 20.26
CA THR A 335 -32.32 21.62 19.56
C THR A 335 -31.89 22.00 18.16
N LEU A 336 -30.70 21.61 17.72
CA LEU A 336 -30.23 21.96 16.39
C LEU A 336 -29.81 20.70 15.65
N GLU A 337 -30.24 20.57 14.40
CA GLU A 337 -29.79 19.46 13.56
C GLU A 337 -29.80 19.94 12.11
N SER A 338 -28.67 20.52 11.70
CA SER A 338 -28.41 20.89 10.31
C SER A 338 -27.03 21.49 10.23
N GLU A 339 -26.39 21.40 9.07
CA GLU A 339 -25.04 21.94 8.92
C GLU A 339 -25.02 23.43 9.24
N GLU A 340 -25.95 24.18 8.67
CA GLU A 340 -25.98 25.61 8.90
C GLU A 340 -26.28 25.94 10.36
N ASP A 341 -26.82 25.00 11.12
CA ASP A 341 -27.00 25.23 12.54
C ASP A 341 -25.72 24.99 13.31
N PHE A 342 -25.15 23.80 13.16
CA PHE A 342 -23.90 23.51 13.84
C PHE A 342 -22.81 24.49 13.48
N ARG A 343 -22.94 25.18 12.35
CA ARG A 343 -21.97 26.19 12.00
C ARG A 343 -22.15 27.47 12.82
N LYS A 344 -23.24 27.60 13.56
CA LYS A 344 -23.42 28.79 14.37
C LYS A 344 -22.82 28.66 15.75
N TYR A 345 -22.42 27.46 16.15
CA TYR A 345 -21.88 27.24 17.48
C TYR A 345 -20.50 26.63 17.50
N PHE A 346 -20.22 25.77 16.57
CA PHE A 346 -18.94 25.19 16.57
C PHE A 346 -18.18 25.83 15.43
N TYR A 347 -16.88 25.63 15.38
CA TYR A 347 -16.07 26.26 14.36
C TYR A 347 -15.80 25.28 13.27
N TYR A 348 -16.18 25.61 12.05
CA TYR A 348 -15.96 24.77 10.92
C TYR A 348 -15.00 25.47 10.02
N LEU A 349 -14.00 24.77 9.53
CA LEU A 349 -12.95 25.42 8.76
C LEU A 349 -13.15 25.63 7.28
N GLU A 350 -14.02 26.52 6.87
CA GLU A 350 -14.13 26.89 5.44
C GLU A 350 -14.21 25.81 4.38
N GLY A 351 -15.33 25.13 4.32
CA GLY A 351 -15.50 24.17 3.26
C GLY A 351 -15.40 22.77 3.76
N SER A 352 -15.40 22.59 5.05
CA SER A 352 -15.38 21.26 5.57
C SER A 352 -16.76 20.90 5.97
N LYS A 353 -16.98 19.61 6.11
CA LYS A 353 -18.27 19.15 6.53
C LYS A 353 -18.24 18.75 7.97
N ASP A 354 -17.07 18.68 8.56
CA ASP A 354 -16.95 18.36 9.98
C ASP A 354 -16.46 19.58 10.74
N ALA A 355 -16.71 19.57 12.04
CA ALA A 355 -16.21 20.63 12.89
C ALA A 355 -14.74 20.43 13.14
N LEU A 356 -14.04 21.53 13.39
CA LEU A 356 -12.61 21.44 13.67
C LEU A 356 -12.38 20.74 15.00
N LEU A 357 -11.35 19.91 15.05
CA LEU A 357 -10.99 19.25 16.30
C LEU A 357 -10.22 20.20 17.20
N CYS A 358 -9.88 19.74 18.40
CA CYS A 358 -9.14 20.53 19.36
C CYS A 358 -8.52 19.58 20.38
N GLY A 359 -8.01 20.13 21.46
CA GLY A 359 -7.43 19.30 22.49
C GLY A 359 -7.13 20.12 23.72
N PHE A 360 -7.03 19.42 24.84
CA PHE A 360 -6.71 20.06 26.11
C PHE A 360 -5.23 20.15 26.37
N SER A 361 -4.42 19.32 25.71
CA SER A 361 -2.99 19.37 25.93
C SER A 361 -2.41 20.64 25.33
N THR A 362 -1.09 20.78 25.44
CA THR A 362 -0.41 21.93 24.88
C THR A 362 0.11 21.67 23.47
N ASP A 363 0.27 20.42 23.08
CA ASP A 363 0.71 20.07 21.75
C ASP A 363 -0.43 19.61 20.87
N SER A 364 -1.67 19.83 21.27
CA SER A 364 -2.80 19.52 20.42
C SER A 364 -3.15 20.75 19.59
N GLY A 365 -4.17 20.60 18.75
CA GLY A 365 -4.65 21.73 18.00
C GLY A 365 -5.28 22.75 18.91
N GLN A 366 -5.23 24.00 18.50
CA GLN A 366 -5.78 25.08 19.29
C GLN A 366 -7.12 25.50 18.73
N CYS A 367 -7.94 26.12 19.58
CA CYS A 367 -9.15 26.78 19.16
C CYS A 367 -8.87 28.26 19.15
N PRO A 368 -9.50 28.99 18.26
CA PRO A 368 -9.36 30.45 18.30
C PRO A 368 -9.93 31.01 19.59
N GLU A 369 -9.69 32.29 19.88
CA GLU A 369 -10.26 32.87 21.08
C GLU A 369 -11.77 32.99 20.94
N GLY A 370 -12.46 32.80 22.05
CA GLY A 370 -13.90 32.75 22.00
C GLY A 370 -14.45 31.39 21.69
N TYR A 371 -13.61 30.36 21.68
CA TYR A 371 -14.03 28.99 21.43
C TYR A 371 -13.28 28.10 22.39
N THR A 372 -13.98 27.25 23.11
CA THR A 372 -13.35 26.34 24.05
C THR A 372 -13.49 24.90 23.58
N CYS A 373 -12.50 24.09 23.90
CA CYS A 373 -12.55 22.68 23.55
C CYS A 373 -13.52 21.97 24.48
N VAL A 374 -14.34 21.09 23.90
CA VAL A 374 -15.36 20.39 24.67
C VAL A 374 -15.71 19.12 23.92
N LYS A 375 -16.17 18.12 24.64
CA LYS A 375 -16.41 16.79 24.08
C LYS A 375 -17.91 16.58 23.95
N ILE A 376 -18.43 16.68 22.73
CA ILE A 376 -19.86 16.61 22.48
C ILE A 376 -20.06 16.35 21.00
N GLY A 377 -21.25 15.91 20.64
CA GLY A 377 -21.60 15.76 19.24
C GLY A 377 -21.21 14.41 18.69
N ARG A 378 -21.17 14.34 17.37
CA ARG A 378 -20.87 13.11 16.66
C ARG A 378 -19.44 13.10 16.18
N ASN A 379 -18.98 11.94 15.77
CA ASN A 379 -17.63 11.80 15.24
C ASN A 379 -17.57 12.33 13.82
N PRO A 380 -16.38 12.50 13.28
CA PRO A 380 -16.25 12.95 11.89
C PRO A 380 -16.52 11.83 10.90
N ASP A 381 -16.67 12.22 9.63
CA ASP A 381 -16.97 11.30 8.54
C ASP A 381 -18.30 10.59 8.76
N TYR A 382 -19.35 11.38 8.96
CA TYR A 382 -20.70 10.90 9.22
C TYR A 382 -20.79 10.09 10.50
N GLY A 383 -19.69 9.92 11.23
CA GLY A 383 -19.68 9.10 12.42
C GLY A 383 -18.95 7.79 12.26
N TYR A 384 -18.30 7.57 11.13
CA TYR A 384 -17.66 6.29 10.87
C TYR A 384 -16.18 6.30 11.21
N THR A 385 -15.63 7.41 11.67
CA THR A 385 -14.25 7.48 12.10
C THR A 385 -14.25 7.74 13.60
N SER A 386 -13.89 6.72 14.37
CA SER A 386 -13.95 6.86 15.82
C SER A 386 -13.28 5.67 16.46
N PHE A 387 -12.89 5.84 17.71
CA PHE A 387 -12.44 4.76 18.57
C PHE A 387 -13.41 4.54 19.71
N ASP A 388 -14.70 4.78 19.48
CA ASP A 388 -15.66 4.72 20.58
C ASP A 388 -15.90 3.30 21.03
N THR A 389 -16.38 2.45 20.14
CA THR A 389 -16.63 1.06 20.48
C THR A 389 -15.47 0.21 19.99
N PHE A 390 -15.59 -1.10 20.17
CA PHE A 390 -14.54 -1.97 19.67
C PHE A 390 -14.66 -2.21 18.18
N SER A 391 -15.88 -2.26 17.66
CA SER A 391 -16.03 -2.50 16.23
C SER A 391 -15.47 -1.34 15.41
N TRP A 392 -15.77 -0.11 15.81
CA TRP A 392 -15.22 1.02 15.07
C TRP A 392 -13.72 1.09 15.19
N ALA A 393 -13.18 0.76 16.35
CA ALA A 393 -11.74 0.73 16.48
C ALA A 393 -11.14 -0.32 15.59
N PHE A 394 -11.79 -1.47 15.46
CA PHE A 394 -11.28 -2.51 14.60
C PHE A 394 -11.31 -2.07 13.15
N LEU A 395 -12.37 -1.38 12.76
CA LEU A 395 -12.43 -0.87 11.40
C LEU A 395 -11.32 0.14 11.13
N ALA A 396 -11.13 1.07 12.06
CA ALA A 396 -10.09 2.07 11.87
C ALA A 396 -8.71 1.43 11.80
N LEU A 397 -8.50 0.37 12.57
CA LEU A 397 -7.18 -0.26 12.50
C LEU A 397 -7.02 -1.11 11.25
N PHE A 398 -8.08 -1.71 10.75
CA PHE A 398 -7.99 -2.37 9.48
C PHE A 398 -7.67 -1.37 8.39
N ARG A 399 -8.22 -0.16 8.51
CA ARG A 399 -7.89 0.88 7.55
C ARG A 399 -6.44 1.30 7.68
N LEU A 400 -5.91 1.34 8.90
CA LEU A 400 -4.50 1.64 9.07
C LEU A 400 -3.61 0.55 8.50
N MET A 401 -4.05 -0.70 8.55
CA MET A 401 -3.23 -1.79 8.05
C MET A 401 -3.01 -1.66 6.55
N THR A 402 -4.07 -1.41 5.80
CA THR A 402 -3.95 -1.27 4.36
C THR A 402 -3.51 0.12 3.93
N GLN A 403 -3.30 1.03 4.86
CA GLN A 403 -2.82 2.38 4.55
C GLN A 403 -3.75 3.10 3.59
N ASP A 404 -5.04 3.00 3.79
CA ASP A 404 -5.97 3.75 2.96
C ASP A 404 -6.35 5.04 3.62
N TYR A 405 -5.86 6.14 3.13
CA TYR A 405 -6.21 7.46 3.63
C TYR A 405 -5.92 7.44 5.08
N TRP A 406 -4.78 6.87 5.42
CA TRP A 406 -4.47 6.75 6.80
C TRP A 406 -4.02 8.05 7.24
N GLU A 407 -3.42 8.78 6.36
CA GLU A 407 -2.86 10.04 6.82
C GLU A 407 -3.93 10.94 7.39
N ASN A 408 -5.17 10.80 6.92
CA ASN A 408 -6.22 11.66 7.44
C ASN A 408 -6.56 11.28 8.88
N LEU A 409 -6.68 9.99 9.15
CA LEU A 409 -6.88 9.54 10.52
C LEU A 409 -5.72 9.94 11.40
N TYR A 410 -4.50 9.81 10.86
CA TYR A 410 -3.30 10.25 11.56
C TYR A 410 -3.42 11.70 12.00
N GLN A 411 -3.75 12.58 11.06
CA GLN A 411 -3.84 13.99 11.38
C GLN A 411 -4.96 14.27 12.37
N GLN A 412 -6.11 13.62 12.19
CA GLN A 412 -7.20 13.86 13.11
C GLN A 412 -6.85 13.45 14.52
N THR A 413 -6.27 12.26 14.68
CA THR A 413 -5.90 11.80 16.02
C THR A 413 -4.87 12.72 16.64
N LEU A 414 -3.83 13.06 15.90
CA LEU A 414 -2.81 13.92 16.48
C LEU A 414 -3.35 15.28 16.84
N ARG A 415 -4.37 15.75 16.18
CA ARG A 415 -4.86 17.05 16.53
C ARG A 415 -5.61 17.00 17.81
N ALA A 416 -6.45 16.01 17.99
CA ALA A 416 -7.20 15.86 19.21
C ALA A 416 -6.43 15.50 20.41
N ALA A 417 -5.50 14.59 20.31
CA ALA A 417 -4.82 14.11 21.47
C ALA A 417 -3.42 14.58 21.67
N GLY A 418 -2.86 15.29 20.73
CA GLY A 418 -1.51 15.77 20.84
C GLY A 418 -0.47 15.09 20.04
N LYS A 419 0.59 15.78 19.75
CA LYS A 419 1.59 15.25 18.87
C LYS A 419 2.32 14.09 19.41
N THR A 420 2.45 13.96 20.70
CA THR A 420 3.28 12.90 21.21
C THR A 420 2.81 11.55 20.77
N TYR A 421 1.52 11.34 20.71
CA TYR A 421 1.02 10.02 20.39
C TYR A 421 1.48 9.60 19.05
N MET A 422 2.19 10.43 18.35
CA MET A 422 2.76 10.00 17.08
C MET A 422 3.38 8.62 17.21
N ILE A 423 3.89 8.32 18.41
CA ILE A 423 4.56 7.04 18.64
C ILE A 423 3.62 5.88 18.38
N PHE A 424 2.35 6.04 18.74
CA PHE A 424 1.38 4.99 18.47
C PHE A 424 1.30 4.68 16.99
N PHE A 425 1.13 5.71 16.19
CA PHE A 425 1.01 5.50 14.75
C PHE A 425 2.28 4.92 14.19
N VAL A 426 3.43 5.40 14.64
CA VAL A 426 4.69 4.86 14.17
C VAL A 426 4.71 3.35 14.32
N VAL A 427 4.51 2.86 15.54
CA VAL A 427 4.59 1.41 15.76
C VAL A 427 3.55 0.69 14.89
N VAL A 428 2.31 1.16 14.85
CA VAL A 428 1.29 0.45 14.09
C VAL A 428 1.69 0.34 12.63
N ILE A 429 2.17 1.43 12.05
CA ILE A 429 2.56 1.42 10.63
C ILE A 429 3.72 0.46 10.40
N PHE A 430 4.79 0.55 11.18
CA PHE A 430 5.89 -0.37 11.00
C PHE A 430 5.58 -1.81 11.45
N LEU A 431 5.32 -2.01 12.72
CA LEU A 431 5.07 -3.36 13.24
C LEU A 431 3.80 -4.02 12.69
N GLY A 432 2.74 -3.24 12.52
CA GLY A 432 1.49 -3.79 12.04
C GLY A 432 1.43 -3.81 10.53
N SER A 433 1.05 -2.69 9.93
CA SER A 433 0.90 -2.63 8.47
C SER A 433 2.01 -3.26 7.66
N PHE A 434 3.24 -2.76 7.78
CA PHE A 434 4.32 -3.26 6.95
C PHE A 434 4.59 -4.74 7.18
N TYR A 435 4.58 -5.19 8.42
CA TYR A 435 4.89 -6.58 8.71
C TYR A 435 3.82 -7.55 8.24
N LEU A 436 2.54 -7.27 8.51
CA LEU A 436 1.53 -8.25 8.14
C LEU A 436 1.37 -8.31 6.63
N ILE A 437 1.44 -7.18 5.96
CA ILE A 437 1.32 -7.18 4.51
C ILE A 437 2.43 -7.99 3.89
N ASN A 438 3.65 -7.81 4.38
CA ASN A 438 4.75 -8.60 3.85
C ASN A 438 4.61 -10.07 4.21
N LEU A 439 4.01 -10.37 5.35
CA LEU A 439 3.75 -11.76 5.67
C LEU A 439 2.77 -12.38 4.68
N ILE A 440 1.71 -11.64 4.35
CA ILE A 440 0.76 -12.12 3.35
C ILE A 440 1.49 -12.37 2.04
N LEU A 441 2.28 -11.40 1.60
CA LEU A 441 3.02 -11.57 0.36
C LEU A 441 3.89 -12.81 0.42
N ALA A 442 4.57 -13.02 1.53
CA ALA A 442 5.50 -14.15 1.60
C ALA A 442 4.76 -15.47 1.55
N VAL A 443 3.64 -15.57 2.26
CA VAL A 443 2.92 -16.83 2.27
C VAL A 443 2.30 -17.12 0.91
N VAL A 444 1.74 -16.09 0.27
CA VAL A 444 1.17 -16.31 -1.05
C VAL A 444 2.25 -16.71 -2.04
N ALA A 445 3.40 -16.05 -1.98
CA ALA A 445 4.48 -16.40 -2.88
C ALA A 445 4.95 -17.82 -2.63
N MET A 446 5.05 -18.22 -1.36
CA MET A 446 5.52 -19.56 -1.06
C MET A 446 4.54 -20.60 -1.56
N ALA A 447 3.25 -20.38 -1.33
CA ALA A 447 2.25 -21.34 -1.80
C ALA A 447 2.27 -21.43 -3.32
N TYR A 448 2.34 -20.29 -4.00
CA TYR A 448 2.38 -20.30 -5.45
C TYR A 448 3.61 -21.04 -5.94
N LYS A 449 4.77 -20.74 -5.37
CA LYS A 449 6.00 -21.36 -5.85
C LYS A 449 5.97 -22.85 -5.61
N GLU A 450 5.43 -23.29 -4.47
CA GLU A 450 5.30 -24.71 -4.22
C GLU A 450 4.41 -25.36 -5.28
N GLN A 451 3.20 -24.85 -5.46
CA GLN A 451 2.28 -25.49 -6.39
C GLN A 451 2.81 -25.45 -7.80
N ASN A 452 3.52 -24.39 -8.17
CA ASN A 452 4.01 -24.28 -9.54
C ASN A 452 5.25 -25.13 -9.77
N GLN A 453 6.08 -25.30 -8.75
CA GLN A 453 7.16 -26.27 -8.86
C GLN A 453 6.59 -27.67 -9.02
N ALA A 454 5.53 -27.97 -8.27
CA ALA A 454 4.86 -29.25 -8.45
C ALA A 454 4.31 -29.38 -9.87
N ASN A 455 3.71 -28.32 -10.40
CA ASN A 455 3.11 -28.38 -11.74
C ASN A 455 4.17 -28.56 -12.81
N ILE A 456 5.28 -27.81 -12.72
CA ILE A 456 6.33 -27.97 -13.71
C ILE A 456 6.97 -29.34 -13.58
N GLU A 457 7.06 -29.86 -12.36
CA GLU A 457 7.55 -31.22 -12.17
C GLU A 457 6.64 -32.22 -12.86
N GLU A 458 5.33 -32.09 -12.66
CA GLU A 458 4.39 -33.00 -13.30
C GLU A 458 4.47 -32.91 -14.81
N ALA A 459 4.53 -31.68 -15.34
CA ALA A 459 4.60 -31.49 -16.78
C ALA A 459 5.83 -32.14 -17.37
N LYS A 460 6.99 -31.89 -16.77
CA LYS A 460 8.23 -32.46 -17.30
C LYS A 460 8.25 -33.98 -17.14
N GLN A 461 7.82 -34.49 -15.98
CA GLN A 461 7.85 -35.93 -15.76
C GLN A 461 6.85 -36.65 -16.65
N LYS A 462 5.74 -36.00 -16.99
CA LYS A 462 4.80 -36.61 -17.92
C LYS A 462 5.25 -36.48 -19.36
N GLU A 463 6.05 -35.47 -19.68
CA GLU A 463 6.69 -35.45 -20.99
C GLU A 463 7.72 -36.58 -21.12
N LEU A 464 8.48 -36.84 -20.05
CA LEU A 464 9.37 -37.99 -20.05
C LEU A 464 8.60 -39.30 -20.08
N GLU A 465 7.43 -39.34 -19.43
CA GLU A 465 6.58 -40.52 -19.52
C GLU A 465 6.07 -40.71 -20.94
N PHE A 466 5.74 -39.62 -21.63
CA PHE A 466 5.35 -39.70 -23.03
C PHE A 466 6.49 -40.23 -23.89
N GLN A 467 7.72 -39.78 -23.60
CA GLN A 467 8.87 -40.32 -24.31
C GLN A 467 9.03 -41.81 -24.03
N GLN A 468 8.83 -42.22 -22.78
CA GLN A 468 8.96 -43.63 -22.42
C GLN A 468 7.90 -44.47 -23.12
N MET A 469 6.66 -43.97 -23.19
CA MET A 469 5.60 -44.77 -23.81
C MET A 469 5.72 -44.77 -25.33
N LEU A 470 6.23 -43.67 -25.91
CA LEU A 470 6.57 -43.69 -27.33
C LEU A 470 7.68 -44.70 -27.61
N ASP A 471 8.68 -44.76 -26.74
CA ASP A 471 9.74 -45.75 -26.90
C ASP A 471 9.21 -47.16 -26.69
N ARG A 472 8.20 -47.32 -25.83
CA ARG A 472 7.59 -48.63 -25.64
C ARG A 472 6.82 -49.05 -26.87
N LEU A 473 6.07 -48.12 -27.48
CA LEU A 473 5.42 -48.40 -28.75
C LEU A 473 6.46 -48.74 -29.82
N LYS A 474 7.60 -48.04 -29.81
CA LYS A 474 8.64 -48.30 -30.79
C LYS A 474 9.25 -49.68 -30.61
N LYS A 475 9.49 -50.09 -29.36
CA LYS A 475 10.09 -51.40 -29.13
C LYS A 475 9.08 -52.51 -29.42
N GLU A 476 7.79 -52.28 -29.16
CA GLU A 476 6.78 -53.26 -29.54
C GLU A 476 6.65 -53.37 -31.05
N GLN A 477 6.75 -52.24 -31.76
CA GLN A 477 6.72 -52.31 -33.23
C GLN A 477 7.97 -53.00 -33.76
N GLU A 478 9.10 -52.81 -33.10
CA GLU A 478 10.32 -53.49 -33.54
C GLU A 478 10.22 -54.99 -33.29
N PRO A 771 11.34 -10.30 -65.66
CA PRO A 771 12.41 -9.76 -66.51
C PRO A 771 13.20 -8.66 -65.82
N TYR A 772 13.15 -7.45 -66.38
CA TYR A 772 13.81 -6.32 -65.74
C TYR A 772 13.28 -6.11 -64.33
N TRP A 773 12.00 -6.43 -64.11
CA TRP A 773 11.43 -6.28 -62.77
C TRP A 773 12.11 -7.21 -61.78
N ILE A 774 12.42 -8.44 -62.19
CA ILE A 774 13.00 -9.40 -61.26
C ILE A 774 14.44 -9.03 -60.93
N LYS A 775 15.24 -8.76 -61.95
CA LYS A 775 16.62 -8.35 -61.72
C LYS A 775 16.66 -7.03 -60.94
N PHE A 776 15.69 -6.15 -61.13
CA PHE A 776 15.65 -4.92 -60.36
C PHE A 776 15.30 -5.20 -58.90
N LYS A 777 14.31 -6.08 -58.68
CA LYS A 777 14.01 -6.56 -57.34
C LYS A 777 15.26 -7.09 -56.65
N LYS A 778 16.12 -7.75 -57.41
CA LYS A 778 17.37 -8.25 -56.86
C LYS A 778 18.47 -7.21 -56.79
N CYS A 779 18.33 -6.09 -57.49
CA CYS A 779 19.26 -4.98 -57.35
C CYS A 779 18.92 -4.07 -56.18
N ILE A 780 17.67 -4.08 -55.72
CA ILE A 780 17.29 -3.31 -54.55
C ILE A 780 17.47 -4.12 -53.27
N TYR A 781 17.15 -5.41 -53.33
CA TYR A 781 17.30 -6.31 -52.18
C TYR A 781 18.73 -6.31 -51.64
N PHE A 782 19.69 -5.81 -52.40
CA PHE A 782 21.05 -5.72 -51.88
C PHE A 782 21.11 -4.85 -50.63
N ILE A 783 20.32 -3.78 -50.62
CA ILE A 783 20.34 -2.86 -49.49
C ILE A 783 19.37 -3.26 -48.40
N VAL A 784 19.41 -4.52 -47.95
CA VAL A 784 18.60 -4.94 -46.81
C VAL A 784 19.62 -5.37 -45.77
N MET A 785 20.74 -4.66 -45.72
CA MET A 785 21.80 -4.99 -44.78
C MET A 785 21.34 -4.73 -43.38
N ASP A 786 21.24 -5.79 -42.59
CA ASP A 786 20.80 -5.64 -41.21
C ASP A 786 21.64 -4.64 -40.39
N PRO A 787 22.98 -4.74 -40.41
CA PRO A 787 23.74 -3.79 -39.57
C PRO A 787 23.81 -2.37 -40.14
N PHE A 788 23.19 -2.13 -41.30
CA PHE A 788 23.14 -0.77 -41.82
C PHE A 788 21.73 -0.18 -41.84
N VAL A 789 20.87 -0.67 -42.73
CA VAL A 789 19.52 -0.12 -42.90
C VAL A 789 18.68 -0.10 -41.63
N ASP A 790 18.67 -1.21 -40.91
CA ASP A 790 17.88 -1.29 -39.69
C ASP A 790 18.36 -0.24 -38.70
N LEU A 791 19.67 -0.15 -38.49
CA LEU A 791 20.22 0.85 -37.59
C LEU A 791 19.77 2.24 -38.01
N ALA A 792 19.90 2.54 -39.29
CA ALA A 792 19.47 3.84 -39.80
C ALA A 792 18.01 4.15 -39.46
N ILE A 793 17.10 3.22 -39.76
CA ILE A 793 15.68 3.52 -39.53
C ILE A 793 15.35 3.58 -38.03
N THR A 794 16.12 2.87 -37.21
CA THR A 794 15.91 2.94 -35.77
C THR A 794 16.33 4.32 -35.27
N ILE A 795 17.43 4.83 -35.79
CA ILE A 795 17.87 6.17 -35.40
C ILE A 795 16.85 7.25 -35.76
N CYS A 796 16.26 7.22 -36.94
CA CYS A 796 15.37 8.27 -37.36
C CYS A 796 14.14 8.22 -36.52
N ILE A 797 13.65 7.04 -36.18
CA ILE A 797 12.39 6.97 -35.43
C ILE A 797 12.59 7.56 -34.06
N VAL A 798 13.75 7.34 -33.46
CA VAL A 798 14.05 7.94 -32.18
C VAL A 798 14.08 9.44 -32.31
N LEU A 799 14.66 9.95 -33.37
CA LEU A 799 14.63 11.38 -33.54
C LEU A 799 13.22 11.87 -33.69
N ASN A 800 12.40 11.17 -34.42
CA ASN A 800 11.06 11.62 -34.66
C ASN A 800 10.42 11.73 -33.35
N THR A 801 10.58 10.72 -32.52
CA THR A 801 9.85 10.82 -31.29
C THR A 801 10.27 12.04 -30.56
N LEU A 802 11.55 12.26 -30.48
CA LEU A 802 11.99 13.38 -29.69
C LEU A 802 11.38 14.63 -30.25
N PHE A 803 11.29 14.70 -31.55
CA PHE A 803 10.75 15.86 -32.19
C PHE A 803 9.28 16.04 -31.83
N MET A 804 8.54 14.95 -31.78
CA MET A 804 7.17 15.06 -31.34
C MET A 804 7.08 15.53 -29.92
N ALA A 805 7.94 15.03 -29.06
CA ALA A 805 7.90 15.42 -27.68
C ALA A 805 7.94 16.89 -27.50
N MET A 806 8.60 17.59 -28.38
CA MET A 806 8.76 19.02 -28.19
C MET A 806 7.42 19.74 -28.19
N GLU A 807 6.33 19.01 -28.37
CA GLU A 807 5.01 19.62 -28.33
C GLU A 807 4.71 20.16 -26.94
N HIS A 808 4.12 21.35 -26.87
CA HIS A 808 3.75 21.95 -25.61
C HIS A 808 2.59 22.89 -25.85
N HIS A 809 1.99 23.38 -24.76
CA HIS A 809 0.72 24.05 -24.98
C HIS A 809 0.86 25.41 -25.65
N PRO A 810 1.45 26.42 -25.02
CA PRO A 810 1.43 27.75 -25.64
C PRO A 810 2.49 27.83 -26.72
N MET A 811 2.10 27.72 -27.98
CA MET A 811 3.06 27.57 -29.06
C MET A 811 2.93 28.67 -30.09
N THR A 812 4.06 29.13 -30.58
CA THR A 812 4.08 30.03 -31.72
C THR A 812 3.82 29.26 -33.00
N GLU A 813 3.30 29.95 -33.99
CA GLU A 813 2.91 29.27 -35.20
C GLU A 813 4.11 28.63 -35.85
N GLU A 814 5.26 29.24 -35.66
CA GLU A 814 6.46 28.71 -36.27
C GLU A 814 6.77 27.36 -35.74
N PHE A 815 6.73 27.20 -34.45
CA PHE A 815 7.14 25.95 -33.91
C PHE A 815 6.17 24.95 -34.47
N LYS A 816 4.91 25.31 -34.55
CA LYS A 816 3.92 24.34 -34.98
C LYS A 816 4.17 23.85 -36.37
N ASN A 817 4.44 24.77 -37.28
CA ASN A 817 4.62 24.37 -38.66
C ASN A 817 5.93 23.59 -38.82
N VAL A 818 6.92 23.94 -38.01
CA VAL A 818 8.16 23.19 -38.07
C VAL A 818 7.92 21.77 -37.67
N LEU A 819 7.13 21.58 -36.64
CA LEU A 819 6.88 20.23 -36.22
C LEU A 819 6.16 19.53 -37.33
N ALA A 820 5.26 20.25 -37.96
CA ALA A 820 4.50 19.62 -39.02
C ALA A 820 5.41 19.15 -40.13
N ILE A 821 6.38 19.96 -40.55
CA ILE A 821 7.20 19.50 -41.67
C ILE A 821 7.99 18.30 -41.23
N GLY A 822 8.39 18.27 -39.98
CA GLY A 822 9.14 17.14 -39.46
C GLY A 822 8.36 15.85 -39.56
N ASN A 823 7.11 15.87 -39.13
CA ASN A 823 6.24 14.70 -39.27
C ASN A 823 5.90 14.41 -40.71
N LEU A 824 6.20 15.33 -41.62
CA LEU A 824 6.13 15.01 -43.03
C LEU A 824 7.36 14.24 -43.51
N VAL A 825 8.55 14.75 -43.20
CA VAL A 825 9.76 14.09 -43.69
C VAL A 825 9.93 12.72 -43.06
N PHE A 826 9.55 12.57 -41.80
CA PHE A 826 9.66 11.26 -41.18
C PHE A 826 8.68 10.29 -41.81
N THR A 827 7.46 10.74 -42.07
CA THR A 827 6.50 9.91 -42.79
C THR A 827 7.08 9.50 -44.14
N GLY A 828 7.73 10.43 -44.82
CA GLY A 828 8.27 10.13 -46.13
C GLY A 828 9.35 9.07 -46.08
N ILE A 829 10.30 9.22 -45.15
CA ILE A 829 11.37 8.23 -45.03
C ILE A 829 10.80 6.87 -44.68
N PHE A 830 9.83 6.85 -43.76
CA PHE A 830 9.26 5.57 -43.35
C PHE A 830 8.54 4.89 -44.50
N ALA A 831 7.73 5.64 -45.25
CA ALA A 831 7.04 5.06 -46.38
C ALA A 831 8.02 4.60 -47.44
N ALA A 832 9.08 5.37 -47.67
CA ALA A 832 10.07 4.99 -48.68
C ALA A 832 10.74 3.68 -48.31
N GLU A 833 11.21 3.56 -47.06
CA GLU A 833 11.81 2.30 -46.65
C GLU A 833 10.79 1.18 -46.63
N MET A 834 9.51 1.48 -46.46
CA MET A 834 8.48 0.44 -46.50
C MET A 834 8.39 -0.25 -47.86
N VAL A 835 8.09 0.49 -48.92
CA VAL A 835 7.88 -0.13 -50.25
C VAL A 835 9.08 -0.89 -50.81
N LEU A 836 10.29 -0.45 -50.51
CA LEU A 836 11.48 -1.14 -50.99
C LEU A 836 11.46 -2.57 -50.48
N LYS A 837 11.29 -2.73 -49.18
CA LYS A 837 11.25 -4.07 -48.61
C LYS A 837 10.01 -4.80 -49.07
N LEU A 838 8.91 -4.06 -49.23
CA LEU A 838 7.68 -4.67 -49.71
C LEU A 838 7.90 -5.37 -51.04
N ILE A 839 8.71 -4.78 -51.92
CA ILE A 839 9.00 -5.44 -53.20
C ILE A 839 10.16 -6.45 -53.16
N ALA A 840 11.15 -6.25 -52.28
CA ALA A 840 12.26 -7.22 -52.18
C ALA A 840 11.83 -8.50 -51.48
N MET A 841 10.64 -8.52 -50.93
CA MET A 841 10.16 -9.65 -50.17
C MET A 841 8.92 -10.18 -50.82
N ASP A 842 7.96 -9.32 -51.12
CA ASP A 842 6.66 -9.75 -51.67
C ASP A 842 5.81 -10.22 -50.49
N PRO A 843 4.52 -10.37 -50.70
CA PRO A 843 3.69 -10.66 -49.52
C PRO A 843 4.00 -11.90 -48.70
N TYR A 844 4.24 -13.04 -49.31
CA TYR A 844 4.41 -14.23 -48.49
C TYR A 844 5.63 -14.04 -47.63
N GLU A 845 6.70 -13.57 -48.25
CA GLU A 845 7.90 -13.32 -47.51
C GLU A 845 7.78 -12.15 -46.52
N TYR A 846 7.20 -11.04 -46.96
CA TYR A 846 7.11 -9.86 -46.10
C TYR A 846 6.26 -10.04 -44.89
N PHE A 847 5.08 -10.61 -45.06
CA PHE A 847 4.17 -10.67 -43.93
C PHE A 847 4.34 -11.85 -43.03
N GLN A 848 5.57 -12.12 -42.63
CA GLN A 848 5.77 -13.17 -41.65
C GLN A 848 6.37 -12.63 -40.36
N VAL A 849 7.26 -11.65 -40.44
CA VAL A 849 7.83 -11.05 -39.26
C VAL A 849 6.85 -10.03 -38.69
N GLY A 850 6.69 -10.05 -37.37
CA GLY A 850 5.72 -9.17 -36.75
C GLY A 850 6.03 -7.70 -37.01
N TRP A 851 7.31 -7.34 -36.99
CA TRP A 851 7.69 -5.95 -37.14
C TRP A 851 7.37 -5.40 -38.52
N ASN A 852 7.32 -6.24 -39.55
CA ASN A 852 6.88 -5.76 -40.84
C ASN A 852 5.41 -5.36 -40.79
N ILE A 853 4.59 -6.17 -40.12
CA ILE A 853 3.21 -5.80 -39.89
C ILE A 853 3.13 -4.50 -39.12
N PHE A 854 3.97 -4.38 -38.09
CA PHE A 854 4.04 -3.14 -37.32
C PHE A 854 4.24 -1.95 -38.23
N ASP A 855 5.34 -1.95 -38.99
CA ASP A 855 5.69 -0.81 -39.81
C ASP A 855 4.64 -0.54 -40.89
N SER A 856 4.02 -1.59 -41.41
CA SER A 856 2.96 -1.39 -42.38
C SER A 856 1.80 -0.63 -41.77
N LEU A 857 1.31 -1.09 -40.62
CA LEU A 857 0.25 -0.37 -39.93
C LEU A 857 0.66 1.07 -39.67
N ILE A 858 1.91 1.27 -39.25
CA ILE A 858 2.39 2.61 -38.94
C ILE A 858 2.30 3.51 -40.16
N VAL A 859 2.81 3.05 -41.30
CA VAL A 859 2.82 3.91 -42.47
C VAL A 859 1.41 4.14 -42.99
N THR A 860 0.54 3.14 -42.88
CA THR A 860 -0.86 3.34 -43.28
C THR A 860 -1.50 4.45 -42.46
N LEU A 861 -1.38 4.36 -41.13
CA LEU A 861 -1.95 5.40 -40.29
C LEU A 861 -1.32 6.75 -40.60
N SER A 862 0.00 6.75 -40.82
CA SER A 862 0.69 8.00 -41.11
C SER A 862 0.11 8.67 -42.35
N LEU A 863 -0.08 7.91 -43.43
CA LEU A 863 -0.55 8.52 -44.66
C LEU A 863 -2.02 8.91 -44.58
N VAL A 864 -2.85 8.07 -43.94
CA VAL A 864 -4.27 8.41 -43.87
C VAL A 864 -4.47 9.66 -43.04
N GLU A 865 -3.64 9.84 -42.00
CA GLU A 865 -3.70 11.11 -41.29
C GLU A 865 -2.95 12.19 -42.04
N LEU A 866 -2.11 11.82 -43.01
CA LEU A 866 -1.47 12.83 -43.84
C LEU A 866 -2.49 13.56 -44.69
N PHE A 867 -3.30 12.80 -45.43
CA PHE A 867 -4.26 13.45 -46.34
C PHE A 867 -5.38 14.10 -45.57
N LEU A 868 -6.12 13.30 -44.82
CA LEU A 868 -7.28 13.79 -44.09
C LEU A 868 -7.18 15.22 -43.63
N ALA A 869 -8.09 16.05 -44.11
CA ALA A 869 -8.14 17.43 -43.66
C ALA A 869 -8.40 17.42 -42.18
N ASP A 870 -9.26 16.52 -41.72
CA ASP A 870 -9.63 16.44 -40.29
C ASP A 870 -8.60 15.84 -39.30
N VAL A 871 -8.71 16.20 -38.04
CA VAL A 871 -7.75 15.71 -37.05
C VAL A 871 -8.41 14.66 -36.20
N GLU A 872 -7.69 13.60 -35.92
CA GLU A 872 -8.27 12.51 -35.18
C GLU A 872 -7.36 12.06 -34.10
N GLY A 873 -7.91 11.33 -33.14
CA GLY A 873 -7.09 10.80 -32.09
C GLY A 873 -6.42 9.56 -32.59
N LEU A 874 -5.65 9.69 -33.67
CA LEU A 874 -4.87 8.58 -34.16
C LEU A 874 -3.49 9.02 -33.80
N SER A 875 -3.39 10.22 -33.26
CA SER A 875 -2.11 10.73 -32.80
C SER A 875 -1.52 9.74 -31.87
N VAL A 876 -2.39 8.97 -31.25
CA VAL A 876 -1.92 7.97 -30.33
C VAL A 876 -1.03 6.94 -30.99
N LEU A 877 -1.43 6.49 -32.15
CA LEU A 877 -0.63 5.57 -32.92
C LEU A 877 0.62 6.23 -33.41
N ARG A 878 0.44 7.52 -33.73
CA ARG A 878 1.64 8.21 -34.12
C ARG A 878 2.65 8.04 -33.02
N SER A 879 2.25 8.28 -31.79
CA SER A 879 3.20 8.18 -30.68
C SER A 879 3.72 6.80 -30.46
N PHE A 880 2.86 5.83 -30.61
CA PHE A 880 3.30 4.45 -30.46
C PHE A 880 4.41 4.08 -31.39
N ARG A 881 4.43 4.60 -32.61
CA ARG A 881 5.59 4.26 -33.45
C ARG A 881 6.92 4.03 -32.72
N LEU A 882 7.25 4.59 -31.56
CA LEU A 882 8.41 4.49 -30.70
C LEU A 882 8.66 3.07 -30.25
N LEU A 883 7.63 2.23 -30.23
CA LEU A 883 7.83 0.83 -29.88
C LEU A 883 8.86 0.16 -30.76
N ARG A 884 9.15 0.74 -31.92
CA ARG A 884 10.11 0.16 -32.84
C ARG A 884 11.42 -0.21 -32.15
N VAL A 885 11.80 0.53 -31.10
CA VAL A 885 13.02 0.20 -30.38
C VAL A 885 12.94 -1.17 -29.73
N PHE A 886 11.75 -1.73 -29.58
CA PHE A 886 11.66 -3.11 -29.14
C PHE A 886 12.38 -4.02 -30.11
N LYS A 887 12.29 -3.73 -31.41
CA LYS A 887 12.97 -4.53 -32.41
C LYS A 887 14.47 -4.56 -32.21
N LEU A 888 15.00 -3.68 -31.35
CA LEU A 888 16.38 -3.82 -30.89
C LEU A 888 16.43 -5.07 -30.00
N ALA A 889 17.24 -6.03 -30.40
CA ALA A 889 17.23 -7.36 -29.82
C ALA A 889 17.68 -7.37 -28.37
N LYS A 890 17.76 -8.58 -27.80
CA LYS A 890 18.06 -8.85 -26.40
C LYS A 890 19.17 -7.97 -25.83
N SER A 891 20.05 -7.46 -26.71
CA SER A 891 21.14 -6.57 -26.33
C SER A 891 20.73 -5.63 -25.21
N TRP A 892 19.60 -4.98 -25.35
CA TRP A 892 18.99 -4.33 -24.19
C TRP A 892 18.18 -5.36 -23.43
N PRO A 893 18.69 -5.92 -22.35
CA PRO A 893 18.04 -7.09 -21.77
C PRO A 893 16.75 -6.75 -21.07
N THR A 894 16.70 -5.58 -20.44
CA THR A 894 15.53 -5.24 -19.64
C THR A 894 14.31 -4.91 -20.48
N LEU A 895 14.49 -4.34 -21.68
CA LEU A 895 13.34 -4.12 -22.53
C LEU A 895 12.75 -5.44 -22.98
N ASN A 896 13.59 -6.40 -23.32
CA ASN A 896 13.11 -7.75 -23.59
C ASN A 896 12.43 -8.34 -22.37
N MET A 897 12.93 -8.02 -21.18
CA MET A 897 12.30 -8.48 -19.96
C MET A 897 10.87 -7.97 -19.86
N LEU A 898 10.68 -6.68 -20.13
CA LEU A 898 9.35 -6.10 -20.03
C LEU A 898 8.40 -6.71 -21.06
N ILE A 899 8.86 -6.85 -22.31
CA ILE A 899 7.95 -7.38 -23.32
C ILE A 899 7.62 -8.84 -23.02
N LYS A 900 8.59 -9.60 -22.51
CA LYS A 900 8.32 -10.98 -22.12
C LYS A 900 7.32 -11.03 -20.97
N ILE A 901 7.41 -10.08 -20.04
CA ILE A 901 6.45 -10.03 -18.94
C ILE A 901 5.04 -9.82 -19.48
N ILE A 902 4.87 -8.85 -20.36
CA ILE A 902 3.53 -8.59 -20.91
C ILE A 902 3.02 -9.82 -21.66
N GLY A 903 3.91 -10.47 -22.43
CA GLY A 903 3.53 -11.68 -23.13
C GLY A 903 3.03 -12.76 -22.19
N ASN A 904 3.78 -13.03 -21.12
CA ASN A 904 3.33 -14.00 -20.13
C ASN A 904 2.00 -13.58 -19.54
N SER A 905 1.77 -12.27 -19.40
CA SER A 905 0.51 -11.80 -18.84
C SER A 905 -0.66 -12.19 -19.72
N VAL A 906 -0.50 -12.08 -21.04
CA VAL A 906 -1.57 -12.46 -21.96
C VAL A 906 -1.34 -13.87 -22.52
N GLY A 907 -0.25 -14.53 -22.13
CA GLY A 907 0.07 -15.83 -22.63
C GLY A 907 -0.12 -16.93 -21.61
N ALA A 908 0.98 -17.33 -20.97
CA ALA A 908 0.93 -18.39 -19.97
C ALA A 908 -0.10 -18.08 -18.90
N LEU A 909 0.04 -16.93 -18.24
CA LEU A 909 -0.89 -16.54 -17.19
C LEU A 909 -2.05 -15.74 -17.76
N GLY A 910 -2.65 -16.28 -18.79
CA GLY A 910 -3.73 -15.55 -19.40
C GLY A 910 -5.01 -15.87 -18.70
N ASN A 911 -5.11 -17.10 -18.26
CA ASN A 911 -6.33 -17.49 -17.63
C ASN A 911 -6.54 -16.66 -16.37
N LEU A 912 -5.48 -16.37 -15.63
CA LEU A 912 -5.61 -15.55 -14.44
C LEU A 912 -6.08 -14.14 -14.73
N THR A 913 -5.58 -13.56 -15.80
CA THR A 913 -5.99 -12.24 -16.16
C THR A 913 -7.45 -12.28 -16.47
N LEU A 914 -7.86 -13.31 -17.17
CA LEU A 914 -9.25 -13.40 -17.53
C LEU A 914 -10.10 -13.51 -16.30
N VAL A 915 -9.64 -14.25 -15.32
CA VAL A 915 -10.39 -14.38 -14.06
C VAL A 915 -10.47 -13.07 -13.33
N LEU A 916 -9.40 -12.31 -13.29
CA LEU A 916 -9.52 -11.04 -12.64
C LEU A 916 -10.56 -10.28 -13.36
N ALA A 917 -10.54 -10.32 -14.67
CA ALA A 917 -11.50 -9.52 -15.37
C ALA A 917 -12.92 -9.92 -15.07
N ILE A 918 -13.21 -11.19 -15.06
CA ILE A 918 -14.55 -11.60 -14.83
C ILE A 918 -14.93 -11.11 -13.47
N ILE A 919 -14.06 -11.31 -12.51
CA ILE A 919 -14.40 -10.93 -11.14
C ILE A 919 -14.75 -9.45 -11.07
N VAL A 920 -13.96 -8.61 -11.74
CA VAL A 920 -14.29 -7.19 -11.75
C VAL A 920 -15.65 -6.96 -12.38
N PHE A 921 -15.96 -7.69 -13.43
CA PHE A 921 -17.25 -7.50 -14.09
C PHE A 921 -18.40 -7.93 -13.16
N ILE A 922 -18.25 -9.07 -12.50
CA ILE A 922 -19.29 -9.55 -11.62
C ILE A 922 -19.52 -8.56 -10.49
N PHE A 923 -18.45 -8.06 -9.90
CA PHE A 923 -18.63 -7.12 -8.80
C PHE A 923 -19.25 -5.83 -9.28
N ALA A 924 -18.88 -5.37 -10.48
CA ALA A 924 -19.49 -4.15 -10.99
C ALA A 924 -20.97 -4.33 -11.19
N VAL A 925 -21.39 -5.45 -11.77
CA VAL A 925 -22.82 -5.60 -12.02
C VAL A 925 -23.58 -5.84 -10.73
N VAL A 926 -23.02 -6.56 -9.77
CA VAL A 926 -23.76 -6.78 -8.53
C VAL A 926 -23.88 -5.48 -7.76
N GLY A 927 -22.83 -4.66 -7.77
CA GLY A 927 -22.95 -3.36 -7.14
C GLY A 927 -24.00 -2.50 -7.82
N MET A 928 -24.01 -2.50 -9.15
CA MET A 928 -25.01 -1.73 -9.85
C MET A 928 -26.41 -2.20 -9.52
N GLN A 929 -26.60 -3.50 -9.33
CA GLN A 929 -27.93 -3.99 -9.03
C GLN A 929 -28.36 -3.64 -7.62
N LEU A 930 -27.43 -3.73 -6.66
CA LEU A 930 -27.81 -3.53 -5.27
C LEU A 930 -27.98 -2.06 -4.92
N PHE A 931 -27.05 -1.22 -5.36
CA PHE A 931 -26.97 0.12 -4.82
C PHE A 931 -27.36 1.23 -5.78
N GLY A 932 -27.69 0.94 -7.00
CA GLY A 932 -27.94 2.03 -7.91
C GLY A 932 -29.05 2.96 -7.54
N LYS A 933 -30.18 2.37 -7.29
CA LYS A 933 -31.31 3.19 -7.01
C LYS A 933 -31.09 3.97 -5.76
N SER A 934 -30.40 3.40 -4.80
CA SER A 934 -30.24 4.11 -3.58
C SER A 934 -29.43 5.32 -3.82
N TYR A 935 -28.37 5.22 -4.59
CA TYR A 935 -27.61 6.40 -4.88
C TYR A 935 -28.51 7.37 -5.56
N LYS A 936 -29.32 6.96 -6.50
CA LYS A 936 -30.13 7.99 -7.14
C LYS A 936 -31.07 8.66 -6.20
N GLU A 937 -31.72 7.92 -5.33
CA GLU A 937 -32.73 8.50 -4.47
C GLU A 937 -32.20 9.32 -3.35
N CYS A 938 -31.67 8.65 -2.35
CA CYS A 938 -31.14 9.37 -1.20
C CYS A 938 -29.78 9.94 -1.56
N VAL A 939 -29.81 10.84 -2.55
CA VAL A 939 -28.58 11.48 -2.99
C VAL A 939 -28.23 12.67 -2.13
N CYS A 940 -29.24 13.42 -1.67
CA CYS A 940 -28.96 14.63 -0.91
C CYS A 940 -28.30 14.37 0.42
N LYS A 941 -28.02 13.13 0.77
CA LYS A 941 -27.24 12.85 1.96
C LYS A 941 -25.75 13.06 1.69
N ILE A 942 -25.25 12.50 0.60
CA ILE A 942 -23.83 12.53 0.28
C ILE A 942 -23.46 13.69 -0.61
N ASN A 943 -24.37 14.63 -0.82
CA ASN A 943 -24.07 15.77 -1.67
C ASN A 943 -24.97 16.91 -1.26
N ASP A 944 -24.49 18.13 -1.49
CA ASP A 944 -25.21 19.31 -1.06
C ASP A 944 -26.09 19.90 -2.15
N ASP A 945 -25.97 19.42 -3.38
CA ASP A 945 -26.80 19.92 -4.47
C ASP A 945 -27.70 18.84 -5.05
N CYS A 946 -27.92 17.76 -4.30
CA CYS A 946 -28.74 16.65 -4.75
C CYS A 946 -28.35 16.21 -6.15
N THR A 947 -27.05 16.06 -6.34
CA THR A 947 -26.49 15.58 -7.60
C THR A 947 -25.55 14.42 -7.29
N LEU A 948 -25.48 13.48 -8.21
CA LEU A 948 -24.64 12.33 -7.99
C LEU A 948 -23.20 12.78 -7.77
N PRO A 949 -22.49 12.17 -6.86
CA PRO A 949 -21.10 12.56 -6.63
C PRO A 949 -20.21 12.11 -7.76
N ARG A 950 -18.91 12.39 -7.66
CA ARG A 950 -17.98 11.98 -8.71
C ARG A 950 -17.89 10.48 -8.83
N TRP A 951 -18.12 9.76 -7.73
CA TRP A 951 -18.01 8.30 -7.72
C TRP A 951 -19.32 7.73 -7.20
N HIS A 952 -19.97 6.92 -8.02
CA HIS A 952 -21.22 6.31 -7.61
C HIS A 952 -21.37 4.98 -8.35
N MET A 953 -22.52 4.35 -8.18
CA MET A 953 -22.79 3.05 -8.76
C MET A 953 -24.14 3.06 -9.47
N ASN A 954 -24.51 4.19 -10.04
CA ASN A 954 -25.82 4.28 -10.64
C ASN A 954 -25.88 3.67 -12.03
N ASP A 955 -24.76 3.56 -12.71
CA ASP A 955 -24.71 2.90 -14.01
C ASP A 955 -23.47 2.03 -14.06
N PHE A 956 -23.41 1.16 -15.07
CA PHE A 956 -22.38 0.14 -15.08
C PHE A 956 -20.99 0.76 -15.11
N PHE A 957 -20.80 1.82 -15.88
CA PHE A 957 -19.46 2.35 -16.06
C PHE A 957 -18.89 2.87 -14.75
N HIS A 958 -19.64 3.73 -14.06
CA HIS A 958 -19.13 4.28 -12.81
C HIS A 958 -18.97 3.21 -11.76
N SER A 959 -19.84 2.20 -11.77
CA SER A 959 -19.69 1.09 -10.84
C SER A 959 -18.39 0.35 -11.10
N PHE A 960 -18.08 0.12 -12.36
CA PHE A 960 -16.81 -0.51 -12.69
C PHE A 960 -15.65 0.34 -12.24
N LEU A 961 -15.77 1.66 -12.40
CA LEU A 961 -14.70 2.53 -11.94
C LEU A 961 -14.49 2.41 -10.45
N ILE A 962 -15.58 2.35 -9.68
CA ILE A 962 -15.43 2.22 -8.24
C ILE A 962 -14.77 0.91 -7.88
N VAL A 963 -15.15 -0.18 -8.55
CA VAL A 963 -14.51 -1.45 -8.24
C VAL A 963 -13.02 -1.40 -8.57
N PHE A 964 -12.68 -0.80 -9.71
CA PHE A 964 -11.28 -0.67 -10.07
C PHE A 964 -10.52 0.14 -9.04
N ARG A 965 -11.13 1.23 -8.57
CA ARG A 965 -10.48 2.05 -7.55
C ARG A 965 -10.25 1.26 -6.28
N VAL A 966 -11.15 0.37 -5.90
CA VAL A 966 -10.96 -0.36 -4.67
C VAL A 966 -9.76 -1.24 -4.80
N LEU A 967 -9.56 -1.82 -5.95
CA LEU A 967 -8.46 -2.74 -6.10
C LEU A 967 -7.17 -1.99 -6.09
N CYS A 968 -7.21 -0.73 -6.49
CA CYS A 968 -6.02 0.10 -6.45
C CYS A 968 -5.71 0.59 -5.08
N GLY A 969 -6.36 0.07 -4.08
CA GLY A 969 -6.08 0.45 -2.74
C GLY A 969 -6.85 1.54 -2.07
N GLU A 970 -7.85 2.11 -2.70
CA GLU A 970 -8.64 3.07 -2.00
C GLU A 970 -10.03 2.59 -1.89
N TRP A 971 -10.52 2.40 -0.69
CA TRP A 971 -11.81 1.82 -0.52
C TRP A 971 -12.63 2.51 0.48
N ILE A 972 -12.02 3.23 1.38
CA ILE A 972 -12.76 3.80 2.46
C ILE A 972 -13.69 4.92 2.13
N GLU A 973 -13.37 5.82 1.23
CA GLU A 973 -14.24 6.97 1.03
C GLU A 973 -15.51 6.60 0.30
N THR A 974 -15.39 5.83 -0.74
CA THR A 974 -16.58 5.41 -1.41
C THR A 974 -17.41 4.61 -0.43
N MET A 975 -16.79 3.86 0.46
CA MET A 975 -17.57 3.03 1.34
C MET A 975 -18.32 3.95 2.20
N TRP A 976 -17.78 5.06 2.62
CA TRP A 976 -18.56 5.86 3.53
C TRP A 976 -19.81 6.28 2.86
N ASP A 977 -19.73 6.72 1.64
CA ASP A 977 -20.91 7.21 1.00
C ASP A 977 -21.89 6.11 0.80
N CYS A 978 -21.41 4.95 0.46
CA CYS A 978 -22.32 3.85 0.33
C CYS A 978 -23.02 3.50 1.59
N MET A 979 -22.31 3.51 2.70
CA MET A 979 -22.92 3.23 3.96
C MET A 979 -23.94 4.27 4.25
N GLU A 980 -23.68 5.50 3.90
CA GLU A 980 -24.73 6.48 4.08
C GLU A 980 -25.96 6.28 3.24
N VAL A 981 -25.81 5.90 1.98
CA VAL A 981 -27.02 5.79 1.17
C VAL A 981 -27.69 4.46 1.36
N ALA A 982 -26.93 3.38 1.33
CA ALA A 982 -27.47 2.06 1.62
C ALA A 982 -27.29 1.80 3.12
N GLY A 983 -27.49 0.56 3.55
CA GLY A 983 -27.30 0.26 4.95
C GLY A 983 -25.86 -0.10 5.25
N GLN A 984 -25.44 0.08 6.47
CA GLN A 984 -24.08 -0.17 6.78
C GLN A 984 -23.73 -1.56 6.45
N ALA A 985 -24.53 -2.49 6.89
CA ALA A 985 -24.15 -3.86 6.73
C ALA A 985 -23.95 -4.31 5.34
N MET A 986 -24.90 -4.05 4.50
CA MET A 986 -24.80 -4.56 3.17
C MET A 986 -23.57 -3.99 2.51
N CYS A 987 -23.30 -2.72 2.72
CA CYS A 987 -22.19 -2.10 2.07
C CYS A 987 -20.89 -2.65 2.56
N LEU A 988 -20.78 -2.87 3.85
CA LEU A 988 -19.57 -3.41 4.38
C LEU A 988 -19.34 -4.74 3.80
N ILE A 989 -20.38 -5.53 3.74
CA ILE A 989 -20.18 -6.87 3.25
C ILE A 989 -19.69 -6.82 1.83
N VAL A 990 -20.30 -5.99 0.99
CA VAL A 990 -19.86 -5.97 -0.38
C VAL A 990 -18.42 -5.51 -0.48
N TYR A 991 -18.04 -4.45 0.21
CA TYR A 991 -16.68 -3.98 0.02
C TYR A 991 -15.68 -4.85 0.66
N MET A 992 -16.00 -5.47 1.77
CA MET A 992 -15.00 -6.35 2.35
C MET A 992 -14.73 -7.53 1.43
N MET A 993 -15.79 -8.12 0.87
CA MET A 993 -15.59 -9.20 -0.08
C MET A 993 -14.73 -8.74 -1.25
N VAL A 994 -15.08 -7.59 -1.83
CA VAL A 994 -14.31 -7.08 -2.96
C VAL A 994 -12.85 -6.92 -2.55
N MET A 995 -12.62 -6.19 -1.46
CA MET A 995 -11.26 -5.95 -1.00
C MET A 995 -10.47 -7.24 -0.91
N VAL A 996 -10.96 -8.19 -0.11
CA VAL A 996 -10.15 -9.37 0.16
C VAL A 996 -9.95 -10.20 -1.11
N ILE A 997 -11.02 -10.52 -1.82
CA ILE A 997 -10.87 -11.41 -2.97
C ILE A 997 -10.07 -10.74 -4.08
N GLY A 998 -10.42 -9.49 -4.40
CA GLY A 998 -9.72 -8.79 -5.46
C GLY A 998 -8.24 -8.63 -5.16
N ASN A 999 -7.91 -8.20 -3.95
CA ASN A 999 -6.50 -8.06 -3.62
C ASN A 999 -5.79 -9.40 -3.61
N LEU A 1000 -6.48 -10.47 -3.23
CA LEU A 1000 -5.86 -11.79 -3.29
C LEU A 1000 -5.52 -12.15 -4.71
N VAL A 1001 -6.47 -11.98 -5.64
CA VAL A 1001 -6.20 -12.33 -7.02
C VAL A 1001 -5.13 -11.43 -7.60
N VAL A 1002 -5.12 -10.16 -7.21
CA VAL A 1002 -4.09 -9.25 -7.69
C VAL A 1002 -2.72 -9.71 -7.23
N LEU A 1003 -2.60 -10.07 -5.96
CA LEU A 1003 -1.31 -10.55 -5.48
C LEU A 1003 -0.91 -11.83 -6.18
N ASN A 1004 -1.87 -12.71 -6.44
CA ASN A 1004 -1.56 -13.95 -7.12
C ASN A 1004 -1.00 -13.67 -8.51
N LEU A 1005 -1.67 -12.82 -9.28
CA LEU A 1005 -1.20 -12.50 -10.62
C LEU A 1005 0.17 -11.85 -10.56
N PHE A 1006 0.33 -10.87 -9.68
CA PHE A 1006 1.61 -10.19 -9.54
C PHE A 1006 2.73 -11.17 -9.26
N LEU A 1007 2.54 -12.02 -8.26
CA LEU A 1007 3.59 -12.94 -7.86
C LEU A 1007 3.84 -13.98 -8.93
N ALA A 1008 2.78 -14.42 -9.62
CA ALA A 1008 2.95 -15.36 -10.72
C ALA A 1008 3.86 -14.77 -11.78
N LEU A 1009 3.51 -13.59 -12.28
CA LEU A 1009 4.34 -12.95 -13.28
C LEU A 1009 5.77 -12.81 -12.80
N LEU A 1010 5.95 -12.22 -11.62
CA LEU A 1010 7.29 -11.99 -11.08
C LEU A 1010 8.10 -13.27 -11.01
N LEU A 1011 7.60 -14.23 -10.23
CA LEU A 1011 8.31 -15.48 -10.02
C LEU A 1011 8.58 -16.20 -11.33
N SER A 1012 7.54 -16.45 -12.11
CA SER A 1012 7.71 -17.12 -13.40
C SER A 1012 8.84 -16.49 -14.18
N SER A 1013 8.73 -15.21 -14.49
CA SER A 1013 9.74 -14.57 -15.33
C SER A 1013 11.13 -14.71 -14.74
N PHE A 1014 11.31 -14.30 -13.48
CA PHE A 1014 12.68 -14.18 -12.98
C PHE A 1014 13.30 -15.53 -12.68
N SER A 1015 12.56 -16.43 -12.02
CA SER A 1015 13.10 -17.76 -11.77
C SER A 1015 13.30 -18.54 -13.06
N SER A 1016 12.53 -18.23 -14.11
CA SER A 1016 12.75 -18.89 -15.39
C SER A 1016 14.04 -18.39 -16.02
N ASP A 1017 14.25 -17.08 -16.03
CA ASP A 1017 15.53 -16.55 -16.49
C ASP A 1017 16.68 -17.10 -15.66
N ASN A 1018 16.43 -17.38 -14.39
CA ASN A 1018 17.39 -18.12 -13.58
C ASN A 1018 17.58 -19.54 -14.11
N LEU A 1019 16.52 -20.14 -14.65
CA LEU A 1019 16.54 -21.52 -15.08
C LEU A 1019 16.79 -21.68 -16.58
N THR A 1020 16.57 -20.63 -17.37
CA THR A 1020 16.72 -20.75 -18.81
C THR A 1020 18.16 -21.03 -19.21
N ALA A 1021 18.37 -21.23 -20.50
CA ALA A 1021 19.65 -21.66 -21.04
C ALA A 1021 20.05 -20.79 -22.24
N ILE A 1022 21.01 -21.26 -23.03
CA ILE A 1022 21.57 -20.53 -24.15
C ILE A 1022 20.46 -19.90 -25.00
N GLU A 1023 20.60 -18.59 -25.27
CA GLU A 1023 19.63 -17.86 -26.06
C GLU A 1023 20.32 -16.96 -27.08
N GLU A 1024 21.47 -17.36 -27.60
CA GLU A 1024 22.18 -16.54 -28.58
C GLU A 1024 21.29 -16.31 -29.79
N ASP A 1025 21.13 -15.04 -30.16
CA ASP A 1025 20.18 -14.65 -31.20
C ASP A 1025 20.54 -15.32 -32.52
N PRO A 1026 19.54 -15.70 -33.32
CA PRO A 1026 19.86 -16.36 -34.62
C PRO A 1026 20.77 -15.52 -35.49
N ASP A 1027 20.47 -14.24 -35.54
CA ASP A 1027 21.21 -13.30 -36.32
C ASP A 1027 22.10 -12.54 -35.38
N ALA A 1028 23.37 -12.37 -35.74
CA ALA A 1028 24.24 -11.56 -34.90
C ALA A 1028 23.58 -10.23 -34.82
N ASN A 1029 23.55 -9.65 -33.64
CA ASN A 1029 22.81 -8.42 -33.50
C ASN A 1029 23.37 -7.45 -34.48
N ASN A 1030 22.48 -6.79 -35.20
CA ASN A 1030 22.90 -5.86 -36.22
C ASN A 1030 23.67 -4.81 -35.51
N LEU A 1031 23.16 -4.39 -34.35
CA LEU A 1031 23.84 -3.40 -33.55
C LEU A 1031 25.18 -3.94 -33.32
N GLN A 1032 25.26 -5.12 -32.72
CA GLN A 1032 26.60 -5.60 -32.39
C GLN A 1032 27.50 -5.62 -33.61
N ILE A 1033 26.99 -6.09 -34.74
CA ILE A 1033 27.84 -6.19 -35.90
C ILE A 1033 28.27 -4.80 -36.25
N ALA A 1034 27.32 -3.89 -36.25
CA ALA A 1034 27.67 -2.56 -36.66
C ALA A 1034 28.64 -1.90 -35.71
N VAL A 1035 28.47 -2.10 -34.40
CA VAL A 1035 29.32 -1.43 -33.44
C VAL A 1035 30.72 -1.98 -33.63
N THR A 1036 30.84 -3.28 -33.87
CA THR A 1036 32.16 -3.77 -34.15
C THR A 1036 32.57 -3.03 -35.40
N ARG A 1037 31.63 -2.86 -36.34
CA ARG A 1037 32.09 -2.20 -37.57
C ARG A 1037 32.52 -0.77 -37.30
N ILE A 1038 31.75 -0.04 -36.49
CA ILE A 1038 32.06 1.36 -36.25
C ILE A 1038 33.25 1.50 -35.32
N LYS A 1039 33.44 0.57 -34.38
CA LYS A 1039 34.63 0.60 -33.54
C LYS A 1039 35.88 0.33 -34.36
N LYS A 1040 35.81 -0.66 -35.25
CA LYS A 1040 36.92 -0.91 -36.17
C LYS A 1040 37.17 0.32 -37.05
N GLY A 1041 36.10 0.96 -37.51
CA GLY A 1041 36.26 2.14 -38.34
C GLY A 1041 36.91 3.30 -37.62
N ILE A 1042 36.48 3.56 -36.38
CA ILE A 1042 37.03 4.69 -35.63
C ILE A 1042 38.45 4.40 -35.20
N ASN A 1043 38.78 3.13 -34.92
CA ASN A 1043 40.17 2.79 -34.62
C ASN A 1043 41.04 2.93 -35.87
N TYR A 1044 40.51 2.53 -37.03
CA TYR A 1044 41.21 2.73 -38.28
C TYR A 1044 41.45 4.21 -38.55
N VAL A 1045 40.44 5.05 -38.29
CA VAL A 1045 40.60 6.49 -38.49
C VAL A 1045 41.61 7.05 -37.50
N LYS A 1046 41.59 6.56 -36.26
CA LYS A 1046 42.59 6.95 -35.27
C LYS A 1046 44.00 6.65 -35.78
N GLN A 1047 44.19 5.45 -36.34
CA GLN A 1047 45.50 5.05 -36.81
C GLN A 1047 45.93 5.87 -38.03
N THR A 1048 45.00 6.10 -38.97
CA THR A 1048 45.33 6.90 -40.14
C THR A 1048 45.60 8.36 -39.79
N LEU A 1049 44.89 8.91 -38.81
CA LEU A 1049 45.16 10.30 -38.42
C LEU A 1049 46.47 10.40 -37.65
N ARG A 1050 46.78 9.40 -36.82
CA ARG A 1050 48.08 9.36 -36.17
C ARG A 1050 49.20 9.33 -37.21
N GLU A 1051 49.05 8.46 -38.22
CA GLU A 1051 50.05 8.38 -39.27
C GLU A 1051 50.13 9.68 -40.06
N PHE A 1052 48.99 10.32 -40.33
CA PHE A 1052 48.99 11.58 -41.07
C PHE A 1052 49.69 12.68 -40.28
N ILE A 1053 49.44 12.77 -38.98
CA ILE A 1053 50.11 13.78 -38.17
C ILE A 1053 51.59 13.49 -38.07
N LEU A 1054 51.98 12.22 -37.96
CA LEU A 1054 53.39 11.88 -37.89
C LEU A 1054 54.10 12.20 -39.20
N LYS A 1055 53.46 11.91 -40.33
CA LYS A 1055 54.10 12.15 -41.62
C LYS A 1055 54.08 13.63 -42.00
N ALA A 1056 53.13 14.40 -41.47
CA ALA A 1056 53.11 15.83 -41.74
C ALA A 1056 54.11 16.59 -40.88
N PHE A 1057 54.45 16.05 -39.71
CA PHE A 1057 55.41 16.68 -38.82
C PHE A 1057 56.69 15.85 -38.70
N GLY A 1218 64.87 13.87 7.98
CA GLY A 1218 64.93 12.57 7.36
C GLY A 1218 63.98 11.56 7.94
N LYS A 1219 64.43 10.86 8.99
CA LYS A 1219 63.62 9.82 9.60
C LYS A 1219 62.55 10.38 10.52
N ILE A 1220 62.71 11.63 10.95
CA ILE A 1220 61.69 12.25 11.79
C ILE A 1220 60.35 12.26 11.09
N TRP A 1221 60.37 12.42 9.77
CA TRP A 1221 59.13 12.42 9.00
C TRP A 1221 58.40 11.09 9.15
N TRP A 1222 59.14 10.00 9.03
CA TRP A 1222 58.53 8.69 9.18
C TRP A 1222 58.04 8.48 10.61
N ASN A 1223 58.79 8.98 11.59
CA ASN A 1223 58.32 8.90 12.96
C ASN A 1223 56.98 9.60 13.10
N ILE A 1224 56.88 10.81 12.54
CA ILE A 1224 55.64 11.57 12.62
C ILE A 1224 54.51 10.79 11.97
N ARG A 1225 54.75 10.26 10.79
CA ARG A 1225 53.69 9.54 10.09
C ARG A 1225 53.22 8.33 10.90
N LYS A 1226 54.16 7.54 11.39
CA LYS A 1226 53.78 6.37 12.19
C LYS A 1226 52.97 6.79 13.40
N THR A 1227 53.37 7.88 14.05
CA THR A 1227 52.69 8.29 15.27
C THR A 1227 51.27 8.73 14.99
N CYS A 1228 51.09 9.65 14.03
CA CYS A 1228 49.73 10.11 13.74
C CYS A 1228 48.88 8.97 13.21
N TYR A 1229 49.51 7.97 12.59
CA TYR A 1229 48.76 6.79 12.19
C TYR A 1229 48.33 5.98 13.40
N LYS A 1230 49.16 5.95 14.44
CA LYS A 1230 48.75 5.34 15.69
C LYS A 1230 47.65 6.12 16.37
N ILE A 1231 47.56 7.41 16.10
CA ILE A 1231 46.53 8.23 16.75
C ILE A 1231 45.16 7.92 16.19
N VAL A 1232 44.98 8.13 14.90
CA VAL A 1232 43.65 8.19 14.30
C VAL A 1232 43.01 6.82 14.24
N GLU A 1233 43.66 5.81 14.82
CA GLU A 1233 43.09 4.47 14.87
C GLU A 1233 42.92 3.96 16.29
N HIS A 1234 43.28 4.77 17.29
CA HIS A 1234 42.96 4.40 18.65
C HIS A 1234 41.45 4.47 18.85
N SER A 1235 40.97 3.79 19.90
CA SER A 1235 39.54 3.77 20.13
C SER A 1235 39.03 5.10 20.65
N TRP A 1236 39.82 5.73 21.52
CA TRP A 1236 39.41 7.02 22.09
C TRP A 1236 39.18 8.05 21.00
N PHE A 1237 40.06 8.08 20.01
CA PHE A 1237 39.92 9.07 18.96
C PHE A 1237 38.61 8.90 18.21
N GLU A 1238 38.29 7.65 17.83
CA GLU A 1238 37.06 7.42 17.10
C GLU A 1238 35.84 7.73 17.95
N SER A 1239 35.85 7.32 19.21
CA SER A 1239 34.71 7.61 20.07
C SER A 1239 34.51 9.10 20.20
N PHE A 1240 35.59 9.85 20.40
CA PHE A 1240 35.48 11.30 20.54
C PHE A 1240 34.95 11.91 19.26
N ILE A 1241 35.43 11.44 18.12
CA ILE A 1241 34.96 12.00 16.85
C ILE A 1241 33.49 11.72 16.65
N VAL A 1242 33.03 10.51 17.01
CA VAL A 1242 31.62 10.21 16.85
C VAL A 1242 30.79 11.09 17.78
N LEU A 1243 31.28 11.33 18.98
CA LEU A 1243 30.58 12.23 19.89
C LEU A 1243 30.47 13.61 19.28
N MET A 1244 31.56 14.11 18.69
CA MET A 1244 31.52 15.41 18.06
C MET A 1244 30.52 15.42 16.90
N ILE A 1245 30.45 14.32 16.16
CA ILE A 1245 29.51 14.27 15.04
C ILE A 1245 28.08 14.35 15.55
N LEU A 1246 27.76 13.59 16.60
CA LEU A 1246 26.41 13.62 17.14
C LEU A 1246 26.06 15.01 17.64
N LEU A 1247 27.00 15.65 18.35
CA LEU A 1247 26.73 16.98 18.86
C LEU A 1247 26.52 17.98 17.74
N SER A 1248 27.39 17.94 16.72
CA SER A 1248 27.28 18.87 15.62
C SER A 1248 26.01 18.67 14.85
N SER A 1249 25.55 17.43 14.71
CA SER A 1249 24.30 17.20 14.01
C SER A 1249 23.11 17.66 14.84
N GLY A 1250 23.10 17.34 16.12
CA GLY A 1250 22.00 17.79 16.97
C GLY A 1250 21.91 19.29 17.04
N ALA A 1251 23.04 19.98 16.96
CA ALA A 1251 23.01 21.43 16.97
C ALA A 1251 22.26 22.00 15.79
N LEU A 1252 21.95 21.20 14.78
CA LEU A 1252 21.18 21.70 13.65
C LEU A 1252 19.70 21.71 13.94
N ALA A 1253 19.25 20.89 14.89
CA ALA A 1253 17.82 20.80 15.17
C ALA A 1253 17.28 22.05 15.83
N PHE A 1254 18.11 23.00 16.21
CA PHE A 1254 17.63 24.16 16.95
C PHE A 1254 17.38 25.37 16.07
N GLU A 1255 17.82 25.36 14.82
CA GLU A 1255 17.63 26.51 13.94
C GLU A 1255 16.27 26.39 13.29
N ASP A 1256 15.26 26.91 13.96
CA ASP A 1256 13.92 26.95 13.39
C ASP A 1256 13.43 28.38 13.45
N ILE A 1257 12.15 28.58 13.18
CA ILE A 1257 11.62 29.95 13.15
C ILE A 1257 11.56 30.57 14.55
N TYR A 1258 11.78 29.77 15.58
CA TYR A 1258 11.73 30.27 16.96
C TYR A 1258 13.11 30.48 17.58
N ILE A 1259 14.16 30.39 16.78
CA ILE A 1259 15.51 30.62 17.29
C ILE A 1259 15.66 32.06 17.77
N GLU A 1260 14.95 32.99 17.12
CA GLU A 1260 15.02 34.39 17.50
C GLU A 1260 14.53 34.63 18.93
N ARG A 1261 13.56 33.86 19.37
CA ARG A 1261 13.07 33.98 20.71
C ARG A 1261 14.15 33.61 21.65
N LYS A 1262 14.74 32.46 21.47
CA LYS A 1262 15.75 31.98 22.40
C LYS A 1262 17.12 32.49 22.07
N LYS A 1263 17.43 33.69 22.52
CA LYS A 1263 18.69 34.30 22.14
C LYS A 1263 19.93 33.65 22.61
N THR A 1264 19.97 33.20 23.83
CA THR A 1264 21.19 32.65 24.35
C THR A 1264 21.61 31.49 23.49
N ILE A 1265 20.77 30.49 23.42
CA ILE A 1265 21.10 29.30 22.66
C ILE A 1265 21.56 29.68 21.26
N LYS A 1266 20.98 30.73 20.69
CA LYS A 1266 21.41 31.18 19.38
C LYS A 1266 22.89 31.51 19.37
N ILE A 1267 23.32 32.33 20.34
CA ILE A 1267 24.72 32.72 20.39
C ILE A 1267 25.60 31.52 20.68
N ILE A 1268 25.15 30.65 21.58
CA ILE A 1268 25.95 29.49 21.95
C ILE A 1268 26.21 28.63 20.72
N LEU A 1269 25.18 28.38 19.93
CA LEU A 1269 25.36 27.56 18.73
C LEU A 1269 26.24 28.27 17.72
N GLU A 1270 26.03 29.57 17.54
CA GLU A 1270 26.86 30.33 16.61
C GLU A 1270 28.33 30.18 16.96
N TYR A 1271 28.64 30.16 18.25
CA TYR A 1271 30.04 30.00 18.63
C TYR A 1271 30.51 28.56 18.51
N ALA A 1272 29.68 27.60 18.90
CA ALA A 1272 30.09 26.21 18.86
C ALA A 1272 30.34 25.73 17.44
N ASP A 1273 29.71 26.36 16.45
CA ASP A 1273 29.99 26.00 15.07
C ASP A 1273 31.47 26.12 14.76
N LYS A 1274 32.11 27.17 15.29
CA LYS A 1274 33.52 27.37 15.00
C LYS A 1274 34.36 26.27 15.66
N ILE A 1275 34.02 25.88 16.87
CA ILE A 1275 34.75 24.78 17.51
C ILE A 1275 34.61 23.51 16.70
N PHE A 1276 33.41 23.21 16.23
CA PHE A 1276 33.23 22.00 15.43
C PHE A 1276 34.04 22.06 14.15
N THR A 1277 34.03 23.20 13.47
CA THR A 1277 34.81 23.32 12.26
C THR A 1277 36.29 23.12 12.54
N TYR A 1278 36.78 23.71 13.62
CA TYR A 1278 38.19 23.57 13.96
C TYR A 1278 38.54 22.12 14.24
N ILE A 1279 37.69 21.43 15.00
CA ILE A 1279 37.95 20.04 15.31
C ILE A 1279 38.01 19.21 14.04
N PHE A 1280 37.05 19.41 13.14
CA PHE A 1280 37.03 18.56 11.96
C PHE A 1280 38.17 18.89 11.02
N ILE A 1281 38.60 20.14 10.97
CA ILE A 1281 39.77 20.46 10.15
C ILE A 1281 41.01 19.81 10.73
N LEU A 1282 41.16 19.83 12.05
CA LEU A 1282 42.28 19.14 12.67
C LEU A 1282 42.25 17.65 12.36
N GLU A 1283 41.05 17.05 12.42
CA GLU A 1283 40.92 15.64 12.10
C GLU A 1283 41.34 15.36 10.67
N MET A 1284 40.88 16.19 9.73
CA MET A 1284 41.25 15.97 8.34
C MET A 1284 42.75 16.11 8.15
N LEU A 1285 43.38 17.05 8.86
CA LEU A 1285 44.81 17.18 8.75
C LEU A 1285 45.51 15.92 9.23
N LEU A 1286 45.08 15.38 10.37
CA LEU A 1286 45.69 14.14 10.85
C LEU A 1286 45.47 13.02 9.86
N LYS A 1287 44.28 12.95 9.25
CA LYS A 1287 44.04 11.94 8.23
C LYS A 1287 45.05 12.06 7.10
N TRP A 1288 45.27 13.29 6.62
CA TRP A 1288 46.24 13.49 5.56
C TRP A 1288 47.61 13.01 5.99
N ILE A 1289 48.05 13.41 7.18
CA ILE A 1289 49.40 13.10 7.59
C ILE A 1289 49.58 11.60 7.78
N ALA A 1290 48.52 10.91 8.18
CA ALA A 1290 48.67 9.49 8.49
C ALA A 1290 48.51 8.62 7.25
N TYR A 1291 47.68 9.03 6.31
CA TYR A 1291 47.42 8.19 5.15
C TYR A 1291 48.13 8.65 3.89
N GLY A 1292 48.34 9.95 3.74
CA GLY A 1292 48.85 10.47 2.49
C GLY A 1292 47.78 10.58 1.43
N TYR A 1293 48.06 11.37 0.41
CA TYR A 1293 47.03 11.71 -0.58
C TYR A 1293 46.58 10.49 -1.37
N LYS A 1294 47.50 9.61 -1.73
CA LYS A 1294 47.12 8.48 -2.57
C LYS A 1294 46.21 7.52 -1.82
N THR A 1295 46.48 7.28 -0.54
CA THR A 1295 45.61 6.43 0.25
C THR A 1295 44.33 7.15 0.61
N TYR A 1296 44.38 8.48 0.73
CA TYR A 1296 43.23 9.22 1.20
C TYR A 1296 42.21 9.41 0.08
N PHE A 1297 42.59 10.11 -0.98
CA PHE A 1297 41.59 10.52 -1.96
C PHE A 1297 41.09 9.38 -2.82
N THR A 1298 41.47 8.14 -2.54
CA THR A 1298 40.90 7.00 -3.24
C THR A 1298 39.82 6.32 -2.43
N ASN A 1299 39.38 6.95 -1.35
CA ASN A 1299 38.25 6.47 -0.55
C ASN A 1299 37.03 7.31 -0.84
N ALA A 1300 35.87 6.67 -0.86
CA ALA A 1300 34.64 7.42 -1.01
C ALA A 1300 34.32 8.20 0.24
N TRP A 1301 34.41 7.55 1.40
CA TRP A 1301 34.02 8.20 2.64
C TRP A 1301 34.91 9.40 2.93
N CYS A 1302 36.21 9.26 2.75
CA CYS A 1302 37.10 10.39 2.99
C CYS A 1302 36.80 11.52 2.03
N TRP A 1303 36.45 11.19 0.79
CA TRP A 1303 36.04 12.23 -0.14
C TRP A 1303 34.81 12.97 0.36
N LEU A 1304 33.84 12.23 0.88
CA LEU A 1304 32.64 12.85 1.41
C LEU A 1304 32.97 13.80 2.54
N ASP A 1305 33.76 13.32 3.50
CA ASP A 1305 34.13 14.17 4.64
C ASP A 1305 34.89 15.39 4.17
N PHE A 1306 35.76 15.21 3.18
CA PHE A 1306 36.54 16.33 2.67
C PHE A 1306 35.63 17.39 2.06
N LEU A 1307 34.66 16.96 1.27
CA LEU A 1307 33.73 17.92 0.68
C LEU A 1307 32.95 18.66 1.74
N ILE A 1308 32.46 17.95 2.75
CA ILE A 1308 31.68 18.59 3.79
C ILE A 1308 32.53 19.63 4.52
N VAL A 1309 33.73 19.24 4.94
CA VAL A 1309 34.55 20.19 5.65
C VAL A 1309 34.94 21.34 4.73
N ASP A 1310 35.00 21.10 3.43
CA ASP A 1310 35.31 22.19 2.50
C ASP A 1310 34.21 23.23 2.51
N VAL A 1311 32.96 22.78 2.39
CA VAL A 1311 31.89 23.77 2.36
C VAL A 1311 31.81 24.50 3.68
N SER A 1312 32.06 23.79 4.79
CA SER A 1312 32.04 24.47 6.08
C SER A 1312 33.14 25.51 6.17
N LEU A 1313 34.33 25.17 5.71
CA LEU A 1313 35.45 26.09 5.76
C LEU A 1313 35.21 27.30 4.87
N VAL A 1314 34.60 27.09 3.71
CA VAL A 1314 34.32 28.21 2.82
C VAL A 1314 33.30 29.14 3.46
N THR A 1315 32.22 28.59 4.00
CA THR A 1315 31.27 29.41 4.73
C THR A 1315 31.97 30.18 5.83
N LEU A 1316 32.97 29.59 6.42
CA LEU A 1316 33.66 30.23 7.52
C LEU A 1316 34.56 31.33 7.05
N VAL A 1317 35.35 31.05 6.03
CA VAL A 1317 36.30 32.06 5.63
C VAL A 1317 35.54 33.24 5.14
N ALA A 1318 34.50 33.00 4.37
CA ALA A 1318 33.80 34.11 3.79
C ALA A 1318 33.27 34.88 4.91
N ASN A 1319 32.68 34.21 5.87
CA ASN A 1319 32.03 34.92 6.92
C ASN A 1319 32.99 35.81 7.67
N THR A 1320 34.14 35.27 8.05
CA THR A 1320 35.03 36.10 8.85
C THR A 1320 35.58 37.24 8.02
N LEU A 1321 35.87 36.99 6.76
CA LEU A 1321 36.45 38.02 5.93
C LEU A 1321 35.45 39.14 5.89
N GLY A 1322 34.17 38.83 5.77
CA GLY A 1322 33.21 39.94 5.89
C GLY A 1322 32.21 40.18 4.82
N TYR A 1323 32.49 39.61 3.66
CA TYR A 1323 31.48 39.66 2.61
C TYR A 1323 30.55 38.49 2.65
N SER A 1324 29.89 38.32 3.78
CA SER A 1324 28.89 37.29 3.87
C SER A 1324 27.65 37.84 3.23
N ASP A 1325 26.67 36.99 2.99
CA ASP A 1325 25.40 37.42 2.41
C ASP A 1325 25.61 37.85 0.98
N LEU A 1326 26.74 37.44 0.41
CA LEU A 1326 27.01 37.78 -0.96
C LEU A 1326 26.33 36.73 -1.80
N GLY A 1327 25.01 36.82 -1.89
CA GLY A 1327 24.30 35.92 -2.77
C GLY A 1327 24.47 34.47 -2.50
N PRO A 1328 24.91 33.73 -3.50
CA PRO A 1328 25.09 32.28 -3.38
C PRO A 1328 25.74 31.80 -2.10
N ILE A 1329 26.40 32.68 -1.35
CA ILE A 1329 26.95 32.19 -0.10
C ILE A 1329 25.83 31.81 0.86
N LYS A 1330 24.76 32.60 0.89
CA LYS A 1330 23.64 32.26 1.76
C LYS A 1330 23.02 30.94 1.35
N SER A 1331 22.95 30.68 0.04
CA SER A 1331 22.45 29.39 -0.41
C SER A 1331 23.40 28.25 -0.09
N LEU A 1332 24.70 28.49 -0.24
CA LEU A 1332 25.67 27.48 0.13
C LEU A 1332 25.62 27.14 1.61
N ARG A 1333 25.20 28.11 2.43
CA ARG A 1333 25.08 27.86 3.85
C ARG A 1333 24.08 26.77 4.16
N THR A 1334 23.04 26.62 3.33
CA THR A 1334 22.05 25.60 3.60
C THR A 1334 22.60 24.19 3.46
N LEU A 1335 23.78 24.03 2.87
CA LEU A 1335 24.35 22.70 2.79
C LEU A 1335 24.85 22.19 4.12
N ARG A 1336 24.78 23.00 5.18
CA ARG A 1336 25.09 22.49 6.50
C ARG A 1336 24.27 21.26 6.84
N ALA A 1337 23.11 21.10 6.20
CA ALA A 1337 22.29 19.93 6.43
C ALA A 1337 23.00 18.64 6.07
N LEU A 1338 24.12 18.69 5.37
CA LEU A 1338 24.82 17.47 5.02
C LEU A 1338 25.70 16.96 6.13
N ARG A 1339 25.97 17.77 7.15
CA ARG A 1339 26.86 17.39 8.23
C ARG A 1339 26.52 16.04 8.86
N PRO A 1340 25.24 15.66 8.98
CA PRO A 1340 24.94 14.32 9.47
C PRO A 1340 25.55 13.21 8.65
N LEU A 1341 25.87 13.46 7.38
CA LEU A 1341 26.39 12.39 6.55
C LEU A 1341 27.71 11.85 7.06
N ARG A 1342 28.43 12.62 7.88
CA ARG A 1342 29.67 12.11 8.44
C ARG A 1342 29.46 10.93 9.34
N ALA A 1343 28.21 10.54 9.62
CA ALA A 1343 27.95 9.42 10.49
C ALA A 1343 27.86 8.11 9.74
N LEU A 1344 27.74 8.14 8.42
CA LEU A 1344 27.59 6.90 7.68
C LEU A 1344 28.82 6.02 7.80
N SER A 1345 30.00 6.62 7.84
CA SER A 1345 31.23 5.85 7.92
C SER A 1345 31.56 5.41 9.32
N ARG A 1346 30.71 5.71 10.30
CA ARG A 1346 30.98 5.38 11.68
C ARG A 1346 30.19 4.19 12.18
N PHE A 1347 28.95 4.03 11.74
CA PHE A 1347 28.08 2.96 12.22
C PHE A 1347 28.06 1.85 11.20
N GLU A 1348 28.51 0.67 11.62
CA GLU A 1348 28.63 -0.46 10.71
C GLU A 1348 27.31 -0.82 10.06
N GLY A 1349 26.18 -0.60 10.75
CA GLY A 1349 24.89 -0.93 10.19
C GLY A 1349 24.56 -0.11 8.96
N MET A 1350 24.59 1.22 9.12
CA MET A 1350 24.37 2.07 7.97
C MET A 1350 25.35 1.76 6.86
N ARG A 1351 26.58 1.41 7.21
CA ARG A 1351 27.58 1.13 6.18
C ARG A 1351 27.17 -0.07 5.36
N VAL A 1352 26.67 -1.13 5.97
CA VAL A 1352 26.35 -2.33 5.16
C VAL A 1352 25.11 -2.09 4.27
N VAL A 1353 24.09 -1.43 4.80
CA VAL A 1353 22.88 -1.15 4.03
C VAL A 1353 23.21 -0.25 2.86
N VAL A 1354 23.96 0.81 3.11
CA VAL A 1354 24.37 1.70 2.03
C VAL A 1354 25.17 0.93 1.00
N ASN A 1355 26.08 0.06 1.45
CA ASN A 1355 26.85 -0.74 0.51
C ASN A 1355 25.94 -1.54 -0.40
N ALA A 1356 24.98 -2.26 0.17
CA ALA A 1356 24.04 -3.03 -0.65
C ALA A 1356 23.27 -2.16 -1.65
N LEU A 1357 22.78 -1.02 -1.18
CA LEU A 1357 22.05 -0.13 -2.07
C LEU A 1357 22.91 0.35 -3.23
N ILE A 1358 24.18 0.68 -2.98
CA ILE A 1358 25.07 1.14 -4.03
C ILE A 1358 25.34 0.00 -4.99
N GLY A 1359 25.56 -1.20 -4.47
CA GLY A 1359 25.77 -2.35 -5.32
C GLY A 1359 24.59 -2.59 -6.25
N ALA A 1360 23.38 -2.25 -5.79
CA ALA A 1360 22.22 -2.39 -6.69
C ALA A 1360 21.94 -1.25 -7.68
N ILE A 1361 22.67 -0.14 -7.65
CA ILE A 1361 22.32 1.03 -8.44
C ILE A 1361 22.39 0.77 -9.93
N PRO A 1362 23.35 -0.03 -10.40
CA PRO A 1362 23.27 -0.25 -11.84
C PRO A 1362 21.91 -0.75 -12.31
N SER A 1363 21.44 -1.89 -11.84
CA SER A 1363 20.20 -2.47 -12.31
C SER A 1363 19.05 -1.48 -12.16
N ILE A 1364 19.08 -0.72 -11.08
CA ILE A 1364 18.02 0.19 -10.89
C ILE A 1364 18.07 1.08 -12.08
N MET A 1365 19.22 1.58 -12.44
CA MET A 1365 19.25 2.54 -13.52
C MET A 1365 18.77 1.96 -14.83
N ASN A 1366 19.06 0.71 -15.13
CA ASN A 1366 18.53 0.11 -16.35
C ASN A 1366 16.99 0.04 -16.40
N VAL A 1367 16.39 -0.48 -15.34
CA VAL A 1367 14.92 -0.58 -15.28
C VAL A 1367 14.32 0.83 -15.28
N LEU A 1368 14.98 1.78 -14.61
CA LEU A 1368 14.50 3.15 -14.62
C LEU A 1368 14.44 3.66 -16.04
N LEU A 1369 15.50 3.44 -16.81
CA LEU A 1369 15.53 3.85 -18.21
C LEU A 1369 14.43 3.18 -19.03
N VAL A 1370 14.23 1.88 -18.83
CA VAL A 1370 13.14 1.19 -19.54
C VAL A 1370 11.80 1.84 -19.22
N CYS A 1371 11.55 2.15 -17.95
CA CYS A 1371 10.30 2.80 -17.56
C CYS A 1371 10.16 4.17 -18.18
N LEU A 1372 11.24 4.94 -18.22
CA LEU A 1372 11.20 6.28 -18.78
C LEU A 1372 10.81 6.30 -20.24
N ILE A 1373 11.22 5.31 -21.03
CA ILE A 1373 10.76 5.26 -22.38
C ILE A 1373 9.29 4.93 -22.41
N PHE A 1374 8.86 3.98 -21.61
CA PHE A 1374 7.48 3.57 -21.69
C PHE A 1374 6.63 4.70 -21.17
N TRP A 1375 7.04 5.32 -20.11
CA TRP A 1375 6.20 6.44 -19.68
C TRP A 1375 6.23 7.57 -20.68
N LEU A 1376 7.27 7.68 -21.49
CA LEU A 1376 7.32 8.76 -22.47
C LEU A 1376 6.16 8.67 -23.44
N ILE A 1377 5.79 7.45 -23.81
CA ILE A 1377 4.67 7.27 -24.73
C ILE A 1377 3.39 7.83 -24.13
N PHE A 1378 3.08 7.42 -22.91
CA PHE A 1378 1.86 7.91 -22.27
C PHE A 1378 1.92 9.39 -22.04
N SER A 1379 3.10 9.93 -21.75
CA SER A 1379 3.21 11.36 -21.52
C SER A 1379 2.94 12.13 -22.81
N ILE A 1380 3.44 11.64 -23.93
CA ILE A 1380 3.18 12.31 -25.20
C ILE A 1380 1.71 12.21 -25.56
N MET A 1381 1.11 11.05 -25.33
CA MET A 1381 -0.30 10.91 -25.61
C MET A 1381 -1.12 11.86 -24.75
N GLY A 1382 -0.77 11.97 -23.48
CA GLY A 1382 -1.46 12.90 -22.61
C GLY A 1382 -1.27 14.33 -23.05
N VAL A 1383 -0.09 14.67 -23.55
CA VAL A 1383 0.12 16.02 -24.05
C VAL A 1383 -0.75 16.27 -25.26
N ASN A 1384 -0.91 15.27 -26.11
CA ASN A 1384 -1.77 15.44 -27.28
C ASN A 1384 -3.22 15.63 -26.86
N LEU A 1385 -3.65 14.91 -25.83
CA LEU A 1385 -5.07 14.93 -25.47
C LEU A 1385 -5.43 16.12 -24.58
N PHE A 1386 -4.53 16.55 -23.72
CA PHE A 1386 -4.88 17.43 -22.61
C PHE A 1386 -4.07 18.71 -22.56
N ALA A 1387 -3.30 19.03 -23.58
CA ALA A 1387 -2.45 20.20 -23.50
C ALA A 1387 -3.30 21.44 -23.38
N GLY A 1388 -3.16 22.16 -22.27
CA GLY A 1388 -3.81 23.43 -22.14
C GLY A 1388 -5.31 23.38 -22.08
N LYS A 1389 -5.89 22.25 -21.70
CA LYS A 1389 -7.32 22.14 -21.58
C LYS A 1389 -7.81 22.18 -20.15
N PHE A 1390 -6.93 22.44 -19.19
CA PHE A 1390 -7.29 22.37 -17.78
C PHE A 1390 -7.64 23.72 -17.19
N TYR A 1391 -7.56 24.80 -17.95
CA TYR A 1391 -7.94 26.10 -17.43
C TYR A 1391 -9.43 26.13 -17.10
N GLU A 1392 -9.79 26.97 -16.14
CA GLU A 1392 -11.17 27.08 -15.72
C GLU A 1392 -11.38 28.42 -15.03
N CYS A 1393 -12.60 28.93 -15.14
CA CYS A 1393 -12.95 30.25 -14.61
C CYS A 1393 -13.68 30.02 -13.29
N ILE A 1394 -12.97 30.19 -12.18
CA ILE A 1394 -13.52 29.83 -10.88
C ILE A 1394 -13.78 31.08 -10.05
N ASN A 1395 -14.60 30.91 -9.02
CA ASN A 1395 -14.91 31.97 -8.06
C ASN A 1395 -13.98 31.81 -6.88
N THR A 1396 -12.99 32.70 -6.77
CA THR A 1396 -11.90 32.49 -5.82
C THR A 1396 -12.38 32.46 -4.37
N THR A 1397 -13.54 33.03 -4.07
CA THR A 1397 -14.02 33.04 -2.70
C THR A 1397 -14.19 31.63 -2.17
N ASP A 1398 -15.01 30.86 -2.87
CA ASP A 1398 -15.32 29.50 -2.48
C ASP A 1398 -14.81 28.44 -3.41
N GLY A 1399 -13.97 28.82 -4.35
CA GLY A 1399 -13.44 27.86 -5.30
C GLY A 1399 -14.38 27.07 -6.18
N SER A 1400 -15.39 27.72 -6.75
CA SER A 1400 -16.35 27.00 -7.56
C SER A 1400 -16.15 27.20 -9.02
N ARG A 1401 -16.02 26.12 -9.77
CA ARG A 1401 -15.94 26.27 -11.20
C ARG A 1401 -17.26 26.81 -11.74
N PHE A 1402 -17.21 27.94 -12.42
CA PHE A 1402 -18.43 28.59 -12.88
C PHE A 1402 -19.23 27.65 -13.77
N PRO A 1403 -20.55 27.86 -13.87
CA PRO A 1403 -21.43 26.78 -14.36
C PRO A 1403 -21.24 26.41 -15.81
N ALA A 1404 -20.59 27.23 -16.62
CA ALA A 1404 -20.33 27.04 -18.05
C ALA A 1404 -21.58 27.29 -18.89
N SER A 1405 -22.75 27.48 -18.29
CA SER A 1405 -23.86 28.03 -19.05
C SER A 1405 -23.58 29.50 -19.36
N GLN A 1406 -23.22 30.26 -18.35
CA GLN A 1406 -22.49 31.51 -18.51
C GLN A 1406 -21.01 31.21 -18.45
N VAL A 1407 -20.21 32.12 -18.99
CA VAL A 1407 -18.76 31.94 -19.06
C VAL A 1407 -18.45 30.68 -19.86
N PRO A 1408 -18.69 30.66 -21.17
CA PRO A 1408 -18.44 29.44 -21.94
C PRO A 1408 -17.01 29.29 -22.40
N ASN A 1409 -16.33 30.41 -22.69
CA ASN A 1409 -14.97 30.36 -23.18
C ASN A 1409 -14.12 31.34 -22.38
N ARG A 1410 -12.83 31.38 -22.70
CA ARG A 1410 -11.89 32.18 -21.94
C ARG A 1410 -12.19 33.67 -22.08
N SER A 1411 -12.57 34.10 -23.27
CA SER A 1411 -12.91 35.50 -23.48
C SER A 1411 -13.96 35.98 -22.49
N GLU A 1412 -14.94 35.17 -22.20
CA GLU A 1412 -15.95 35.69 -21.32
C GLU A 1412 -15.42 35.72 -19.92
N CYS A 1413 -14.46 34.88 -19.62
CA CYS A 1413 -13.95 34.84 -18.27
C CYS A 1413 -13.28 36.14 -17.98
N PHE A 1414 -12.51 36.63 -18.92
CA PHE A 1414 -11.85 37.89 -18.75
C PHE A 1414 -12.82 39.02 -18.68
N ALA A 1415 -13.95 38.88 -19.33
CA ALA A 1415 -14.93 39.93 -19.22
C ALA A 1415 -15.49 40.00 -17.84
N LEU A 1416 -15.74 38.87 -17.26
CA LEU A 1416 -16.24 38.84 -15.93
C LEU A 1416 -15.16 39.38 -15.01
N MET A 1417 -13.89 39.16 -15.27
CA MET A 1417 -12.89 39.73 -14.38
C MET A 1417 -12.95 41.21 -14.44
N ASN A 1418 -13.16 41.75 -15.61
CA ASN A 1418 -13.30 43.19 -15.74
C ASN A 1418 -14.48 43.62 -14.92
N VAL A 1419 -15.59 42.93 -15.02
CA VAL A 1419 -16.76 43.41 -14.31
C VAL A 1419 -16.68 43.04 -12.86
N SER A 1420 -16.57 41.74 -12.61
CA SER A 1420 -16.57 41.33 -11.22
C SER A 1420 -15.15 41.40 -10.68
N GLN A 1421 -14.93 40.85 -9.48
CA GLN A 1421 -13.62 40.97 -8.84
C GLN A 1421 -12.96 39.64 -8.53
N ASN A 1422 -13.63 38.73 -7.82
CA ASN A 1422 -12.98 37.56 -7.27
C ASN A 1422 -12.96 36.38 -8.21
N VAL A 1423 -13.07 36.61 -9.49
CA VAL A 1423 -13.03 35.53 -10.46
C VAL A 1423 -11.63 35.45 -11.03
N ARG A 1424 -11.20 34.26 -11.42
CA ARG A 1424 -9.82 34.08 -11.85
C ARG A 1424 -9.72 32.89 -12.77
N TRP A 1425 -9.13 33.11 -13.94
CA TRP A 1425 -8.96 32.07 -14.97
C TRP A 1425 -7.65 31.35 -14.67
N LYS A 1426 -7.72 30.31 -13.86
CA LYS A 1426 -6.53 29.69 -13.32
C LYS A 1426 -6.34 28.30 -13.91
N ASN A 1427 -5.09 27.85 -13.89
CA ASN A 1427 -4.72 26.55 -14.42
C ASN A 1427 -4.79 25.54 -13.28
N LEU A 1428 -4.26 24.34 -13.50
CA LEU A 1428 -4.30 23.30 -12.49
C LEU A 1428 -2.98 23.10 -11.78
N LYS A 1429 -1.90 23.70 -12.28
CA LYS A 1429 -0.62 23.78 -11.57
C LYS A 1429 0.09 22.43 -11.53
N VAL A 1430 -0.58 21.36 -11.91
CA VAL A 1430 0.03 20.11 -12.30
C VAL A 1430 -0.83 19.56 -13.42
N ASN A 1431 -0.32 19.55 -14.65
CA ASN A 1431 -1.14 19.31 -15.80
C ASN A 1431 -0.32 18.59 -16.85
N PHE A 1432 -0.83 18.56 -18.07
CA PHE A 1432 -0.14 17.98 -19.20
C PHE A 1432 0.26 19.04 -20.22
N ASP A 1433 0.71 20.20 -19.75
CA ASP A 1433 1.03 21.27 -20.68
C ASP A 1433 2.26 20.93 -21.51
N ASN A 1434 3.20 20.18 -20.95
CA ASN A 1434 4.33 19.70 -21.71
C ASN A 1434 4.75 18.37 -21.13
N VAL A 1435 5.90 17.87 -21.56
CA VAL A 1435 6.29 16.53 -21.18
C VAL A 1435 6.83 16.47 -19.76
N GLY A 1436 7.38 17.57 -19.24
CA GLY A 1436 7.82 17.54 -17.85
C GLY A 1436 6.65 17.42 -16.89
N LEU A 1437 5.71 18.36 -16.97
CA LEU A 1437 4.51 18.24 -16.16
C LEU A 1437 3.75 16.97 -16.50
N GLY A 1438 3.89 16.49 -17.73
CA GLY A 1438 3.34 15.18 -18.03
C GLY A 1438 3.93 14.10 -17.15
N TYR A 1439 5.25 14.09 -17.02
CA TYR A 1439 5.89 13.11 -16.16
C TYR A 1439 5.44 13.25 -14.73
N LEU A 1440 5.34 14.49 -14.25
CA LEU A 1440 4.93 14.68 -12.86
C LEU A 1440 3.52 14.17 -12.64
N SER A 1441 2.59 14.54 -13.50
CA SER A 1441 1.21 14.07 -13.36
C SER A 1441 1.15 12.57 -13.45
N LEU A 1442 1.95 11.96 -14.31
CA LEU A 1442 1.92 10.52 -14.40
C LEU A 1442 2.45 9.87 -13.14
N LEU A 1443 3.44 10.49 -12.49
CA LEU A 1443 3.88 9.94 -11.23
C LEU A 1443 2.79 10.03 -10.19
N GLN A 1444 2.09 11.15 -10.14
CA GLN A 1444 0.99 11.28 -9.19
C GLN A 1444 -0.10 10.25 -9.47
N VAL A 1445 -0.35 9.94 -10.74
CA VAL A 1445 -1.37 8.95 -11.04
C VAL A 1445 -0.88 7.55 -10.70
N ALA A 1446 0.40 7.26 -10.94
CA ALA A 1446 0.91 5.94 -10.68
C ALA A 1446 1.04 5.64 -9.20
N THR A 1447 1.18 6.65 -8.36
CA THR A 1447 1.18 6.41 -6.93
C THR A 1447 -0.19 6.51 -6.29
N PHE A 1448 -1.20 6.81 -7.06
CA PHE A 1448 -2.56 6.90 -6.59
C PHE A 1448 -2.69 7.98 -5.59
N LYS A 1449 -1.67 8.77 -5.39
CA LYS A 1449 -1.81 9.91 -4.53
C LYS A 1449 -1.89 11.14 -5.35
N GLY A 1450 -3.00 11.83 -5.31
CA GLY A 1450 -3.18 13.03 -6.09
C GLY A 1450 -3.92 12.87 -7.37
N TRP A 1451 -4.19 11.66 -7.77
CA TRP A 1451 -4.81 11.40 -9.02
C TRP A 1451 -6.16 11.94 -9.17
N THR A 1452 -6.99 11.85 -8.17
CA THR A 1452 -8.36 12.23 -8.35
C THR A 1452 -8.43 13.56 -8.98
N ILE A 1453 -7.72 14.52 -8.45
CA ILE A 1453 -7.89 15.84 -8.99
C ILE A 1453 -7.40 15.84 -10.38
N ILE A 1454 -6.31 15.16 -10.70
CA ILE A 1454 -5.96 15.24 -12.13
C ILE A 1454 -7.03 14.66 -13.02
N MET A 1455 -7.62 13.53 -12.65
CA MET A 1455 -8.59 12.88 -13.51
C MET A 1455 -9.84 13.68 -13.69
N TYR A 1456 -10.36 14.32 -12.68
CA TYR A 1456 -11.56 15.04 -12.86
C TYR A 1456 -11.34 16.13 -13.86
N ALA A 1457 -10.30 16.90 -13.71
CA ALA A 1457 -10.02 17.93 -14.70
C ALA A 1457 -10.00 17.36 -16.10
N ALA A 1458 -9.58 16.11 -16.24
CA ALA A 1458 -9.42 15.53 -17.57
C ALA A 1458 -10.77 15.19 -18.18
N VAL A 1459 -11.63 14.53 -17.44
CA VAL A 1459 -12.88 14.06 -18.00
C VAL A 1459 -13.82 15.22 -18.23
N ASP A 1460 -13.48 16.39 -17.71
CA ASP A 1460 -14.29 17.58 -17.92
C ASP A 1460 -13.78 18.44 -19.06
N SER A 1461 -12.72 18.01 -19.75
CA SER A 1461 -12.08 18.84 -20.74
C SER A 1461 -12.94 18.98 -21.98
N VAL A 1462 -12.99 20.18 -22.52
CA VAL A 1462 -13.75 20.48 -23.73
C VAL A 1462 -12.84 20.83 -24.88
N ASN A 1463 -12.08 21.89 -24.76
CA ASN A 1463 -11.16 22.32 -25.80
C ASN A 1463 -10.16 23.27 -25.17
N VAL A 1464 -9.37 23.93 -26.02
CA VAL A 1464 -8.19 24.65 -25.51
C VAL A 1464 -8.61 25.77 -24.57
N ASP A 1465 -9.44 26.68 -25.04
CA ASP A 1465 -9.81 27.83 -24.25
C ASP A 1465 -11.29 27.84 -23.87
N LYS A 1466 -11.99 26.74 -24.05
CA LYS A 1466 -13.39 26.70 -23.69
C LYS A 1466 -13.55 26.26 -22.24
N GLN A 1467 -14.62 26.72 -21.61
CA GLN A 1467 -14.83 26.38 -20.23
C GLN A 1467 -15.16 24.90 -20.10
N PRO A 1468 -14.55 24.19 -19.15
CA PRO A 1468 -14.82 22.77 -19.02
C PRO A 1468 -16.24 22.50 -18.55
N LYS A 1469 -16.77 21.36 -18.96
CA LYS A 1469 -18.13 20.95 -18.64
C LYS A 1469 -18.09 19.66 -17.84
N TYR A 1470 -19.10 19.47 -17.00
CA TYR A 1470 -19.12 18.35 -16.09
C TYR A 1470 -19.24 17.05 -16.87
N GLU A 1471 -18.15 16.29 -16.91
CA GLU A 1471 -18.10 15.02 -17.63
C GLU A 1471 -18.53 15.19 -19.08
N TYR A 1472 -17.85 16.09 -19.76
CA TYR A 1472 -18.05 16.24 -21.19
C TYR A 1472 -17.32 15.14 -21.95
N SER A 1473 -16.22 14.65 -21.40
CA SER A 1473 -15.51 13.54 -22.01
C SER A 1473 -15.94 12.20 -21.43
N LEU A 1474 -15.75 12.03 -20.13
CA LEU A 1474 -16.30 10.90 -19.39
C LEU A 1474 -15.61 9.60 -19.75
N TYR A 1475 -14.82 9.59 -20.80
CA TYR A 1475 -14.22 8.35 -21.24
C TYR A 1475 -12.70 8.40 -21.24
N MET A 1476 -12.10 9.56 -20.97
CA MET A 1476 -10.68 9.57 -20.71
C MET A 1476 -10.32 8.75 -19.48
N TYR A 1477 -11.30 8.50 -18.61
CA TYR A 1477 -11.12 7.50 -17.58
C TYR A 1477 -10.49 6.25 -18.15
N ILE A 1478 -10.85 5.90 -19.39
CA ILE A 1478 -10.21 4.77 -20.04
C ILE A 1478 -8.71 5.00 -20.16
N TYR A 1479 -8.32 6.22 -20.53
CA TYR A 1479 -6.90 6.53 -20.65
C TYR A 1479 -6.20 6.29 -19.33
N PHE A 1480 -6.77 6.80 -18.24
CA PHE A 1480 -6.10 6.63 -16.97
C PHE A 1480 -6.10 5.17 -16.52
N VAL A 1481 -7.16 4.43 -16.83
CA VAL A 1481 -7.20 3.02 -16.46
C VAL A 1481 -6.09 2.27 -17.18
N VAL A 1482 -5.94 2.53 -18.48
CA VAL A 1482 -4.91 1.84 -19.24
C VAL A 1482 -3.52 2.20 -18.71
N PHE A 1483 -3.29 3.48 -18.46
CA PHE A 1483 -1.97 3.86 -17.98
C PHE A 1483 -1.69 3.22 -16.64
N ILE A 1484 -2.69 3.14 -15.77
CA ILE A 1484 -2.44 2.45 -14.51
C ILE A 1484 -2.06 1.02 -14.78
N ILE A 1485 -2.91 0.29 -15.51
CA ILE A 1485 -2.70 -1.12 -15.74
C ILE A 1485 -1.28 -1.39 -16.22
N PHE A 1486 -0.76 -0.53 -17.09
CA PHE A 1486 0.59 -0.80 -17.61
C PHE A 1486 1.66 -0.17 -16.73
N GLY A 1487 1.69 1.17 -16.67
CA GLY A 1487 2.80 1.85 -16.07
C GLY A 1487 2.88 1.77 -14.56
N SER A 1488 1.80 1.39 -13.87
CA SER A 1488 1.88 1.26 -12.44
C SER A 1488 1.82 -0.17 -11.96
N PHE A 1489 1.32 -1.09 -12.78
CA PHE A 1489 1.31 -2.49 -12.43
C PHE A 1489 2.51 -3.23 -13.01
N PHE A 1490 2.64 -3.22 -14.31
CA PHE A 1490 3.71 -3.97 -14.85
C PHE A 1490 5.01 -3.35 -14.44
N THR A 1491 5.16 -2.03 -14.48
CA THR A 1491 6.49 -1.49 -14.16
C THR A 1491 6.89 -1.76 -12.71
N LEU A 1492 5.94 -1.73 -11.79
CA LEU A 1492 6.25 -2.05 -10.40
C LEU A 1492 6.68 -3.49 -10.29
N ASN A 1493 6.08 -4.37 -11.07
CA ASN A 1493 6.50 -5.76 -11.08
C ASN A 1493 7.96 -5.80 -11.45
N LEU A 1494 8.29 -5.29 -12.63
CA LEU A 1494 9.67 -5.32 -13.10
C LEU A 1494 10.63 -4.68 -12.11
N PHE A 1495 10.26 -3.53 -11.56
CA PHE A 1495 11.10 -2.86 -10.58
C PHE A 1495 11.35 -3.77 -9.39
N ILE A 1496 10.30 -4.23 -8.74
CA ILE A 1496 10.48 -5.06 -7.56
C ILE A 1496 11.29 -6.28 -7.94
N GLY A 1497 10.96 -6.88 -9.06
CA GLY A 1497 11.66 -8.05 -9.51
C GLY A 1497 13.14 -7.93 -9.69
N VAL A 1498 13.63 -6.86 -10.30
CA VAL A 1498 15.05 -6.79 -10.56
C VAL A 1498 15.80 -6.54 -9.27
N ILE A 1499 15.19 -5.84 -8.36
CA ILE A 1499 15.86 -5.51 -7.10
C ILE A 1499 15.90 -6.68 -6.15
N ILE A 1500 15.00 -7.65 -6.32
CA ILE A 1500 15.05 -8.87 -5.55
C ILE A 1500 15.89 -9.93 -6.23
N ASP A 1501 15.99 -9.89 -7.55
CA ASP A 1501 16.94 -10.74 -8.23
C ASP A 1501 18.37 -10.26 -8.06
N ASN A 1502 18.57 -8.98 -7.83
CA ASN A 1502 19.90 -8.46 -7.58
C ASN A 1502 20.31 -8.62 -6.13
N PHE A 1503 19.37 -8.41 -5.20
CA PHE A 1503 19.66 -8.69 -3.81
C PHE A 1503 20.01 -10.14 -3.57
N ASN A 1504 19.77 -11.01 -4.54
CA ASN A 1504 20.20 -12.39 -4.41
C ASN A 1504 21.60 -12.63 -4.94
N GLN A 1505 22.05 -11.87 -5.92
CA GLN A 1505 23.43 -12.00 -6.34
C GLN A 1505 24.38 -11.44 -5.31
N GLN A 1506 24.05 -10.31 -4.70
CA GLN A 1506 24.85 -9.83 -3.59
C GLN A 1506 24.92 -10.87 -2.48
N LYS A 1507 23.81 -11.53 -2.20
CA LYS A 1507 23.80 -12.53 -1.15
C LYS A 1507 24.68 -13.72 -1.54
N LYS A 1508 24.58 -14.15 -2.79
CA LYS A 1508 25.37 -15.29 -3.25
C LYS A 1508 26.87 -15.02 -3.19
N LYS A 1509 27.29 -13.82 -3.55
CA LYS A 1509 28.72 -13.50 -3.57
C LYS A 1509 29.38 -13.71 -2.21
N LEU A 1510 28.71 -13.30 -1.14
CA LEU A 1510 29.26 -13.50 0.21
C LEU A 1510 28.75 -14.81 0.83
N GLY A 1511 28.77 -15.89 0.06
CA GLY A 1511 28.39 -17.19 0.59
C GLY A 1511 27.05 -17.32 1.28
N GLY A 1512 25.98 -16.84 0.64
CA GLY A 1512 24.66 -16.99 1.20
C GLY A 1512 24.52 -16.51 2.63
N GLN A 1513 24.93 -15.28 2.89
CA GLN A 1513 24.80 -14.72 4.22
C GLN A 1513 24.00 -13.43 4.20
N ASP A 1514 23.32 -13.11 5.30
CA ASP A 1514 22.49 -11.92 5.35
C ASP A 1514 23.31 -10.69 5.06
N ILE A 1515 22.92 -9.95 4.02
CA ILE A 1515 23.65 -8.77 3.62
C ILE A 1515 23.23 -7.54 4.41
N PHE A 1516 22.50 -7.71 5.50
CA PHE A 1516 22.05 -6.57 6.29
C PHE A 1516 22.45 -6.68 7.75
N MET A 1517 23.35 -7.58 8.09
CA MET A 1517 23.77 -7.77 9.47
C MET A 1517 25.28 -7.63 9.56
N THR A 1518 25.75 -6.97 10.61
CA THR A 1518 27.17 -6.93 10.90
C THR A 1518 27.58 -8.20 11.62
N GLU A 1519 28.87 -8.31 11.94
CA GLU A 1519 29.39 -9.55 12.50
C GLU A 1519 28.74 -9.87 13.84
N GLU A 1520 28.77 -8.93 14.78
CA GLU A 1520 28.11 -9.15 16.06
C GLU A 1520 26.67 -9.56 15.86
N GLN A 1521 26.00 -8.96 14.89
CA GLN A 1521 24.61 -9.29 14.65
C GLN A 1521 24.47 -10.67 14.01
N LYS A 1522 25.43 -11.09 13.20
CA LYS A 1522 25.37 -12.45 12.67
C LYS A 1522 25.53 -13.48 13.79
N LYS A 1523 26.41 -13.21 14.75
CA LYS A 1523 26.57 -14.11 15.87
C LYS A 1523 25.29 -14.17 16.70
N TYR A 1524 24.74 -13.01 17.03
CA TYR A 1524 23.48 -13.00 17.77
C TYR A 1524 22.37 -13.68 16.99
N TYR A 1525 22.38 -13.55 15.67
CA TYR A 1525 21.37 -14.17 14.84
C TYR A 1525 21.47 -15.68 14.89
N ASN A 1526 22.68 -16.22 14.81
CA ASN A 1526 22.83 -17.67 14.91
C ASN A 1526 22.42 -18.16 16.29
N ALA A 1527 22.86 -17.47 17.33
CA ALA A 1527 22.49 -17.89 18.68
C ALA A 1527 20.99 -17.83 18.91
N MET A 1528 20.31 -16.89 18.25
CA MET A 1528 18.87 -16.78 18.43
C MET A 1528 18.11 -17.77 17.56
N LYS A 1529 18.65 -18.10 16.39
CA LYS A 1529 18.06 -19.18 15.60
C LYS A 1529 18.20 -20.51 16.31
N LYS A 1530 19.22 -20.65 17.15
CA LYS A 1530 19.29 -21.88 17.91
C LYS A 1530 18.21 -21.98 18.96
N LEU A 1531 17.25 -21.06 19.03
CA LEU A 1531 16.15 -21.17 19.99
C LEU A 1531 14.99 -21.98 19.44
N GLY A 1532 14.83 -22.01 18.13
CA GLY A 1532 13.73 -22.76 17.53
C GLY A 1532 14.05 -24.23 17.42
N SER A 1533 14.69 -24.76 18.46
CA SER A 1533 15.02 -26.17 18.52
C SER A 1533 13.90 -26.93 19.21
N LYS A 1534 13.99 -28.26 19.20
CA LYS A 1534 12.98 -29.14 19.76
C LYS A 1534 13.55 -30.04 20.84
N LYS A 1535 14.66 -29.62 21.46
CA LYS A 1535 15.31 -30.43 22.49
C LYS A 1535 14.39 -30.63 23.68
N PRO A 1536 13.91 -31.85 23.92
CA PRO A 1536 12.98 -32.09 25.04
C PRO A 1536 13.74 -32.33 26.33
N GLN A 1537 13.49 -31.49 27.32
CA GLN A 1537 14.09 -31.70 28.63
C GLN A 1537 13.21 -32.61 29.47
N LYS A 1538 13.72 -32.97 30.64
CA LYS A 1538 12.97 -33.83 31.49
C LYS A 1538 11.86 -33.04 32.11
N PRO A 1539 10.69 -33.63 32.24
CA PRO A 1539 9.64 -32.92 32.96
C PRO A 1539 10.02 -32.87 34.43
N ILE A 1540 9.49 -31.90 35.14
CA ILE A 1540 9.83 -31.77 36.54
C ILE A 1540 9.51 -33.04 37.29
N PRO A 1541 10.45 -33.46 38.15
CA PRO A 1541 10.15 -34.63 38.97
C PRO A 1541 8.99 -34.37 39.88
N ARG A 1542 8.08 -35.33 40.00
CA ARG A 1542 6.98 -35.17 40.92
C ARG A 1542 7.50 -35.12 42.34
N PRO A 1543 7.21 -34.06 43.06
CA PRO A 1543 7.57 -34.01 44.48
C PRO A 1543 6.99 -35.19 45.24
N GLY A 1544 7.55 -35.45 46.41
CA GLY A 1544 7.12 -36.55 47.24
C GLY A 1544 6.01 -36.17 48.21
N ASN A 1545 6.01 -34.91 48.64
CA ASN A 1545 4.98 -34.43 49.53
C ASN A 1545 3.62 -34.46 48.85
N LYS A 1546 2.78 -35.43 49.21
CA LYS A 1546 1.52 -35.63 48.49
C LYS A 1546 0.65 -34.39 48.53
N ILE A 1547 0.71 -33.64 49.63
CA ILE A 1547 -0.02 -32.38 49.71
C ILE A 1547 0.40 -31.45 48.58
N GLN A 1548 1.60 -31.64 48.05
CA GLN A 1548 2.02 -30.96 46.84
C GLN A 1548 1.87 -31.83 45.61
N GLY A 1549 1.91 -33.15 45.77
CA GLY A 1549 1.79 -34.03 44.62
C GLY A 1549 0.45 -33.94 43.94
N CYS A 1550 -0.62 -33.79 44.71
CA CYS A 1550 -1.95 -33.62 44.10
C CYS A 1550 -1.99 -32.35 43.28
N ILE A 1551 -1.55 -31.25 43.87
CA ILE A 1551 -1.52 -29.98 43.13
C ILE A 1551 -0.66 -30.11 41.89
N PHE A 1552 0.42 -30.88 41.97
CA PHE A 1552 1.29 -31.05 40.82
C PHE A 1552 0.59 -31.80 39.70
N ASP A 1553 0.07 -32.98 40.00
CA ASP A 1553 -0.61 -33.75 38.96
C ASP A 1553 -1.84 -33.02 38.45
N LEU A 1554 -2.35 -32.05 39.18
CA LEU A 1554 -3.43 -31.24 38.66
C LEU A 1554 -2.93 -30.18 37.68
N VAL A 1555 -1.91 -29.42 38.08
CA VAL A 1555 -1.53 -28.25 37.31
C VAL A 1555 -0.97 -28.65 35.94
N THR A 1556 -0.37 -29.83 35.83
CA THR A 1556 0.25 -30.25 34.58
C THR A 1556 -0.70 -30.98 33.65
N ASN A 1557 -1.95 -31.20 34.05
CA ASN A 1557 -2.92 -31.80 33.15
C ASN A 1557 -3.22 -30.84 32.00
N GLN A 1558 -3.47 -31.42 30.83
CA GLN A 1558 -3.77 -30.59 29.66
C GLN A 1558 -5.06 -29.81 29.84
N ALA A 1559 -6.03 -30.40 30.53
CA ALA A 1559 -7.27 -29.69 30.79
C ALA A 1559 -7.01 -28.38 31.52
N PHE A 1560 -5.98 -28.34 32.36
CA PHE A 1560 -5.67 -27.11 33.08
C PHE A 1560 -5.31 -26.00 32.11
N ASP A 1561 -4.43 -26.29 31.14
CA ASP A 1561 -4.04 -25.28 30.19
C ASP A 1561 -5.20 -24.88 29.29
N ILE A 1562 -6.05 -25.84 28.93
CA ILE A 1562 -7.21 -25.50 28.11
C ILE A 1562 -8.12 -24.55 28.86
N SER A 1563 -8.38 -24.84 30.14
CA SER A 1563 -9.23 -23.97 30.92
C SER A 1563 -8.62 -22.59 31.07
N ILE A 1564 -7.29 -22.53 31.26
CA ILE A 1564 -6.66 -21.22 31.36
C ILE A 1564 -6.81 -20.46 30.06
N MET A 1565 -6.70 -21.14 28.92
CA MET A 1565 -6.85 -20.46 27.65
C MET A 1565 -8.27 -19.90 27.49
N VAL A 1566 -9.28 -20.68 27.88
CA VAL A 1566 -10.62 -20.14 27.72
C VAL A 1566 -10.86 -19.01 28.71
N LEU A 1567 -10.15 -19.00 29.83
CA LEU A 1567 -10.26 -17.87 30.75
C LEU A 1567 -9.69 -16.61 30.12
N ILE A 1568 -8.55 -16.74 29.43
CA ILE A 1568 -7.93 -15.59 28.78
C ILE A 1568 -8.83 -15.06 27.67
N CYS A 1569 -9.47 -15.95 26.92
CA CYS A 1569 -10.40 -15.52 25.87
C CYS A 1569 -11.59 -14.80 26.47
N LEU A 1570 -12.07 -15.27 27.61
CA LEU A 1570 -13.18 -14.60 28.28
C LEU A 1570 -12.75 -13.22 28.75
N ASN A 1571 -11.52 -13.10 29.23
CA ASN A 1571 -10.99 -11.80 29.65
C ASN A 1571 -10.94 -10.88 28.45
N MET A 1572 -10.53 -11.40 27.30
CA MET A 1572 -10.51 -10.59 26.10
C MET A 1572 -11.91 -10.10 25.78
N VAL A 1573 -12.88 -11.00 25.79
CA VAL A 1573 -14.25 -10.62 25.44
C VAL A 1573 -14.76 -9.60 26.44
N THR A 1574 -14.25 -9.65 27.67
CA THR A 1574 -14.63 -8.66 28.67
C THR A 1574 -14.03 -7.31 28.35
N MET A 1575 -12.75 -7.28 27.97
CA MET A 1575 -12.15 -6.02 27.57
C MET A 1575 -12.85 -5.41 26.37
N MET A 1576 -13.41 -6.25 25.51
CA MET A 1576 -13.99 -5.74 24.27
C MET A 1576 -15.27 -4.98 24.51
N VAL A 1577 -15.97 -5.25 25.59
CA VAL A 1577 -17.34 -4.80 25.72
C VAL A 1577 -17.38 -3.36 26.21
N GLU A 1578 -16.22 -2.76 26.45
CA GLU A 1578 -16.20 -1.37 26.87
C GLU A 1578 -16.54 -0.47 25.70
N LYS A 1579 -17.06 0.71 26.02
CA LYS A 1579 -17.41 1.66 24.98
C LYS A 1579 -17.56 3.04 25.60
N GLU A 1580 -17.87 4.02 24.77
CA GLU A 1580 -17.87 5.41 25.18
C GLU A 1580 -19.14 5.72 25.96
N GLY A 1581 -18.97 6.29 27.15
CA GLY A 1581 -20.11 6.70 27.97
C GLY A 1581 -21.07 5.56 28.24
N GLN A 1582 -20.55 4.46 28.78
CA GLN A 1582 -21.36 3.26 28.89
C GLN A 1582 -22.39 3.38 30.01
N SER A 1583 -21.93 3.49 31.24
CA SER A 1583 -22.77 3.65 32.41
C SER A 1583 -21.92 3.68 33.66
N GLN A 1584 -22.52 3.92 34.81
CA GLN A 1584 -21.77 3.69 36.04
C GLN A 1584 -21.86 2.24 36.48
N HIS A 1585 -23.06 1.67 36.38
CA HIS A 1585 -23.28 0.29 36.78
C HIS A 1585 -22.39 -0.66 35.98
N MET A 1586 -22.41 -0.50 34.65
CA MET A 1586 -21.57 -1.35 33.81
C MET A 1586 -20.11 -1.17 34.14
N THR A 1587 -19.70 0.06 34.46
CA THR A 1587 -18.31 0.29 34.82
C THR A 1587 -17.93 -0.50 36.06
N GLU A 1588 -18.75 -0.43 37.10
CA GLU A 1588 -18.43 -1.17 38.32
C GLU A 1588 -18.41 -2.66 38.07
N VAL A 1589 -19.36 -3.16 37.28
CA VAL A 1589 -19.40 -4.58 36.98
C VAL A 1589 -18.12 -5.03 36.30
N LEU A 1590 -17.71 -4.28 35.28
CA LEU A 1590 -16.49 -4.64 34.58
C LEU A 1590 -15.28 -4.59 35.50
N TYR A 1591 -15.26 -3.62 36.40
CA TYR A 1591 -14.15 -3.53 37.33
C TYR A 1591 -14.04 -4.78 38.19
N TRP A 1592 -15.17 -5.21 38.75
CA TRP A 1592 -15.10 -6.38 39.60
C TRP A 1592 -14.80 -7.65 38.82
N ILE A 1593 -15.23 -7.72 37.56
CA ILE A 1593 -14.86 -8.88 36.75
C ILE A 1593 -13.37 -8.90 36.52
N ASN A 1594 -12.77 -7.75 36.23
CA ASN A 1594 -11.32 -7.70 36.06
C ASN A 1594 -10.64 -8.14 37.35
N VAL A 1595 -11.16 -7.71 38.50
CA VAL A 1595 -10.58 -8.14 39.76
C VAL A 1595 -10.62 -9.66 39.88
N VAL A 1596 -11.76 -10.26 39.53
CA VAL A 1596 -11.88 -11.70 39.64
C VAL A 1596 -10.88 -12.39 38.74
N PHE A 1597 -10.71 -11.90 37.52
CA PHE A 1597 -9.76 -12.52 36.61
C PHE A 1597 -8.34 -12.42 37.15
N ILE A 1598 -8.01 -11.27 37.74
CA ILE A 1598 -6.69 -11.12 38.33
C ILE A 1598 -6.49 -12.14 39.43
N ILE A 1599 -7.50 -12.31 40.29
CA ILE A 1599 -7.38 -13.28 41.36
C ILE A 1599 -7.20 -14.68 40.81
N LEU A 1600 -7.91 -15.01 39.75
CA LEU A 1600 -7.83 -16.36 39.20
C LEU A 1600 -6.44 -16.63 38.64
N PHE A 1601 -5.90 -15.72 37.86
CA PHE A 1601 -4.61 -16.04 37.28
C PHE A 1601 -3.52 -15.99 38.33
N THR A 1602 -3.71 -15.17 39.34
CA THR A 1602 -2.74 -15.14 40.40
C THR A 1602 -2.78 -16.49 41.00
N GLY A 1603 -3.96 -17.06 41.06
CA GLY A 1603 -4.10 -18.37 41.63
C GLY A 1603 -3.33 -19.43 40.89
N GLU A 1604 -3.37 -19.40 39.57
CA GLU A 1604 -2.61 -20.32 38.79
C GLU A 1604 -1.15 -20.11 39.01
N CYS A 1605 -0.72 -18.89 39.09
CA CYS A 1605 0.68 -18.71 39.37
C CYS A 1605 1.04 -19.33 40.68
N VAL A 1606 0.26 -19.10 41.72
CA VAL A 1606 0.68 -19.61 42.99
C VAL A 1606 0.70 -21.11 42.92
N LEU A 1607 -0.28 -21.72 42.29
CA LEU A 1607 -0.27 -23.17 42.30
C LEU A 1607 0.96 -23.67 41.57
N LYS A 1608 1.22 -23.16 40.39
CA LYS A 1608 2.47 -23.55 39.76
C LYS A 1608 3.63 -23.41 40.72
N LEU A 1609 3.68 -22.30 41.43
CA LEU A 1609 4.78 -22.06 42.35
C LEU A 1609 4.73 -22.89 43.58
N ILE A 1610 3.89 -23.89 43.65
CA ILE A 1610 3.98 -24.72 44.83
C ILE A 1610 4.30 -26.10 44.34
N SER A 1611 4.09 -26.34 43.06
CA SER A 1611 4.43 -27.62 42.49
C SER A 1611 5.76 -27.67 41.83
N LEU A 1612 6.00 -26.72 40.97
CA LEU A 1612 7.25 -26.65 40.33
C LEU A 1612 7.98 -25.76 41.28
N ARG A 1613 8.68 -26.33 42.24
CA ARG A 1613 9.25 -25.44 43.24
C ARG A 1613 10.25 -24.47 42.68
N HIS A 1614 11.21 -24.95 41.92
CA HIS A 1614 12.26 -24.10 41.39
C HIS A 1614 12.46 -24.43 39.97
N TYR A 1615 11.45 -24.99 39.36
CA TYR A 1615 11.55 -25.27 37.97
C TYR A 1615 10.58 -24.34 37.27
N TYR A 1616 9.86 -23.52 38.02
CA TYR A 1616 8.95 -22.58 37.39
C TYR A 1616 9.66 -21.45 36.68
N PHE A 1617 10.94 -21.25 36.97
CA PHE A 1617 11.73 -20.22 36.31
C PHE A 1617 12.67 -20.80 35.27
N THR A 1618 12.46 -22.05 34.87
CA THR A 1618 13.25 -22.63 33.81
C THR A 1618 12.60 -22.47 32.44
N VAL A 1619 11.38 -21.96 32.39
CA VAL A 1619 10.69 -21.73 31.12
C VAL A 1619 10.50 -20.24 30.93
N GLY A 1620 10.81 -19.75 29.74
CA GLY A 1620 10.61 -18.35 29.46
C GLY A 1620 9.16 -17.96 29.46
N TRP A 1621 8.29 -18.87 29.05
CA TRP A 1621 6.88 -18.57 29.08
C TRP A 1621 6.37 -18.41 30.50
N ASN A 1622 6.84 -19.25 31.42
CA ASN A 1622 6.46 -19.06 32.81
C ASN A 1622 7.02 -17.77 33.37
N ILE A 1623 8.20 -17.36 32.92
CA ILE A 1623 8.70 -16.06 33.33
C ILE A 1623 7.78 -14.97 32.83
N PHE A 1624 7.30 -15.08 31.60
CA PHE A 1624 6.38 -14.08 31.09
C PHE A 1624 5.09 -14.07 31.90
N ASP A 1625 4.61 -15.24 32.30
CA ASP A 1625 3.38 -15.28 33.09
C ASP A 1625 3.59 -14.64 34.45
N PHE A 1626 4.70 -14.95 35.10
CA PHE A 1626 5.03 -14.30 36.36
C PHE A 1626 5.07 -12.78 36.19
N VAL A 1627 5.70 -12.33 35.12
CA VAL A 1627 5.83 -10.90 34.89
C VAL A 1627 4.47 -10.25 34.69
N VAL A 1628 3.59 -10.90 33.91
CA VAL A 1628 2.31 -10.27 33.66
C VAL A 1628 1.46 -10.29 34.91
N VAL A 1629 1.61 -11.29 35.76
CA VAL A 1629 0.89 -11.28 37.03
C VAL A 1629 1.32 -10.08 37.86
N ILE A 1630 2.64 -9.92 38.02
CA ILE A 1630 3.16 -8.79 38.79
C ILE A 1630 2.66 -7.49 38.22
N ILE A 1631 2.72 -7.34 36.89
CA ILE A 1631 2.35 -6.09 36.26
C ILE A 1631 0.87 -5.81 36.46
N SER A 1632 0.03 -6.83 36.34
CA SER A 1632 -1.40 -6.63 36.48
C SER A 1632 -1.73 -6.18 37.89
N ILE A 1633 -1.15 -6.84 38.89
CA ILE A 1633 -1.43 -6.45 40.26
C ILE A 1633 -0.97 -5.03 40.53
N VAL A 1634 0.25 -4.71 40.10
CA VAL A 1634 0.76 -3.36 40.29
C VAL A 1634 -0.13 -2.35 39.61
N GLY A 1635 -0.57 -2.66 38.38
CA GLY A 1635 -1.41 -1.73 37.66
C GLY A 1635 -2.72 -1.48 38.38
N MET A 1636 -3.36 -2.53 38.87
CA MET A 1636 -4.61 -2.34 39.60
C MET A 1636 -4.40 -1.47 40.83
N PHE A 1637 -3.40 -1.82 41.65
CA PHE A 1637 -3.18 -1.07 42.88
C PHE A 1637 -2.87 0.39 42.58
N LEU A 1638 -1.94 0.62 41.67
CA LEU A 1638 -1.53 1.99 41.37
C LEU A 1638 -2.66 2.77 40.72
N ALA A 1639 -3.50 2.11 39.92
CA ALA A 1639 -4.62 2.82 39.32
C ALA A 1639 -5.59 3.30 40.38
N ASP A 1640 -5.99 2.41 41.30
CA ASP A 1640 -6.91 2.89 42.32
C ASP A 1640 -6.24 3.91 43.22
N LEU A 1641 -4.94 3.78 43.46
CA LEU A 1641 -4.24 4.75 44.28
C LEU A 1641 -4.28 6.13 43.65
N ILE A 1642 -4.02 6.21 42.35
CA ILE A 1642 -4.09 7.49 41.66
C ILE A 1642 -5.51 8.02 41.68
N GLU A 1643 -6.48 7.15 41.41
CA GLU A 1643 -7.87 7.61 41.37
C GLU A 1643 -8.29 8.21 42.69
N THR A 1644 -7.74 7.72 43.78
CA THR A 1644 -8.04 8.31 45.06
C THR A 1644 -7.25 9.58 45.27
N TYR A 1645 -5.95 9.45 45.49
CA TYR A 1645 -5.18 10.63 45.84
C TYR A 1645 -5.19 11.72 44.79
N PHE A 1646 -5.08 11.37 43.53
CA PHE A 1646 -5.02 12.44 42.57
C PHE A 1646 -6.04 12.37 41.47
N VAL A 1647 -5.83 13.15 40.45
CA VAL A 1647 -6.67 13.20 39.25
C VAL A 1647 -5.80 13.44 38.03
N SER A 1648 -5.76 12.49 37.12
CA SER A 1648 -5.04 12.66 35.85
C SER A 1648 -5.55 11.68 34.81
N PRO A 1649 -6.40 12.13 33.89
CA PRO A 1649 -7.06 11.19 32.98
C PRO A 1649 -6.09 10.46 32.06
N THR A 1650 -5.24 11.22 31.38
CA THR A 1650 -4.31 10.63 30.43
C THR A 1650 -3.42 9.61 31.12
N LEU A 1651 -2.86 9.99 32.26
CA LEU A 1651 -2.01 9.07 32.99
C LEU A 1651 -2.79 7.84 33.44
N PHE A 1652 -4.05 8.04 33.82
CA PHE A 1652 -4.86 6.92 34.25
C PHE A 1652 -5.06 5.91 33.12
N ARG A 1653 -5.32 6.41 31.92
CA ARG A 1653 -5.50 5.50 30.80
C ARG A 1653 -4.18 4.82 30.44
N VAL A 1654 -3.08 5.58 30.45
CA VAL A 1654 -1.80 4.98 30.16
C VAL A 1654 -1.46 3.89 31.16
N ILE A 1655 -1.93 4.03 32.40
CA ILE A 1655 -1.58 3.01 33.37
C ILE A 1655 -2.55 1.84 33.30
N ARG A 1656 -3.80 2.07 32.93
CA ARG A 1656 -4.70 0.95 32.66
C ARG A 1656 -4.23 0.12 31.49
N LEU A 1657 -3.42 0.73 30.62
CA LEU A 1657 -2.87 -0.03 29.50
C LEU A 1657 -2.15 -1.28 29.94
N ALA A 1658 -1.73 -1.37 31.19
CA ALA A 1658 -0.95 -2.52 31.63
C ALA A 1658 -1.73 -3.81 31.63
N ARG A 1659 -3.04 -3.75 31.80
CA ARG A 1659 -3.82 -4.98 31.89
C ARG A 1659 -3.88 -5.74 30.59
N ILE A 1660 -3.33 -5.19 29.51
CA ILE A 1660 -3.32 -5.91 28.25
C ILE A 1660 -2.40 -7.10 28.30
N GLY A 1661 -1.39 -7.07 29.16
CA GLY A 1661 -0.45 -8.18 29.24
C GLY A 1661 -1.12 -9.51 29.39
N ARG A 1662 -2.23 -9.57 30.13
CA ARG A 1662 -2.92 -10.84 30.31
C ARG A 1662 -3.46 -11.38 29.00
N ILE A 1663 -3.62 -10.53 27.99
CA ILE A 1663 -4.13 -10.98 26.70
C ILE A 1663 -3.02 -11.57 25.87
N LEU A 1664 -1.82 -11.03 25.98
CA LEU A 1664 -0.71 -11.50 25.17
C LEU A 1664 -0.35 -12.94 25.44
N ARG A 1665 -0.90 -13.55 26.48
CA ARG A 1665 -0.59 -14.95 26.75
C ARG A 1665 -1.30 -15.90 25.80
N LEU A 1666 -2.22 -15.41 24.97
CA LEU A 1666 -2.92 -16.28 24.05
C LEU A 1666 -2.00 -16.91 23.04
N VAL A 1667 -0.87 -16.28 22.73
CA VAL A 1667 0.01 -16.83 21.72
C VAL A 1667 0.74 -18.07 22.20
N LYS A 1668 0.62 -18.39 23.49
CA LYS A 1668 1.36 -19.53 24.02
C LYS A 1668 0.83 -20.85 23.46
N GLY A 1669 -0.45 -20.92 23.15
CA GLY A 1669 -1.03 -22.16 22.69
C GLY A 1669 -1.06 -22.31 21.19
N ALA A 1670 -1.17 -21.19 20.47
CA ALA A 1670 -1.30 -21.22 19.02
C ALA A 1670 0.03 -21.59 18.39
N LYS A 1671 0.22 -22.88 18.12
CA LYS A 1671 1.48 -23.38 17.60
C LYS A 1671 1.82 -22.84 16.22
N GLY A 1672 0.96 -22.04 15.62
CA GLY A 1672 1.25 -21.51 14.30
C GLY A 1672 1.59 -20.04 14.34
N ILE A 1673 1.03 -19.33 15.32
CA ILE A 1673 1.34 -17.91 15.46
C ILE A 1673 2.73 -17.73 16.02
N ARG A 1674 3.16 -18.62 16.92
CA ARG A 1674 4.51 -18.53 17.46
C ARG A 1674 5.54 -18.61 16.35
N THR A 1675 5.27 -19.36 15.29
CA THR A 1675 6.23 -19.44 14.20
C THR A 1675 6.42 -18.10 13.53
N LEU A 1676 5.32 -17.44 13.19
CA LEU A 1676 5.43 -16.16 12.51
C LEU A 1676 6.08 -15.12 13.40
N LEU A 1677 5.72 -15.10 14.68
CA LEU A 1677 6.36 -14.12 15.55
C LEU A 1677 7.84 -14.43 15.74
N PHE A 1678 8.21 -15.70 15.75
CA PHE A 1678 9.62 -16.04 15.79
C PHE A 1678 10.33 -15.53 14.56
N ALA A 1679 9.66 -15.58 13.42
CA ALA A 1679 10.25 -15.01 12.21
C ALA A 1679 10.49 -13.52 12.37
N LEU A 1680 9.51 -12.80 12.92
CA LEU A 1680 9.70 -11.37 13.17
C LEU A 1680 10.88 -11.12 14.09
N MET A 1681 10.98 -11.90 15.17
CA MET A 1681 12.11 -11.74 16.08
C MET A 1681 13.43 -12.02 15.39
N MET A 1682 13.46 -13.01 14.50
CA MET A 1682 14.66 -13.26 13.72
C MET A 1682 15.02 -12.04 12.90
N SER A 1683 14.03 -11.40 12.31
CA SER A 1683 14.32 -10.32 11.38
C SER A 1683 14.63 -9.00 12.06
N LEU A 1684 14.36 -8.88 13.35
CA LEU A 1684 14.55 -7.60 14.04
C LEU A 1684 15.88 -6.91 13.79
N PRO A 1685 17.03 -7.58 13.80
CA PRO A 1685 18.30 -6.84 13.62
C PRO A 1685 18.43 -6.11 12.28
N ALA A 1686 18.12 -6.79 11.19
CA ALA A 1686 18.22 -6.15 9.88
C ALA A 1686 17.28 -4.96 9.80
N LEU A 1687 16.06 -5.12 10.30
CA LEU A 1687 15.13 -4.00 10.35
C LEU A 1687 15.69 -2.88 11.19
N PHE A 1688 16.46 -3.20 12.22
CA PHE A 1688 17.05 -2.14 13.04
C PHE A 1688 18.06 -1.34 12.24
N ASN A 1689 18.93 -2.02 11.50
CA ASN A 1689 19.90 -1.29 10.69
C ASN A 1689 19.21 -0.42 9.65
N ILE A 1690 18.22 -0.99 8.96
CA ILE A 1690 17.51 -0.23 7.95
C ILE A 1690 16.80 0.95 8.57
N GLY A 1691 16.26 0.78 9.78
CA GLY A 1691 15.62 1.88 10.45
C GLY A 1691 16.61 2.97 10.81
N LEU A 1692 17.83 2.59 11.17
CA LEU A 1692 18.86 3.59 11.42
C LEU A 1692 19.10 4.42 10.18
N LEU A 1693 19.32 3.76 9.04
CA LEU A 1693 19.56 4.49 7.81
C LEU A 1693 18.39 5.39 7.47
N LEU A 1694 17.18 4.86 7.58
CA LEU A 1694 15.99 5.65 7.28
C LEU A 1694 15.89 6.85 8.18
N PHE A 1695 16.19 6.68 9.47
CA PHE A 1695 16.11 7.81 10.38
C PHE A 1695 17.14 8.86 10.04
N LEU A 1696 18.33 8.43 9.63
CA LEU A 1696 19.35 9.40 9.23
C LEU A 1696 18.88 10.21 8.03
N VAL A 1697 18.34 9.54 7.01
CA VAL A 1697 17.88 10.24 5.83
C VAL A 1697 16.75 11.19 6.19
N MET A 1698 15.82 10.71 7.02
CA MET A 1698 14.74 11.55 7.48
C MET A 1698 15.26 12.79 8.19
N PHE A 1699 16.32 12.62 8.97
CA PHE A 1699 16.91 13.75 9.68
C PHE A 1699 17.45 14.78 8.70
N ILE A 1700 18.21 14.32 7.71
CA ILE A 1700 18.78 15.24 6.73
C ILE A 1700 17.68 16.01 6.03
N TYR A 1701 16.67 15.29 5.56
CA TYR A 1701 15.60 15.96 4.84
C TYR A 1701 14.84 16.92 5.74
N ALA A 1702 14.88 16.70 7.02
CA ALA A 1702 14.15 17.55 7.87
C ALA A 1702 14.85 18.85 7.94
N ILE A 1703 16.15 18.81 8.05
CA ILE A 1703 16.90 20.03 8.16
C ILE A 1703 16.78 20.85 6.89
N PHE A 1704 16.80 20.24 5.71
CA PHE A 1704 16.58 21.04 4.50
C PHE A 1704 15.22 21.64 4.50
N GLY A 1705 14.26 20.89 4.94
CA GLY A 1705 12.95 21.42 4.90
C GLY A 1705 12.87 22.60 5.78
N MET A 1706 13.47 22.52 6.93
CA MET A 1706 13.32 23.61 7.85
C MET A 1706 14.01 24.80 7.27
N SER A 1707 15.08 24.55 6.56
CA SER A 1707 15.77 25.66 5.93
C SER A 1707 14.93 26.27 4.82
N ASN A 1708 14.36 25.44 3.96
CA ASN A 1708 13.73 25.95 2.74
C ASN A 1708 12.26 26.31 2.94
N PHE A 1709 11.43 25.34 3.33
CA PHE A 1709 9.99 25.49 3.31
C PHE A 1709 9.43 26.00 4.62
N ALA A 1710 10.24 26.70 5.40
CA ALA A 1710 9.75 27.15 6.69
C ALA A 1710 8.70 28.24 6.56
N TYR A 1711 8.66 28.95 5.44
CA TYR A 1711 7.80 30.11 5.33
C TYR A 1711 6.79 30.01 4.19
N VAL A 1712 6.60 28.83 3.62
CA VAL A 1712 5.65 28.74 2.52
C VAL A 1712 4.25 29.05 3.00
N LYS A 1713 3.36 29.33 2.06
CA LYS A 1713 1.98 29.62 2.36
C LYS A 1713 1.32 28.39 2.96
N LYS A 1714 0.14 28.59 3.54
CA LYS A 1714 -0.65 27.50 4.11
C LYS A 1714 -1.79 27.22 3.14
N GLU A 1715 -1.66 26.16 2.35
CA GLU A 1715 -2.67 25.84 1.36
C GLU A 1715 -3.38 24.52 1.67
N ASP A 1716 -2.65 23.41 1.77
CA ASP A 1716 -3.29 22.12 1.93
C ASP A 1716 -2.22 21.13 2.33
N GLY A 1717 -2.42 20.36 3.34
CA GLY A 1717 -1.32 19.54 3.74
C GLY A 1717 -0.39 20.38 4.55
N ILE A 1718 -0.31 21.68 4.31
CA ILE A 1718 0.50 22.49 5.19
C ILE A 1718 -0.48 23.30 5.95
N ASN A 1719 -0.56 23.06 7.25
CA ASN A 1719 -1.53 23.72 8.09
C ASN A 1719 -0.86 24.16 9.35
N ASP A 1720 -1.62 24.62 10.31
CA ASP A 1720 -1.06 25.05 11.57
C ASP A 1720 -0.14 24.04 12.16
N MET A 1721 -0.55 22.80 12.23
CA MET A 1721 0.29 21.76 12.71
C MET A 1721 0.71 21.23 11.39
N PHE A 1722 1.51 20.21 11.39
CA PHE A 1722 1.96 19.63 10.14
C PHE A 1722 2.51 20.68 9.19
N ASN A 1723 3.53 21.40 9.59
CA ASN A 1723 4.18 22.37 8.76
C ASN A 1723 5.63 22.01 8.82
N PHE A 1724 6.49 22.73 8.16
CA PHE A 1724 7.92 22.46 8.27
C PHE A 1724 8.62 23.44 9.14
N GLU A 1725 7.92 24.10 10.03
CA GLU A 1725 8.52 25.14 10.84
C GLU A 1725 9.49 24.74 11.93
N THR A 1726 9.19 23.78 12.76
CA THR A 1726 10.12 23.30 13.76
C THR A 1726 10.68 21.96 13.33
N PHE A 1727 11.45 21.35 14.22
CA PHE A 1727 11.98 20.03 13.91
C PHE A 1727 10.94 18.95 14.11
N GLY A 1728 10.11 19.08 15.14
CA GLY A 1728 9.08 18.09 15.37
C GLY A 1728 8.10 18.00 14.22
N ASN A 1729 7.60 19.14 13.77
CA ASN A 1729 6.63 19.14 12.68
C ASN A 1729 7.23 18.57 11.42
N SER A 1730 8.48 18.91 11.13
CA SER A 1730 9.11 18.38 9.93
C SER A 1730 9.28 16.87 10.03
N MET A 1731 9.72 16.37 11.18
CA MET A 1731 9.84 14.93 11.31
C MET A 1731 8.48 14.25 11.17
N ILE A 1732 7.43 14.90 11.66
CA ILE A 1732 6.10 14.31 11.55
C ILE A 1732 5.68 14.22 10.09
N CYS A 1733 5.80 15.32 9.36
CA CYS A 1733 5.43 15.30 7.95
C CYS A 1733 6.25 14.28 7.17
N LEU A 1734 7.54 14.20 7.48
CA LEU A 1734 8.38 13.26 6.76
C LEU A 1734 7.98 11.83 7.05
N PHE A 1735 7.69 11.52 8.32
CA PHE A 1735 7.24 10.17 8.61
C PHE A 1735 5.94 9.87 7.90
N GLN A 1736 5.06 10.86 7.79
CA GLN A 1736 3.83 10.65 7.05
C GLN A 1736 4.12 10.23 5.62
N ILE A 1737 4.87 11.06 4.88
CA ILE A 1737 5.06 10.78 3.46
C ILE A 1737 6.11 9.72 3.21
N THR A 1738 6.71 9.14 4.26
CA THR A 1738 7.56 7.98 4.05
C THR A 1738 6.78 6.87 3.37
N THR A 1739 5.53 6.67 3.76
CA THR A 1739 4.65 5.75 3.07
C THR A 1739 3.99 6.38 1.86
N SER A 1740 4.51 7.50 1.38
CA SER A 1740 4.04 8.22 0.21
C SER A 1740 2.62 8.74 0.36
N ALA A 1741 2.04 8.68 1.54
CA ALA A 1741 0.68 9.14 1.72
C ALA A 1741 0.61 10.65 1.61
N GLY A 1742 -0.23 11.14 0.70
CA GLY A 1742 -0.52 12.55 0.62
C GLY A 1742 0.67 13.43 0.35
N TRP A 1743 1.65 12.93 -0.41
CA TRP A 1743 2.79 13.78 -0.74
C TRP A 1743 2.42 14.87 -1.72
N ASP A 1744 1.43 14.64 -2.56
CA ASP A 1744 0.94 15.71 -3.41
C ASP A 1744 0.41 16.88 -2.59
N GLY A 1745 -0.21 16.59 -1.45
CA GLY A 1745 -0.69 17.67 -0.61
C GLY A 1745 0.43 18.54 -0.11
N LEU A 1746 1.55 17.93 0.27
CA LEU A 1746 2.69 18.72 0.70
C LEU A 1746 3.33 19.46 -0.45
N LEU A 1747 3.35 18.85 -1.64
CA LEU A 1747 4.01 19.51 -2.75
C LEU A 1747 3.22 20.70 -3.26
N ALA A 1748 1.90 20.61 -3.25
CA ALA A 1748 1.06 21.62 -3.88
C ALA A 1748 1.38 23.05 -3.47
N PRO A 1749 1.53 23.38 -2.19
CA PRO A 1749 1.78 24.78 -1.83
C PRO A 1749 3.15 25.28 -2.20
N ILE A 1750 4.08 24.39 -2.53
CA ILE A 1750 5.39 24.84 -2.95
C ILE A 1750 5.38 25.28 -4.40
N LEU A 1751 4.53 24.68 -5.22
CA LEU A 1751 4.63 24.92 -6.65
C LEU A 1751 4.22 26.32 -7.06
N ASN A 1752 3.50 27.06 -6.23
CA ASN A 1752 3.07 28.39 -6.62
C ASN A 1752 4.20 29.38 -6.35
N SER A 1753 4.50 30.21 -7.34
CA SER A 1753 5.64 31.11 -7.23
C SER A 1753 5.44 32.48 -7.83
N LYS A 1754 4.26 32.80 -8.34
CA LYS A 1754 4.00 34.14 -8.83
C LYS A 1754 2.67 34.62 -8.28
N PRO A 1755 2.52 35.93 -8.07
CA PRO A 1755 1.23 36.46 -7.72
C PRO A 1755 0.22 36.14 -8.82
N PRO A 1756 -1.06 36.02 -8.48
CA PRO A 1756 -1.63 36.22 -7.16
C PRO A 1756 -1.57 34.98 -6.28
N ASP A 1757 -0.81 33.98 -6.69
CA ASP A 1757 -0.74 32.76 -5.91
C ASP A 1757 0.00 32.96 -4.59
N CYS A 1758 1.13 33.64 -4.62
CA CYS A 1758 1.90 33.86 -3.40
C CYS A 1758 2.16 35.34 -3.22
N ASP A 1759 3.05 35.68 -2.32
CA ASP A 1759 3.53 37.04 -2.21
C ASP A 1759 5.01 37.03 -1.90
N PRO A 1760 5.86 37.52 -2.80
CA PRO A 1760 7.29 37.58 -2.50
C PRO A 1760 7.68 38.71 -1.56
N LYS A 1761 6.72 39.47 -1.06
CA LYS A 1761 6.98 40.57 -0.14
C LYS A 1761 6.26 40.39 1.19
N LYS A 1762 6.06 39.15 1.60
CA LYS A 1762 5.49 38.89 2.91
C LYS A 1762 6.43 39.39 4.00
N VAL A 1763 5.87 39.76 5.15
CA VAL A 1763 6.61 40.43 6.20
C VAL A 1763 7.11 39.47 7.26
N HIS A 1764 6.23 38.60 7.76
CA HIS A 1764 6.61 37.62 8.78
C HIS A 1764 7.11 38.27 10.05
N PRO A 1765 6.23 38.79 10.90
CA PRO A 1765 6.66 39.43 12.14
C PRO A 1765 7.60 38.54 12.94
N GLY A 1766 8.62 39.15 13.51
CA GLY A 1766 9.58 38.39 14.29
C GLY A 1766 10.69 37.77 13.50
N SER A 1767 10.81 38.08 12.21
CA SER A 1767 11.87 37.52 11.39
C SER A 1767 12.17 38.45 10.24
N SER A 1768 13.39 38.36 9.73
CA SER A 1768 13.84 39.20 8.65
C SER A 1768 13.62 38.59 7.28
N VAL A 1769 13.13 37.36 7.22
CA VAL A 1769 12.90 36.71 5.94
C VAL A 1769 11.68 37.31 5.30
N GLU A 1770 11.69 37.45 3.99
CA GLU A 1770 10.54 37.96 3.29
C GLU A 1770 9.97 37.01 2.29
N GLY A 1771 8.66 36.98 2.15
CA GLY A 1771 8.03 36.16 1.14
C GLY A 1771 7.56 34.78 1.50
N ASP A 1772 6.51 34.31 0.84
CA ASP A 1772 5.96 33.01 1.14
C ASP A 1772 5.91 32.05 0.00
N CYS A 1773 6.69 32.27 -1.03
CA CYS A 1773 6.63 31.44 -2.20
C CYS A 1773 7.74 30.46 -2.13
N GLY A 1774 7.55 29.20 -2.52
CA GLY A 1774 8.69 28.32 -2.56
C GLY A 1774 9.23 28.15 -3.96
N ASN A 1775 10.40 27.54 -4.03
CA ASN A 1775 11.10 27.34 -5.29
C ASN A 1775 10.62 26.05 -5.92
N PRO A 1776 9.87 26.09 -7.02
CA PRO A 1776 9.29 24.86 -7.56
C PRO A 1776 10.31 23.80 -7.89
N SER A 1777 11.43 24.17 -8.50
CA SER A 1777 12.43 23.17 -8.84
C SER A 1777 12.96 22.50 -7.58
N VAL A 1778 13.27 23.29 -6.57
CA VAL A 1778 13.77 22.73 -5.32
C VAL A 1778 12.74 21.79 -4.71
N GLY A 1779 11.49 22.22 -4.65
CA GLY A 1779 10.47 21.40 -4.01
C GLY A 1779 10.22 20.11 -4.76
N ILE A 1780 10.16 20.18 -6.09
CA ILE A 1780 9.95 18.99 -6.89
C ILE A 1780 11.08 18.01 -6.68
N PHE A 1781 12.32 18.48 -6.78
CA PHE A 1781 13.44 17.60 -6.54
C PHE A 1781 13.36 16.99 -5.16
N TYR A 1782 13.08 17.82 -4.15
CA TYR A 1782 12.96 17.37 -2.78
C TYR A 1782 12.01 16.21 -2.65
N PHE A 1783 10.74 16.43 -3.02
CA PHE A 1783 9.72 15.43 -2.76
C PHE A 1783 9.90 14.19 -3.64
N VAL A 1784 10.22 14.38 -4.91
CA VAL A 1784 10.40 13.23 -5.78
C VAL A 1784 11.54 12.37 -5.28
N SER A 1785 12.68 12.99 -4.99
CA SER A 1785 13.81 12.24 -4.47
C SER A 1785 13.45 11.53 -3.19
N TYR A 1786 12.69 12.19 -2.31
CA TYR A 1786 12.40 11.56 -1.03
C TYR A 1786 11.51 10.35 -1.20
N ILE A 1787 10.44 10.47 -1.98
CA ILE A 1787 9.58 9.31 -2.11
C ILE A 1787 10.29 8.20 -2.85
N ILE A 1788 11.21 8.54 -3.77
CA ILE A 1788 11.94 7.49 -4.45
C ILE A 1788 12.87 6.78 -3.48
N ILE A 1789 13.53 7.53 -2.60
CA ILE A 1789 14.43 6.89 -1.64
C ILE A 1789 13.64 6.04 -0.68
N SER A 1790 12.50 6.52 -0.22
CA SER A 1790 11.67 5.71 0.66
C SER A 1790 11.24 4.44 -0.03
N PHE A 1791 10.80 4.54 -1.28
CA PHE A 1791 10.41 3.33 -2.00
C PHE A 1791 11.60 2.39 -2.15
N LEU A 1792 12.79 2.95 -2.36
CA LEU A 1792 13.96 2.11 -2.51
C LEU A 1792 14.30 1.38 -1.23
N VAL A 1793 14.06 2.00 -0.08
CA VAL A 1793 14.52 1.39 1.16
C VAL A 1793 13.37 0.70 1.88
N VAL A 1794 12.43 1.49 2.39
CA VAL A 1794 11.46 0.96 3.34
C VAL A 1794 10.51 -0.02 2.71
N VAL A 1795 10.53 -0.10 1.40
CA VAL A 1795 9.63 -1.02 0.84
C VAL A 1795 10.45 -2.16 0.39
N ASN A 1796 11.28 -1.96 -0.61
CA ASN A 1796 11.95 -3.11 -1.15
C ASN A 1796 12.84 -3.82 -0.17
N MET A 1797 13.63 -3.10 0.58
CA MET A 1797 14.51 -3.77 1.48
C MET A 1797 13.78 -4.46 2.58
N TYR A 1798 12.73 -3.84 3.08
CA TYR A 1798 12.04 -4.42 4.17
C TYR A 1798 11.54 -5.71 3.63
N ILE A 1799 10.98 -5.70 2.44
CA ILE A 1799 10.38 -6.90 1.94
C ILE A 1799 11.40 -7.96 1.78
N ALA A 1800 12.54 -7.62 1.26
CA ALA A 1800 13.50 -8.66 1.04
C ALA A 1800 13.87 -9.30 2.34
N VAL A 1801 14.12 -8.49 3.34
CA VAL A 1801 14.47 -9.03 4.65
C VAL A 1801 13.44 -10.06 5.08
N ILE A 1802 12.18 -9.67 5.09
CA ILE A 1802 11.18 -10.55 5.65
C ILE A 1802 10.96 -11.76 4.75
N LEU A 1803 11.10 -11.59 3.45
CA LEU A 1803 10.89 -12.68 2.51
C LEU A 1803 11.95 -13.75 2.62
N GLU A 1804 13.01 -13.49 3.35
CA GLU A 1804 14.00 -14.49 3.65
C GLU A 1804 13.92 -15.01 5.07
N ASN A 1805 13.65 -14.15 6.04
CA ASN A 1805 13.50 -14.63 7.41
C ASN A 1805 12.29 -15.54 7.54
N PHE A 1806 11.21 -15.24 6.83
CA PHE A 1806 10.04 -16.10 6.87
C PHE A 1806 10.37 -17.49 6.35
N SER A 1807 11.03 -17.53 5.19
CA SER A 1807 11.49 -18.82 4.67
C SER A 1807 12.30 -19.55 5.72
N VAL A 1808 13.33 -18.90 6.26
CA VAL A 1808 14.21 -19.54 7.24
C VAL A 1808 13.40 -20.14 8.37
N ALA A 1809 12.52 -19.35 8.97
CA ALA A 1809 11.72 -19.83 10.09
C ALA A 1809 10.88 -21.03 9.69
N THR A 1810 10.18 -20.92 8.57
CA THR A 1810 9.24 -21.97 8.23
C THR A 1810 10.00 -23.16 7.67
N GLU A 1811 11.22 -23.35 8.13
CA GLU A 1811 11.94 -24.54 7.71
C GLU A 1811 12.13 -25.48 8.88
N GLU A 1812 11.32 -25.36 9.91
CA GLU A 1812 11.76 -25.78 11.24
C GLU A 1812 12.16 -27.25 11.28
N SER A 1813 11.42 -28.09 10.57
CA SER A 1813 11.78 -29.48 10.47
C SER A 1813 13.19 -29.60 9.90
N THR A 1814 14.20 -29.59 10.75
CA THR A 1814 15.59 -29.56 10.26
C THR A 1814 16.58 -30.69 10.60
N GLU A 1815 17.10 -30.68 11.83
CA GLU A 1815 18.11 -31.66 12.28
C GLU A 1815 18.14 -33.09 11.75
N PRO A 1816 19.21 -33.45 11.03
CA PRO A 1816 19.36 -34.84 10.60
C PRO A 1816 20.51 -35.47 11.38
N LEU A 1817 20.24 -36.54 12.13
CA LEU A 1817 21.31 -37.10 12.99
C LEU A 1817 21.50 -38.62 12.94
N SER A 1818 22.75 -39.08 13.02
CA SER A 1818 23.07 -40.51 13.01
C SER A 1818 24.49 -40.69 13.57
N GLU A 1819 24.82 -41.89 14.02
CA GLU A 1819 26.14 -42.09 14.63
C GLU A 1819 27.11 -42.89 13.76
N ASP A 1820 28.41 -42.79 14.06
CA ASP A 1820 29.41 -43.56 13.33
C ASP A 1820 29.26 -45.03 13.63
N ASP A 1821 28.55 -45.73 12.76
CA ASP A 1821 28.41 -47.17 12.91
C ASP A 1821 29.40 -47.82 11.97
N PHE A 1822 30.26 -47.02 11.35
CA PHE A 1822 31.23 -47.53 10.38
C PHE A 1822 32.02 -48.76 10.83
N GLU A 1823 32.11 -49.04 12.12
CA GLU A 1823 32.90 -50.24 12.44
C GLU A 1823 32.27 -51.49 11.85
N MET A 1824 30.93 -51.54 11.81
CA MET A 1824 30.25 -52.68 11.19
C MET A 1824 30.55 -52.76 9.70
N PHE A 1825 30.79 -51.60 9.07
CA PHE A 1825 31.21 -51.59 7.67
C PHE A 1825 32.57 -52.25 7.50
N TYR A 1826 33.48 -52.04 8.45
CA TYR A 1826 34.81 -52.65 8.36
C TYR A 1826 34.79 -54.12 8.77
N GLU A 1827 33.94 -54.50 9.74
CA GLU A 1827 33.84 -55.90 10.12
C GLU A 1827 33.40 -56.77 8.95
N VAL A 1828 32.53 -56.24 8.09
CA VAL A 1828 32.12 -56.97 6.90
C VAL A 1828 33.19 -56.89 5.82
N TRP A 1829 33.99 -55.82 5.82
CA TRP A 1829 35.01 -55.66 4.79
C TRP A 1829 36.10 -56.73 4.91
N GLU A 1830 36.43 -57.14 6.14
CA GLU A 1830 37.50 -58.11 6.33
C GLU A 1830 37.14 -59.48 5.77
N LYS A 1831 35.88 -59.87 5.84
CA LYS A 1831 35.48 -61.20 5.37
C LYS A 1831 35.54 -61.31 3.85
N PHE A 1832 35.56 -60.19 3.14
CA PHE A 1832 35.72 -60.19 1.69
C PHE A 1832 37.08 -59.66 1.24
N ASP A 1833 37.79 -58.92 2.09
CA ASP A 1833 39.14 -58.44 1.81
C ASP A 1833 40.05 -58.94 2.92
N PRO A 1834 40.44 -60.21 2.88
CA PRO A 1834 41.28 -60.74 3.98
C PRO A 1834 42.69 -60.17 4.00
N ASP A 1835 43.22 -59.77 2.85
CA ASP A 1835 44.57 -59.23 2.77
C ASP A 1835 44.62 -57.73 3.07
N ALA A 1836 43.48 -57.10 3.28
CA ALA A 1836 43.40 -55.68 3.65
C ALA A 1836 44.08 -54.79 2.61
N THR A 1837 43.77 -55.04 1.33
CA THR A 1837 44.32 -54.26 0.24
C THR A 1837 43.50 -53.01 -0.07
N GLN A 1838 42.35 -52.83 0.59
CA GLN A 1838 41.43 -51.71 0.42
C GLN A 1838 40.69 -51.76 -0.91
N PHE A 1839 40.71 -52.90 -1.61
CA PHE A 1839 40.04 -53.06 -2.89
C PHE A 1839 39.24 -54.35 -2.93
N ILE A 1840 38.10 -54.34 -3.63
CA ILE A 1840 37.30 -55.53 -3.87
C ILE A 1840 36.84 -55.55 -5.32
N GLU A 1841 36.44 -56.74 -5.77
CA GLU A 1841 35.98 -56.92 -7.14
C GLU A 1841 34.54 -56.42 -7.31
N PHE A 1842 34.21 -56.04 -8.55
CA PHE A 1842 32.87 -55.58 -8.84
C PHE A 1842 31.83 -56.68 -8.64
N SER A 1843 32.20 -57.92 -8.96
CA SER A 1843 31.28 -59.04 -8.76
C SER A 1843 30.97 -59.25 -7.28
N LYS A 1844 31.95 -59.03 -6.42
CA LYS A 1844 31.74 -59.14 -4.99
C LYS A 1844 31.00 -57.95 -4.40
N LEU A 1845 30.82 -56.87 -5.18
CA LEU A 1845 30.07 -55.71 -4.69
C LEU A 1845 28.60 -56.06 -4.47
N SER A 1846 28.06 -56.99 -5.26
CA SER A 1846 26.65 -57.33 -5.17
C SER A 1846 26.28 -58.07 -3.90
N ASP A 1847 27.26 -58.69 -3.23
CA ASP A 1847 26.98 -59.41 -1.99
C ASP A 1847 27.48 -58.70 -0.74
N PHE A 1848 28.57 -57.93 -0.85
CA PHE A 1848 29.01 -57.11 0.28
C PHE A 1848 27.90 -56.17 0.74
N ALA A 1849 27.26 -55.50 -0.21
CA ALA A 1849 26.12 -54.65 0.10
C ALA A 1849 24.94 -55.42 0.66
N ALA A 1850 24.91 -56.74 0.49
CA ALA A 1850 23.86 -57.58 1.03
C ALA A 1850 24.26 -58.28 2.32
N ALA A 1851 25.49 -58.08 2.78
CA ALA A 1851 25.95 -58.61 4.06
C ALA A 1851 26.05 -57.55 5.13
N LEU A 1852 25.85 -56.29 4.79
CA LEU A 1852 25.87 -55.22 5.77
C LEU A 1852 24.54 -55.12 6.49
N ASP A 1853 24.57 -54.61 7.71
CA ASP A 1853 23.35 -54.38 8.48
C ASP A 1853 22.79 -53.00 8.17
N PRO A 1854 21.51 -52.78 8.47
CA PRO A 1854 20.94 -51.46 8.26
C PRO A 1854 21.65 -50.41 9.10
N PRO A 1855 21.62 -49.14 8.68
CA PRO A 1855 20.92 -48.62 7.50
C PRO A 1855 21.71 -48.77 6.19
N LEU A 1856 22.96 -49.21 6.28
CA LEU A 1856 23.77 -49.43 5.08
C LEU A 1856 23.41 -50.73 4.36
N LEU A 1857 22.46 -51.50 4.88
CA LEU A 1857 22.00 -52.70 4.19
C LEU A 1857 21.38 -52.35 2.85
N ILE A 1858 21.73 -53.14 1.84
CA ILE A 1858 21.11 -53.06 0.51
C ILE A 1858 20.59 -54.46 0.20
N ALA A 1859 19.28 -54.63 0.21
CA ALA A 1859 18.68 -55.94 0.03
C ALA A 1859 18.67 -56.34 -1.44
N LYS A 1860 18.47 -57.64 -1.68
CA LYS A 1860 18.38 -58.14 -3.05
C LYS A 1860 17.14 -57.57 -3.73
N PRO A 1861 17.26 -57.14 -5.00
CA PRO A 1861 18.51 -57.11 -5.77
C PRO A 1861 19.31 -55.83 -5.59
N ASN A 1862 20.56 -55.97 -5.13
CA ASN A 1862 21.41 -54.80 -4.92
C ASN A 1862 21.89 -54.20 -6.23
N LYS A 1863 21.84 -54.96 -7.32
CA LYS A 1863 22.52 -54.57 -8.55
C LYS A 1863 21.94 -53.28 -9.14
N VAL A 1864 20.62 -53.09 -9.06
CA VAL A 1864 19.99 -51.95 -9.72
C VAL A 1864 20.37 -50.64 -9.02
N GLN A 1865 20.46 -50.66 -7.69
CA GLN A 1865 20.86 -49.45 -6.97
C GLN A 1865 22.36 -49.24 -7.01
N LEU A 1866 23.14 -50.33 -7.03
CA LEU A 1866 24.59 -50.22 -6.98
C LEU A 1866 25.14 -49.56 -8.24
N ILE A 1867 24.53 -49.80 -9.39
CA ILE A 1867 25.03 -49.21 -10.63
C ILE A 1867 24.64 -47.74 -10.75
N ALA A 1868 23.54 -47.33 -10.12
CA ALA A 1868 23.15 -45.92 -10.16
C ALA A 1868 24.02 -45.04 -9.28
N MET A 1869 24.94 -45.62 -8.52
CA MET A 1869 25.82 -44.87 -7.64
C MET A 1869 27.19 -44.59 -8.27
N ASP A 1870 27.38 -44.98 -9.53
CA ASP A 1870 28.50 -44.58 -10.40
C ASP A 1870 29.83 -44.49 -9.64
N LEU A 1871 30.17 -45.57 -8.95
CA LEU A 1871 31.42 -45.64 -8.22
C LEU A 1871 32.61 -45.63 -9.18
N PRO A 1872 33.66 -44.88 -8.88
CA PRO A 1872 34.86 -44.94 -9.72
C PRO A 1872 35.58 -46.27 -9.57
N MET A 1873 36.26 -46.68 -10.64
CA MET A 1873 36.84 -48.01 -10.73
C MET A 1873 38.32 -47.92 -11.11
N VAL A 1874 39.13 -48.73 -10.45
CA VAL A 1874 40.56 -48.80 -10.74
C VAL A 1874 40.79 -49.92 -11.73
N SER A 1875 41.97 -49.90 -12.37
CA SER A 1875 42.35 -50.95 -13.31
C SER A 1875 42.24 -52.32 -12.65
N GLY A 1876 41.69 -53.28 -13.40
CA GLY A 1876 41.44 -54.60 -12.86
C GLY A 1876 40.04 -54.86 -12.38
N ASP A 1877 39.08 -54.02 -12.76
CA ASP A 1877 37.68 -54.17 -12.36
C ASP A 1877 37.54 -54.17 -10.83
N ARG A 1878 38.27 -53.28 -10.19
CA ARG A 1878 38.36 -53.22 -8.74
C ARG A 1878 37.89 -51.85 -8.24
N ILE A 1879 37.34 -51.83 -7.04
CA ILE A 1879 36.77 -50.63 -6.44
C ILE A 1879 37.40 -50.39 -5.08
N HIS A 1880 37.65 -49.13 -4.75
CA HIS A 1880 38.30 -48.73 -3.51
C HIS A 1880 37.30 -48.74 -2.35
N CYS A 1881 37.83 -48.85 -1.14
CA CYS A 1881 36.97 -48.95 0.05
C CYS A 1881 36.34 -47.62 0.41
N LEU A 1882 37.08 -46.52 0.26
CA LEU A 1882 36.51 -45.22 0.59
C LEU A 1882 35.45 -44.80 -0.43
N ASP A 1883 35.56 -45.29 -1.67
CA ASP A 1883 34.54 -44.99 -2.67
C ASP A 1883 33.19 -45.56 -2.27
N ILE A 1884 33.16 -46.84 -1.92
CA ILE A 1884 31.90 -47.49 -1.55
C ILE A 1884 31.43 -46.98 -0.19
N LEU A 1885 32.36 -46.66 0.71
CA LEU A 1885 31.99 -46.09 2.00
C LEU A 1885 31.28 -44.75 1.81
N PHE A 1886 31.88 -43.84 1.05
CA PHE A 1886 31.25 -42.55 0.78
C PHE A 1886 29.95 -42.72 0.02
N ALA A 1887 29.87 -43.72 -0.87
CA ALA A 1887 28.65 -43.94 -1.64
C ALA A 1887 27.51 -44.39 -0.74
N PHE A 1888 27.81 -45.17 0.29
CA PHE A 1888 26.75 -45.68 1.17
C PHE A 1888 26.35 -44.64 2.21
N THR A 1889 27.32 -43.94 2.80
CA THR A 1889 27.01 -42.87 3.73
C THR A 1889 26.19 -41.77 3.07
N LYS A 1890 26.43 -41.54 1.77
CA LYS A 1890 25.62 -40.57 1.03
C LYS A 1890 24.19 -41.05 0.89
N ARG A 1891 23.98 -42.36 0.73
CA ARG A 1891 22.63 -42.88 0.54
C ARG A 1891 21.76 -42.70 1.78
N VAL A 1892 22.37 -42.73 2.96
CA VAL A 1892 21.60 -42.54 4.19
C VAL A 1892 21.49 -41.07 4.55
N LEU A 1893 22.55 -40.30 4.32
CA LEU A 1893 22.58 -38.89 4.71
C LEU A 1893 22.02 -37.96 3.64
N GLY A 1894 22.22 -38.29 2.37
CA GLY A 1894 21.72 -37.46 1.29
C GLY A 1894 22.76 -36.47 0.78
N GLU A 1895 22.28 -35.49 0.03
CA GLU A 1895 23.13 -34.47 -0.59
C GLU A 1895 23.15 -33.25 0.32
N SER A 1896 23.88 -33.37 1.42
CA SER A 1896 24.04 -32.28 2.37
C SER A 1896 25.33 -31.53 2.11
N GLY A 1897 25.43 -30.34 2.70
CA GLY A 1897 26.63 -29.54 2.54
C GLY A 1897 27.82 -30.11 3.28
N GLU A 1898 27.58 -30.71 4.45
CA GLU A 1898 28.65 -31.37 5.19
C GLU A 1898 29.13 -32.64 4.50
N MET A 1899 28.33 -33.18 3.57
CA MET A 1899 28.74 -34.38 2.84
C MET A 1899 29.99 -34.12 2.00
N ASP A 1900 30.08 -32.95 1.36
CA ASP A 1900 31.29 -32.61 0.65
C ASP A 1900 32.39 -32.13 1.60
N SER A 1901 32.00 -31.54 2.73
CA SER A 1901 32.98 -31.12 3.71
C SER A 1901 33.66 -32.33 4.34
N LEU A 1902 32.89 -33.38 4.63
CA LEU A 1902 33.49 -34.59 5.20
C LEU A 1902 34.40 -35.28 4.19
N ARG A 1903 33.96 -35.38 2.94
CA ARG A 1903 34.74 -36.07 1.92
C ARG A 1903 36.10 -35.43 1.75
N SER A 1904 36.16 -34.09 1.81
CA SER A 1904 37.45 -33.42 1.77
C SER A 1904 38.35 -33.86 2.92
N GLN A 1905 37.77 -34.09 4.10
CA GLN A 1905 38.55 -34.59 5.22
C GLN A 1905 38.87 -36.07 5.05
N MET A 1906 37.92 -36.86 4.52
CA MET A 1906 38.15 -38.29 4.37
C MET A 1906 39.18 -38.57 3.29
N GLU A 1907 39.16 -37.82 2.19
CA GLU A 1907 40.17 -38.02 1.16
C GLU A 1907 41.54 -37.49 1.59
N GLU A 1908 41.56 -36.44 2.40
CA GLU A 1908 42.84 -35.88 2.83
C GLU A 1908 43.50 -36.75 3.90
N ARG A 1909 42.71 -37.25 4.86
CA ARG A 1909 43.28 -38.10 5.90
C ARG A 1909 43.81 -39.41 5.31
N PHE A 1910 43.28 -39.83 4.16
CA PHE A 1910 43.81 -41.00 3.48
C PHE A 1910 45.05 -40.66 2.67
N MET A 1911 45.07 -39.50 2.02
CA MET A 1911 46.25 -39.06 1.30
C MET A 1911 47.44 -38.91 2.23
N SER A 1912 47.19 -38.50 3.48
CA SER A 1912 48.27 -38.38 4.45
C SER A 1912 48.73 -39.73 4.98
N ALA A 1913 47.92 -40.78 4.83
CA ALA A 1913 48.31 -42.10 5.29
C ALA A 1913 48.85 -42.99 4.18
N ASN A 1914 48.44 -42.75 2.93
CA ASN A 1914 48.87 -43.55 1.78
C ASN A 1914 49.36 -42.63 0.68
N PRO A 1915 50.67 -42.32 0.66
CA PRO A 1915 51.20 -41.48 -0.42
C PRO A 1915 51.28 -42.16 -1.77
N SER A 1916 50.98 -43.44 -1.87
CA SER A 1916 51.05 -44.18 -3.13
C SER A 1916 49.85 -43.81 -3.99
N LYS A 1917 49.98 -42.68 -4.70
CA LYS A 1917 48.91 -42.19 -5.55
C LYS A 1917 48.72 -43.02 -6.80
N VAL A 1918 49.73 -43.81 -7.20
CA VAL A 1918 49.68 -44.49 -8.49
C VAL A 1918 48.56 -45.53 -8.54
N SER A 1919 48.25 -46.16 -7.41
CA SER A 1919 47.29 -47.25 -7.36
C SER A 1919 45.85 -46.78 -7.20
N TYR A 1920 45.58 -45.50 -7.41
CA TYR A 1920 44.24 -44.95 -7.20
C TYR A 1920 43.63 -44.33 -8.45
N GLU A 1921 44.32 -44.37 -9.58
CA GLU A 1921 43.81 -43.72 -10.79
C GLU A 1921 42.53 -44.41 -11.27
N PRO A 1922 41.38 -43.71 -11.30
CA PRO A 1922 40.14 -44.35 -11.74
C PRO A 1922 40.04 -44.36 -13.26
N ILE A 1923 39.71 -45.52 -13.82
CA ILE A 1923 39.62 -45.66 -15.27
C ILE A 1923 38.17 -45.56 -15.75
N THR A 1924 37.23 -46.17 -15.04
CA THR A 1924 35.81 -46.15 -15.42
C THR A 1924 34.98 -46.00 -14.15
N THR A 1925 33.67 -45.88 -14.35
CA THR A 1925 32.70 -45.89 -13.26
C THR A 1925 31.66 -46.96 -13.54
N THR A 1926 30.92 -47.33 -12.49
CA THR A 1926 29.91 -48.38 -12.63
C THR A 1926 28.80 -47.98 -13.61
N LEU A 1927 28.44 -46.69 -13.64
CA LEU A 1927 27.37 -46.26 -14.55
C LEU A 1927 27.86 -46.26 -16.00
N LYS A 1928 29.11 -45.83 -16.23
CA LYS A 1928 29.65 -45.89 -17.57
C LYS A 1928 29.85 -47.33 -18.02
N ARG A 1929 30.38 -48.18 -17.12
CA ARG A 1929 30.71 -49.55 -17.49
C ARG A 1929 29.47 -50.32 -17.94
N LYS A 1930 28.35 -50.15 -17.25
CA LYS A 1930 27.12 -50.82 -17.67
C LYS A 1930 26.64 -50.29 -19.02
N GLN A 1931 26.94 -49.04 -19.35
CA GLN A 1931 26.61 -48.53 -20.67
C GLN A 1931 27.55 -49.09 -21.74
N GLU A 1932 28.80 -49.39 -21.37
CA GLU A 1932 29.68 -50.08 -22.30
C GLU A 1932 29.21 -51.50 -22.56
N ASP A 1933 28.69 -52.18 -21.53
CA ASP A 1933 28.19 -53.53 -21.71
C ASP A 1933 26.99 -53.56 -22.66
N VAL A 1934 26.00 -52.72 -22.40
CA VAL A 1934 24.80 -52.68 -23.24
C VAL A 1934 25.12 -52.03 -24.59
N GLY B 20 4.62 33.27 9.28
CA GLY B 20 4.59 32.64 10.58
C GLY B 20 4.96 33.57 11.70
N CYS B 21 3.96 34.03 12.44
CA CYS B 21 4.19 34.95 13.55
C CYS B 21 4.92 34.23 14.68
N VAL B 22 5.95 34.89 15.21
CA VAL B 22 6.75 34.34 16.31
C VAL B 22 6.89 35.43 17.35
N GLU B 23 6.40 35.18 18.56
CA GLU B 23 6.40 36.19 19.61
C GLU B 23 7.81 36.32 20.17
N VAL B 24 8.52 37.35 19.80
CA VAL B 24 9.83 37.56 20.34
C VAL B 24 9.65 38.65 21.36
N ASP B 25 10.68 38.93 22.12
CA ASP B 25 10.57 39.93 23.15
C ASP B 25 11.65 40.94 23.00
N SER B 26 11.41 42.12 23.50
CA SER B 26 12.34 43.20 23.26
C SER B 26 13.58 43.21 24.04
N GLU B 27 14.50 44.05 23.63
CA GLU B 27 15.71 44.27 24.40
C GLU B 27 15.45 45.31 25.47
N THR B 28 16.25 45.26 26.53
CA THR B 28 16.00 46.09 27.70
C THR B 28 17.08 47.14 27.93
N GLU B 29 17.89 47.42 26.92
CA GLU B 29 18.97 48.40 27.07
C GLU B 29 19.14 49.16 25.76
N ALA B 30 18.95 50.47 25.81
CA ALA B 30 19.17 51.32 24.65
C ALA B 30 20.38 52.20 24.90
N VAL B 31 21.05 52.57 23.81
CA VAL B 31 22.26 53.36 23.86
C VAL B 31 21.90 54.82 23.71
N TYR B 32 22.42 55.65 24.60
CA TYR B 32 22.10 57.07 24.59
C TYR B 32 22.37 57.67 23.21
N GLY B 33 21.57 58.66 22.84
CA GLY B 33 21.78 59.41 21.62
C GLY B 33 21.46 58.68 20.33
N MET B 34 21.17 57.39 20.38
CA MET B 34 20.92 56.60 19.19
C MET B 34 19.43 56.41 19.00
N THR B 35 19.07 55.53 18.07
CA THR B 35 17.70 55.13 17.83
C THR B 35 17.49 53.71 18.37
N PHE B 36 16.23 53.37 18.62
CA PHE B 36 15.92 52.13 19.30
C PHE B 36 14.54 51.65 18.84
N LYS B 37 14.43 50.34 18.64
CA LYS B 37 13.17 49.72 18.24
C LYS B 37 12.67 48.83 19.35
N ILE B 38 11.56 49.22 19.95
CA ILE B 38 10.90 48.43 20.97
C ILE B 38 10.04 47.38 20.28
N LEU B 39 10.02 46.18 20.83
CA LEU B 39 9.26 45.09 20.23
C LEU B 39 7.97 44.86 20.99
N CYS B 40 6.91 44.52 20.27
CA CYS B 40 5.68 44.00 20.89
C CYS B 40 4.97 43.20 19.81
N ILE B 41 5.10 41.88 19.87
CA ILE B 41 4.55 40.99 18.86
C ILE B 41 3.52 40.10 19.53
N SER B 42 2.27 40.20 19.08
CA SER B 42 1.15 39.48 19.69
C SER B 42 0.48 38.63 18.64
N CYS B 43 0.90 37.38 18.51
CA CYS B 43 0.36 36.51 17.48
C CYS B 43 -1.11 36.21 17.75
N LYS B 44 -1.72 35.49 16.81
CA LYS B 44 -3.06 34.97 16.98
C LYS B 44 -2.99 33.46 17.15
N ARG B 45 -4.01 32.91 17.81
CA ARG B 45 -4.01 31.46 18.04
C ARG B 45 -4.11 30.70 16.74
N ARG B 46 -5.02 31.10 15.86
CA ARG B 46 -5.18 30.46 14.56
C ARG B 46 -4.99 31.52 13.49
N SER B 47 -4.01 31.30 12.62
CA SER B 47 -3.61 32.31 11.66
C SER B 47 -4.70 32.63 10.64
N GLU B 48 -5.59 31.70 10.37
CA GLU B 48 -6.53 31.88 9.27
C GLU B 48 -7.69 32.79 9.61
N THR B 49 -7.93 33.08 10.88
CA THR B 49 -9.07 33.89 11.23
C THR B 49 -8.83 35.35 10.83
N ASN B 50 -9.90 36.11 10.76
CA ASN B 50 -9.82 37.52 10.42
C ASN B 50 -9.86 38.35 11.69
N ALA B 51 -9.24 39.52 11.66
CA ALA B 51 -9.15 40.36 12.83
C ALA B 51 -9.20 41.82 12.43
N GLU B 52 -9.41 42.67 13.42
CA GLU B 52 -9.27 44.12 13.28
C GLU B 52 -8.59 44.62 14.55
N THR B 53 -7.27 44.74 14.50
CA THR B 53 -6.46 45.02 15.68
C THR B 53 -6.19 46.51 15.78
N PHE B 54 -6.30 47.04 16.99
CA PHE B 54 -5.79 48.37 17.27
C PHE B 54 -5.16 48.36 18.65
N THR B 55 -4.21 49.27 18.86
CA THR B 55 -3.24 49.10 19.92
C THR B 55 -2.93 50.44 20.57
N GLU B 56 -2.75 50.42 21.88
CA GLU B 56 -2.30 51.57 22.63
C GLU B 56 -0.96 51.28 23.27
N TRP B 57 -0.23 52.31 23.65
CA TRP B 57 1.00 52.11 24.41
C TRP B 57 1.02 53.08 25.55
N THR B 58 1.48 52.62 26.70
CA THR B 58 1.60 53.53 27.83
C THR B 58 2.94 53.37 28.54
N PHE B 59 3.42 54.44 29.16
CA PHE B 59 4.72 54.44 29.79
C PHE B 59 4.86 55.35 30.97
N ARG B 60 5.57 54.89 32.00
CA ARG B 60 5.87 55.75 33.13
C ARG B 60 7.38 55.89 33.28
N GLN B 61 7.91 57.10 33.28
CA GLN B 61 9.34 57.27 33.50
C GLN B 61 9.81 56.70 34.83
N LYS B 62 10.92 55.95 34.87
CA LYS B 62 11.48 55.37 36.07
C LYS B 62 11.52 56.42 37.18
N GLY B 63 11.07 56.04 38.37
CA GLY B 63 10.93 56.96 39.46
C GLY B 63 9.55 57.54 39.62
N THR B 64 8.53 56.92 39.03
CA THR B 64 7.16 57.37 39.18
C THR B 64 6.24 56.17 39.05
N GLU B 65 5.02 56.32 39.55
CA GLU B 65 4.02 55.26 39.46
C GLU B 65 2.77 55.84 38.80
N GLU B 66 2.79 55.88 37.46
CA GLU B 66 1.62 56.29 36.71
C GLU B 66 1.80 55.98 35.24
N PHE B 67 1.07 55.01 34.71
CA PHE B 67 1.19 54.66 33.31
C PHE B 67 0.38 55.66 32.49
N VAL B 68 1.06 56.54 31.80
CA VAL B 68 0.42 57.58 30.99
C VAL B 68 0.49 57.16 29.53
N LYS B 69 -0.61 57.41 28.81
CA LYS B 69 -0.67 57.02 27.42
C LYS B 69 0.26 57.90 26.58
N ILE B 70 0.84 57.31 25.54
CA ILE B 70 1.75 58.01 24.64
C ILE B 70 1.27 57.98 23.20
N LEU B 71 0.85 56.82 22.71
CA LEU B 71 0.51 56.69 21.31
C LEU B 71 -0.66 55.74 21.16
N ARG B 72 -1.41 55.92 20.08
CA ARG B 72 -2.48 55.02 19.70
C ARG B 72 -2.45 54.87 18.20
N TYR B 73 -2.35 53.63 17.73
CA TYR B 73 -2.27 53.36 16.30
C TYR B 73 -3.59 52.76 15.85
N GLU B 74 -4.36 53.44 15.06
CA GLU B 74 -5.64 52.91 14.68
C GLU B 74 -5.84 53.08 13.23
N ASN B 75 -6.61 52.19 12.63
CA ASN B 75 -6.77 52.20 11.20
C ASN B 75 -5.38 52.07 10.74
N GLU B 76 -4.91 52.97 9.91
CA GLU B 76 -3.51 52.91 9.56
C GLU B 76 -2.77 54.16 9.95
N VAL B 77 -3.38 55.00 10.75
CA VAL B 77 -2.75 56.22 11.13
C VAL B 77 -2.32 56.18 12.56
N LEU B 78 -1.09 56.57 12.85
CA LEU B 78 -0.64 56.64 14.24
C LEU B 78 -1.01 57.96 14.84
N GLN B 79 -1.56 57.92 16.03
CA GLN B 79 -1.89 59.15 16.73
C GLN B 79 -1.00 59.26 17.96
N LEU B 80 -0.35 60.40 18.12
CA LEU B 80 0.66 60.59 19.15
C LEU B 80 0.17 61.61 20.16
N GLU B 81 0.38 61.31 21.43
CA GLU B 81 0.03 62.27 22.47
C GLU B 81 1.09 63.37 22.53
N GLU B 82 0.87 64.33 23.43
CA GLU B 82 1.72 65.50 23.55
C GLU B 82 2.79 65.35 24.61
N ASP B 83 3.21 64.14 24.92
CA ASP B 83 4.26 63.95 25.92
C ASP B 83 5.58 64.43 25.33
N GLU B 84 6.09 65.54 25.87
CA GLU B 84 7.29 66.15 25.31
C GLU B 84 8.47 65.19 25.31
N ARG B 85 8.42 64.13 26.12
CA ARG B 85 9.44 63.11 26.01
C ARG B 85 9.39 62.45 24.64
N PHE B 86 8.20 62.34 24.05
CA PHE B 86 8.05 61.64 22.77
C PHE B 86 7.49 62.55 21.68
N GLU B 87 7.64 63.86 21.83
CA GLU B 87 7.23 64.77 20.76
C GLU B 87 8.18 64.57 19.60
N GLY B 88 7.69 63.98 18.52
CA GLY B 88 8.64 63.52 17.55
C GLY B 88 9.38 62.31 18.11
N ARG B 89 10.52 62.00 17.50
CA ARG B 89 11.42 60.97 18.00
C ARG B 89 10.83 59.58 17.90
N VAL B 90 9.56 59.46 17.53
CA VAL B 90 8.84 58.19 17.54
C VAL B 90 8.23 57.97 16.16
N VAL B 91 8.32 56.73 15.68
CA VAL B 91 7.72 56.36 14.41
C VAL B 91 7.18 54.95 14.53
N TRP B 92 6.01 54.72 13.95
CA TRP B 92 5.46 53.38 13.89
C TRP B 92 6.39 52.48 13.09
N ASN B 93 6.64 51.29 13.60
CA ASN B 93 7.41 50.34 12.84
C ASN B 93 6.79 48.95 12.94
N GLY B 94 5.48 48.89 13.03
CA GLY B 94 4.79 47.62 13.15
C GLY B 94 4.41 47.04 11.81
N SER B 95 3.14 46.72 11.62
CA SER B 95 2.67 46.18 10.36
C SER B 95 2.04 47.27 9.51
N ARG B 96 2.09 47.07 8.19
CA ARG B 96 1.76 48.11 7.23
C ARG B 96 0.51 47.75 6.45
N GLY B 97 -0.48 48.64 6.49
CA GLY B 97 -1.62 48.58 5.59
C GLY B 97 -2.36 47.26 5.58
N THR B 98 -2.67 46.70 6.74
CA THR B 98 -3.30 45.41 6.81
C THR B 98 -4.55 45.39 7.67
N LYS B 99 -4.65 46.24 8.69
CA LYS B 99 -5.80 46.29 9.57
C LYS B 99 -5.89 45.01 10.40
N ASP B 100 -5.00 44.06 10.16
CA ASP B 100 -4.83 42.86 10.98
C ASP B 100 -3.39 42.88 11.44
N LEU B 101 -3.10 43.67 12.46
CA LEU B 101 -1.74 44.14 12.69
C LEU B 101 -0.80 43.00 13.04
N GLN B 102 -1.06 42.30 14.13
CA GLN B 102 -0.26 41.16 14.54
C GLN B 102 1.20 41.52 14.84
N ASP B 103 1.53 42.81 14.87
CA ASP B 103 2.88 43.25 15.22
C ASP B 103 2.84 44.74 15.51
N LEU B 104 3.24 45.11 16.72
CA LEU B 104 2.98 46.47 17.20
C LEU B 104 4.26 47.18 17.62
N SER B 105 5.41 46.76 17.11
CA SER B 105 6.67 47.36 17.54
C SER B 105 6.73 48.82 17.12
N ILE B 106 7.30 49.64 17.99
CA ILE B 106 7.53 51.04 17.66
C ILE B 106 9.04 51.27 17.62
N PHE B 107 9.41 52.46 17.18
CA PHE B 107 10.80 52.79 16.89
C PHE B 107 11.07 54.20 17.37
N ILE B 108 11.91 54.34 18.35
CA ILE B 108 12.30 55.65 18.83
C ILE B 108 13.51 56.12 18.05
N THR B 109 13.58 57.41 17.78
CA THR B 109 14.78 58.01 17.21
C THR B 109 15.34 59.03 18.21
N ASN B 110 16.67 59.11 18.26
CA ASN B 110 17.37 60.02 19.17
C ASN B 110 16.99 59.73 20.62
N VAL B 111 17.41 58.54 21.06
CA VAL B 111 17.15 58.12 22.44
C VAL B 111 17.74 59.12 23.41
N THR B 112 16.92 59.58 24.35
CA THR B 112 17.38 60.44 25.43
C THR B 112 17.41 59.65 26.72
N TYR B 113 17.73 60.35 27.81
CA TYR B 113 17.73 59.72 29.11
C TYR B 113 16.36 59.62 29.73
N ASN B 114 15.40 60.40 29.25
CA ASN B 114 14.07 60.34 29.85
C ASN B 114 13.31 59.09 29.48
N HIS B 115 13.83 58.29 28.57
CA HIS B 115 13.11 57.12 28.09
C HIS B 115 13.39 55.87 28.90
N SER B 116 13.76 56.00 30.17
CA SER B 116 14.01 54.85 31.02
C SER B 116 12.81 54.65 31.95
N GLY B 117 12.14 53.51 31.82
CA GLY B 117 10.96 53.23 32.60
C GLY B 117 10.28 51.94 32.21
N ASP B 118 8.97 51.87 32.37
CA ASP B 118 8.20 50.68 32.06
C ASP B 118 7.19 51.00 30.97
N TYR B 119 7.20 50.22 29.90
CA TYR B 119 6.31 50.43 28.77
C TYR B 119 5.23 49.36 28.74
N GLU B 120 4.06 49.75 28.25
CA GLU B 120 2.91 48.84 28.17
C GLU B 120 2.37 48.83 26.75
N CYS B 121 1.99 47.65 26.28
CA CYS B 121 1.52 47.46 24.92
C CYS B 121 0.17 46.75 24.97
N HIS B 122 -0.91 47.52 25.02
CA HIS B 122 -2.25 46.95 25.06
C HIS B 122 -2.67 46.56 23.65
N VAL B 123 -3.13 45.35 23.44
CA VAL B 123 -3.60 44.97 22.14
C VAL B 123 -5.04 44.64 22.20
N TYR B 124 -5.86 45.35 21.47
CA TYR B 124 -7.25 45.06 21.46
C TYR B 124 -7.59 44.50 20.12
N ARG B 125 -8.06 43.25 20.07
CA ARG B 125 -8.31 42.58 18.81
C ARG B 125 -9.71 42.04 18.66
N LEU B 126 -10.47 42.50 17.68
CA LEU B 126 -11.80 41.95 17.43
C LEU B 126 -11.75 40.85 16.39
N LEU B 127 -11.96 39.61 16.81
CA LEU B 127 -11.95 38.50 15.87
C LEU B 127 -13.31 38.37 15.21
N PHE B 128 -13.33 37.86 13.98
CA PHE B 128 -14.58 37.71 13.25
C PHE B 128 -14.88 36.26 12.92
N PHE B 129 -16.11 35.83 13.20
CA PHE B 129 -16.49 34.45 12.93
C PHE B 129 -17.77 34.38 12.11
N GLU B 130 -18.40 33.21 12.03
CA GLU B 130 -19.61 33.04 11.24
C GLU B 130 -20.72 33.96 11.72
N ASN B 131 -21.13 33.80 12.97
CA ASN B 131 -22.18 34.64 13.54
C ASN B 131 -21.76 35.10 14.92
N TYR B 132 -20.53 35.59 15.03
CA TYR B 132 -19.89 35.73 16.33
C TYR B 132 -18.79 36.76 16.20
N GLU B 133 -18.61 37.61 17.21
CA GLU B 133 -17.49 38.55 17.22
C GLU B 133 -16.95 38.67 18.61
N HIS B 134 -15.73 38.23 18.86
CA HIS B 134 -15.20 38.23 20.22
C HIS B 134 -14.10 39.21 20.41
N ASN B 135 -14.33 40.32 21.09
CA ASN B 135 -13.23 41.21 21.28
C ASN B 135 -12.35 40.59 22.29
N THR B 136 -11.06 40.80 22.18
CA THR B 136 -10.12 40.18 23.07
C THR B 136 -9.14 41.23 23.47
N SER B 137 -8.42 41.06 24.56
CA SER B 137 -7.37 42.00 24.91
C SER B 137 -6.16 41.31 25.46
N VAL B 138 -4.99 41.82 25.18
CA VAL B 138 -3.75 41.25 25.66
C VAL B 138 -2.85 42.40 25.98
N VAL B 139 -2.13 42.34 27.07
CA VAL B 139 -1.23 43.39 27.52
C VAL B 139 0.18 42.82 27.58
N LYS B 140 1.14 43.60 27.08
CA LYS B 140 2.55 43.24 27.13
C LYS B 140 3.32 44.35 27.83
N LYS B 141 4.15 43.99 28.79
CA LYS B 141 4.89 44.94 29.60
C LYS B 141 6.36 44.85 29.27
N ILE B 142 7.00 46.02 29.14
CA ILE B 142 8.42 46.10 28.79
C ILE B 142 9.09 47.10 29.71
N HIS B 143 10.33 46.81 30.10
CA HIS B 143 11.12 47.64 30.98
C HIS B 143 12.37 48.09 30.26
N ILE B 144 12.60 49.40 30.18
CA ILE B 144 13.66 49.96 29.37
C ILE B 144 14.60 50.77 30.26
N GLU B 145 15.89 50.57 30.08
CA GLU B 145 16.92 51.32 30.78
C GLU B 145 17.90 51.88 29.76
N VAL B 146 18.16 53.18 29.86
CA VAL B 146 19.07 53.87 28.95
C VAL B 146 20.45 53.92 29.59
N VAL B 147 21.45 53.47 28.85
CA VAL B 147 22.84 53.51 29.33
C VAL B 147 23.62 54.48 28.48
N ASP B 148 24.91 54.63 28.76
CA ASP B 148 25.75 55.53 27.99
C ASP B 148 26.62 54.81 26.97
N LYS B 149 26.95 53.54 27.20
CA LYS B 149 27.73 52.76 26.26
C LYS B 149 27.15 51.36 26.16
N ALA B 150 27.11 50.83 24.95
CA ALA B 150 26.54 49.50 24.73
C ALA B 150 27.41 48.45 25.40
N ASN B 151 26.84 47.77 26.38
CA ASN B 151 27.54 46.69 27.07
C ASN B 151 27.32 45.37 26.35
N ARG B 152 28.40 44.68 26.04
CA ARG B 152 28.28 43.36 25.45
C ARG B 152 27.65 42.40 26.44
N ASP B 153 26.67 41.63 25.97
CA ASP B 153 25.92 40.75 26.84
C ASP B 153 26.83 39.68 27.44
N MET B 154 26.56 39.35 28.70
CA MET B 154 27.40 38.40 29.41
C MET B 154 27.47 37.06 28.67
N ALA B 155 26.36 36.65 28.05
CA ALA B 155 26.35 35.38 27.35
C ALA B 155 27.39 35.35 26.24
N SER B 156 27.49 36.42 25.46
CA SER B 156 28.42 36.44 24.35
C SER B 156 29.86 36.35 24.83
N ILE B 157 30.21 37.14 25.84
CA ILE B 157 31.58 37.14 26.34
C ILE B 157 31.93 35.79 26.93
N VAL B 158 31.03 35.23 27.73
CA VAL B 158 31.29 33.93 28.33
C VAL B 158 31.46 32.88 27.25
N SER B 159 30.62 32.92 26.22
CA SER B 159 30.72 31.94 25.16
C SER B 159 32.05 32.05 24.43
N GLU B 160 32.47 33.28 24.12
CA GLU B 160 33.73 33.45 23.40
C GLU B 160 34.90 32.96 24.24
N ILE B 161 34.90 33.30 25.53
CA ILE B 161 35.98 32.84 26.41
C ILE B 161 36.01 31.32 26.43
N MET B 162 34.85 30.69 26.60
CA MET B 162 34.82 29.24 26.63
C MET B 162 35.28 28.65 25.31
N MET B 163 34.98 29.32 24.19
CA MET B 163 35.43 28.82 22.91
C MET B 163 36.95 28.81 22.84
N TYR B 164 37.58 29.94 23.17
CA TYR B 164 39.03 29.98 23.15
C TYR B 164 39.61 28.93 24.08
N VAL B 165 39.02 28.78 25.26
CA VAL B 165 39.53 27.82 26.23
C VAL B 165 39.45 26.41 25.68
N LEU B 166 38.31 26.05 25.10
CA LEU B 166 38.16 24.71 24.55
C LEU B 166 39.17 24.46 23.44
N ILE B 167 39.32 25.42 22.54
CA ILE B 167 40.28 25.25 21.46
C ILE B 167 41.66 24.98 22.03
N VAL B 168 42.08 25.79 22.99
CA VAL B 168 43.43 25.65 23.52
C VAL B 168 43.60 24.33 24.24
N VAL B 169 42.61 23.92 25.03
CA VAL B 169 42.79 22.70 25.82
C VAL B 169 42.82 21.48 24.91
N LEU B 170 41.99 21.46 23.87
CA LEU B 170 42.06 20.34 22.93
C LEU B 170 43.40 20.32 22.21
N THR B 171 43.87 21.47 21.76
CA THR B 171 45.17 21.50 21.10
C THR B 171 46.26 20.97 22.01
N ILE B 172 46.23 21.38 23.28
CA ILE B 172 47.27 20.95 24.21
C ILE B 172 47.17 19.45 24.47
N TRP B 173 45.97 18.91 24.52
CA TRP B 173 45.82 17.50 24.75
C TRP B 173 46.49 16.76 23.62
N LEU B 174 46.23 17.20 22.40
CA LEU B 174 46.77 16.51 21.28
C LEU B 174 48.25 16.61 21.27
N VAL B 175 48.79 17.76 21.58
CA VAL B 175 50.21 17.86 21.47
C VAL B 175 50.80 16.90 22.44
N ALA B 176 50.21 16.83 23.62
CA ALA B 176 50.75 15.96 24.62
C ALA B 176 50.70 14.52 24.21
N GLU B 177 49.59 14.12 23.65
CA GLU B 177 49.45 12.73 23.29
C GLU B 177 50.49 12.43 22.25
N MET B 178 50.68 13.35 21.32
CA MET B 178 51.62 13.08 20.27
C MET B 178 52.98 12.93 20.86
N ILE B 179 53.38 13.80 21.75
CA ILE B 179 54.75 13.67 22.24
C ILE B 179 54.87 12.36 22.98
N TYR B 180 53.88 11.98 23.74
CA TYR B 180 53.96 10.68 24.39
C TYR B 180 54.16 9.56 23.37
N CYS B 181 53.18 9.38 22.50
CA CYS B 181 53.28 8.29 21.53
C CYS B 181 54.52 8.45 20.66
N TYR B 182 55.00 9.67 20.47
CA TYR B 182 56.15 9.87 19.60
C TYR B 182 57.43 9.40 20.27
N LYS B 183 57.62 9.73 21.54
CA LYS B 183 58.80 9.22 22.22
C LYS B 183 58.74 7.71 22.31
N LYS B 184 57.55 7.15 22.56
CA LYS B 184 57.47 5.69 22.63
C LYS B 184 57.74 5.05 21.29
N ILE B 185 57.29 5.68 20.20
CA ILE B 185 57.50 5.14 18.87
C ILE B 185 58.95 5.24 18.47
N ALA B 186 59.62 6.34 18.82
CA ALA B 186 61.05 6.44 18.55
C ALA B 186 61.82 5.38 19.34
N ALA B 187 61.41 5.13 20.58
CA ALA B 187 62.03 4.07 21.36
C ALA B 187 61.88 2.73 20.67
N ALA B 188 60.64 2.35 20.34
CA ALA B 188 60.40 1.08 19.67
C ALA B 188 61.05 1.03 18.29
N THR B 189 61.28 2.17 17.67
CA THR B 189 61.98 2.22 16.40
C THR B 189 63.45 1.87 16.59
N GLU B 190 64.07 2.45 17.61
CA GLU B 190 65.47 2.15 17.87
C GLU B 190 65.68 0.77 18.47
N THR B 191 64.63 0.15 19.03
CA THR B 191 64.79 -1.20 19.56
C THR B 191 65.03 -2.20 18.44
N ALA B 192 64.25 -2.12 17.36
CA ALA B 192 64.40 -3.05 16.25
C ALA B 192 65.50 -2.58 15.30
N MET C 30 -42.75 7.07 -2.09
CA MET C 30 -42.53 6.86 -0.66
C MET C 30 -43.43 5.73 -0.18
N GLU C 31 -42.82 4.73 0.44
CA GLU C 31 -43.58 3.61 1.00
C GLU C 31 -44.26 4.06 2.27
N VAL C 32 -45.58 3.93 2.31
CA VAL C 32 -46.39 4.26 3.47
C VAL C 32 -47.17 3.00 3.83
N THR C 33 -47.05 2.58 5.09
CA THR C 33 -47.66 1.34 5.55
C THR C 33 -48.87 1.68 6.42
N VAL C 34 -50.04 1.26 5.97
CA VAL C 34 -51.29 1.40 6.71
C VAL C 34 -52.13 0.16 6.46
N PRO C 35 -53.08 -0.13 7.35
CA PRO C 35 -54.07 -1.17 7.04
C PRO C 35 -55.08 -0.64 6.05
N ALA C 36 -55.30 -1.37 4.97
CA ALA C 36 -56.28 -0.93 3.98
C ALA C 36 -57.68 -0.86 4.58
N THR C 37 -58.02 -1.79 5.46
CA THR C 37 -59.29 -1.82 6.16
C THR C 37 -58.99 -1.94 7.64
N LEU C 38 -59.68 -1.15 8.45
CA LEU C 38 -59.55 -1.19 9.89
C LEU C 38 -60.94 -1.28 10.48
N ASN C 39 -61.21 -2.39 11.18
CA ASN C 39 -62.52 -2.68 11.75
C ASN C 39 -62.44 -2.49 13.25
N VAL C 40 -63.27 -1.61 13.78
CA VAL C 40 -63.22 -1.22 15.18
C VAL C 40 -64.63 -1.25 15.77
N LEU C 41 -64.75 -1.72 17.00
CA LEU C 41 -66.04 -1.75 17.68
C LEU C 41 -66.46 -0.36 18.08
N ASN C 42 -67.72 -0.08 17.91
CA ASN C 42 -68.31 1.15 18.40
C ASN C 42 -67.99 1.34 19.88
N GLY C 43 -67.47 2.53 20.22
CA GLY C 43 -67.13 2.85 21.60
C GLY C 43 -65.70 2.57 21.97
N SER C 44 -64.98 1.76 21.21
CA SER C 44 -63.59 1.48 21.49
CA SER C 44 -63.59 1.49 21.51
C SER C 44 -62.71 2.60 20.91
N ASP C 45 -61.43 2.54 21.24
CA ASP C 45 -60.46 3.47 20.69
C ASP C 45 -59.87 2.85 19.43
N ALA C 46 -59.74 3.66 18.39
CA ALA C 46 -59.20 3.21 17.11
C ALA C 46 -57.88 3.91 16.86
N ARG C 47 -56.79 3.17 16.91
CA ARG C 47 -55.51 3.69 16.45
C ARG C 47 -55.42 3.46 14.96
N LEU C 48 -55.22 4.53 14.22
CA LEU C 48 -55.02 4.46 12.78
C LEU C 48 -53.52 4.41 12.55
N PRO C 49 -52.93 3.22 12.32
CA PRO C 49 -51.47 3.15 12.22
C PRO C 49 -50.99 3.66 10.86
N CYS C 50 -49.88 4.39 10.90
CA CYS C 50 -49.27 4.85 9.65
C CYS C 50 -47.80 5.09 9.92
N THR C 51 -46.95 4.32 9.25
CA THR C 51 -45.51 4.54 9.25
C THR C 51 -45.04 4.74 7.82
N PHE C 52 -43.87 5.35 7.61
CA PHE C 52 -43.39 5.62 6.23
C PHE C 52 -41.88 5.41 6.13
N ASN C 53 -41.44 4.71 5.09
CA ASN C 53 -40.01 4.41 4.99
C ASN C 53 -39.27 5.48 4.20
N SER C 54 -38.98 6.60 4.85
CA SER C 54 -38.20 7.63 4.20
C SER C 54 -36.81 7.59 4.80
N CYS C 55 -35.81 7.43 3.96
CA CYS C 55 -34.43 7.34 4.43
C CYS C 55 -33.92 8.61 5.09
N TYR C 56 -34.29 9.77 4.56
CA TYR C 56 -33.82 11.04 5.12
C TYR C 56 -34.35 11.26 6.53
N THR C 57 -33.51 11.85 7.38
CA THR C 57 -33.91 12.12 8.76
C THR C 57 -35.07 13.12 8.81
N VAL C 58 -35.97 12.94 9.76
CA VAL C 58 -37.13 13.82 9.86
C VAL C 58 -36.79 15.17 10.50
N ASN C 59 -36.79 16.21 9.68
CA ASN C 59 -36.50 17.55 10.17
C ASN C 59 -37.83 18.20 10.54
N HIS C 60 -38.06 18.41 11.83
CA HIS C 60 -39.34 18.97 12.26
C HIS C 60 -39.61 20.35 11.68
N LYS C 61 -38.57 21.06 11.24
CA LYS C 61 -38.79 22.39 10.66
C LYS C 61 -39.27 22.33 9.21
N GLN C 62 -39.20 21.17 8.57
CA GLN C 62 -39.60 21.02 7.18
C GLN C 62 -40.60 19.89 6.96
N PHE C 63 -40.67 18.91 7.85
CA PHE C 63 -41.58 17.78 7.70
C PHE C 63 -43.02 18.26 7.61
N SER C 64 -43.80 17.58 6.76
CA SER C 64 -45.21 17.93 6.56
C SER C 64 -46.05 16.68 6.65
N LEU C 65 -47.15 16.77 7.41
CA LEU C 65 -48.13 15.71 7.53
C LEU C 65 -49.52 16.32 7.47
N ASN C 66 -50.40 15.74 6.67
CA ASN C 66 -51.80 16.11 6.66
C ASN C 66 -52.62 14.84 6.79
N TRP C 67 -53.55 14.83 7.75
CA TRP C 67 -54.43 13.70 7.93
C TRP C 67 -55.80 14.17 7.55
N THR C 68 -56.33 13.67 6.43
CA THR C 68 -57.63 14.12 5.96
C THR C 68 -58.68 13.02 6.08
N TYR C 69 -59.95 13.39 5.93
CA TYR C 69 -61.02 12.42 6.02
C TYR C 69 -62.10 12.63 4.97
N GLN C 70 -62.41 11.60 4.20
CA GLN C 70 -63.49 11.68 3.23
C GLN C 70 -64.47 10.55 3.44
N GLU C 71 -65.74 10.78 3.13
CA GLU C 71 -66.76 9.74 3.33
C GLU C 71 -66.67 8.68 2.25
N CYS C 72 -66.31 9.08 1.03
CA CYS C 72 -66.26 8.14 -0.08
C CYS C 72 -65.14 8.57 -1.01
N ASN C 73 -64.75 7.66 -1.91
CA ASN C 73 -63.61 7.92 -2.78
C ASN C 73 -63.83 9.15 -3.65
N ASN C 74 -65.08 9.49 -3.94
CA ASN C 74 -65.41 10.61 -4.80
C ASN C 74 -66.09 11.74 -4.03
N CYS C 75 -65.83 11.81 -2.72
CA CYS C 75 -66.42 12.78 -1.80
C CYS C 75 -65.37 13.77 -1.34
N SER C 76 -65.81 14.80 -0.61
CA SER C 76 -64.89 15.84 -0.17
C SER C 76 -64.01 15.44 1.01
N GLU C 77 -62.74 15.83 0.96
CA GLU C 77 -61.81 15.57 2.04
C GLU C 77 -61.83 16.70 3.05
N GLU C 78 -61.84 16.35 4.33
CA GLU C 78 -61.80 17.31 5.43
C GLU C 78 -60.51 17.08 6.21
N MET C 79 -59.60 18.06 6.17
CA MET C 79 -58.37 17.95 6.95
C MET C 79 -58.71 18.07 8.44
N PHE C 80 -58.19 17.15 9.24
CA PHE C 80 -58.47 17.19 10.67
C PHE C 80 -57.24 17.30 11.56
N LEU C 81 -56.05 17.02 11.04
CA LEU C 81 -54.83 17.17 11.80
C LEU C 81 -53.70 17.43 10.82
N GLN C 82 -52.78 18.30 11.23
CA GLN C 82 -51.67 18.67 10.35
C GLN C 82 -50.41 18.96 11.14
N PHE C 83 -49.27 18.44 10.68
CA PHE C 83 -48.01 18.74 11.32
C PHE C 83 -47.32 19.83 10.53
N ARG C 84 -47.44 21.06 10.98
CA ARG C 84 -46.73 22.15 10.33
C ARG C 84 -45.91 22.72 11.46
N MET C 85 -44.61 22.41 11.51
CA MET C 85 -43.73 22.81 12.63
C MET C 85 -44.07 21.98 13.86
N LYS C 86 -45.33 21.96 14.26
CA LYS C 86 -45.78 21.15 15.39
C LYS C 86 -47.15 20.55 15.06
N ILE C 87 -47.69 19.76 15.98
CA ILE C 87 -49.01 19.15 15.76
C ILE C 87 -50.16 20.16 15.86
N ILE C 88 -50.91 20.31 14.78
CA ILE C 88 -52.06 21.20 14.77
C ILE C 88 -53.29 20.33 14.64
N ASN C 89 -54.10 20.30 15.69
CA ASN C 89 -55.37 19.58 15.68
C ASN C 89 -56.46 20.57 15.32
N LEU C 90 -57.13 20.35 14.18
CA LEU C 90 -58.11 21.33 13.70
C LEU C 90 -59.41 21.28 14.46
N LYS C 91 -59.62 20.27 15.30
CA LYS C 91 -60.80 20.19 16.17
C LYS C 91 -62.08 20.27 15.36
N LEU C 92 -62.17 19.47 14.30
CA LEU C 92 -63.37 19.46 13.47
C LEU C 92 -64.58 19.08 14.32
N GLU C 93 -65.70 19.75 14.07
CA GLU C 93 -66.91 19.46 14.84
C GLU C 93 -67.30 17.99 14.73
N ARG C 94 -67.08 17.38 13.56
CA ARG C 94 -67.53 16.01 13.36
C ARG C 94 -66.82 15.02 14.27
N PHE C 95 -65.65 15.38 14.82
CA PHE C 95 -64.93 14.48 15.71
C PHE C 95 -65.00 14.89 17.17
N GLN C 96 -65.62 16.02 17.47
CA GLN C 96 -65.60 16.57 18.83
C GLN C 96 -64.13 16.76 19.22
N ASP C 97 -63.70 16.26 20.37
CA ASP C 97 -62.31 16.33 20.79
C ASP C 97 -61.75 14.92 20.91
N ARG C 98 -62.18 14.03 20.02
CA ARG C 98 -61.80 12.63 20.09
C ARG C 98 -60.56 12.29 19.29
N VAL C 99 -60.07 13.20 18.43
CA VAL C 99 -58.84 12.97 17.67
C VAL C 99 -57.63 13.31 18.53
N GLU C 100 -56.63 12.44 18.47
CA GLU C 100 -55.32 12.70 19.07
C GLU C 100 -54.25 12.22 18.12
N PHE C 101 -53.12 12.94 18.11
CA PHE C 101 -51.94 12.37 17.47
C PHE C 101 -51.42 11.22 18.32
N SER C 102 -50.94 10.19 17.66
CA SER C 102 -50.45 9.01 18.36
C SER C 102 -49.19 8.47 17.72
N GLY C 103 -48.40 9.35 17.13
CA GLY C 103 -47.17 8.94 16.47
C GLY C 103 -45.94 9.60 17.04
N ASN C 104 -44.89 9.60 16.24
CA ASN C 104 -43.58 10.11 16.60
C ASN C 104 -42.86 10.34 15.29
N PRO C 105 -42.89 11.56 14.73
CA PRO C 105 -42.36 11.75 13.38
C PRO C 105 -40.90 11.35 13.23
N SER C 106 -40.07 11.62 14.24
CA SER C 106 -38.66 11.28 14.14
CA SER C 106 -38.66 11.28 14.15
C SER C 106 -38.44 9.78 14.02
N LYS C 107 -39.39 8.98 14.51
CA LYS C 107 -39.37 7.54 14.37
C LYS C 107 -40.23 7.06 13.21
N TYR C 108 -40.58 7.97 12.29
CA TYR C 108 -41.26 7.63 11.06
C TYR C 108 -42.67 7.08 11.30
N ASP C 109 -43.30 7.52 12.38
CA ASP C 109 -44.64 7.08 12.76
C ASP C 109 -45.53 8.31 12.83
N VAL C 110 -46.60 8.31 12.03
CA VAL C 110 -47.52 9.45 11.98
C VAL C 110 -48.94 9.02 12.32
N SER C 111 -49.07 7.99 13.15
CA SER C 111 -50.37 7.43 13.49
CA SER C 111 -50.37 7.43 13.47
C SER C 111 -51.23 8.44 14.25
N VAL C 112 -52.54 8.25 14.15
CA VAL C 112 -53.50 9.03 14.91
C VAL C 112 -54.39 8.08 15.70
N MET C 113 -55.05 8.63 16.70
CA MET C 113 -55.95 7.91 17.57
C MET C 113 -57.32 8.58 17.52
N LEU C 114 -58.35 7.78 17.36
CA LEU C 114 -59.72 8.27 17.43
C LEU C 114 -60.35 7.61 18.64
N ARG C 115 -60.54 8.37 19.71
CA ARG C 115 -61.09 7.81 20.93
C ARG C 115 -62.59 7.56 20.79
N ASN C 116 -63.06 6.53 21.49
CA ASN C 116 -64.49 6.29 21.68
C ASN C 116 -65.23 6.40 20.34
N VAL C 117 -64.84 5.51 19.43
CA VAL C 117 -65.32 5.58 18.04
C VAL C 117 -66.83 5.54 17.98
N GLN C 118 -67.40 6.35 17.09
CA GLN C 118 -68.83 6.43 16.86
C GLN C 118 -69.16 5.95 15.45
N PRO C 119 -70.41 5.53 15.20
CA PRO C 119 -70.74 5.03 13.86
C PRO C 119 -70.47 6.02 12.75
N GLU C 120 -70.63 7.32 13.00
CA GLU C 120 -70.41 8.32 11.96
C GLU C 120 -68.93 8.45 11.58
N ASP C 121 -68.03 7.87 12.37
CA ASP C 121 -66.60 7.91 12.04
C ASP C 121 -66.26 6.98 10.87
N GLU C 122 -67.14 6.07 10.52
CA GLU C 122 -66.90 5.22 9.36
C GLU C 122 -66.58 6.08 8.13
N GLY C 123 -65.56 5.67 7.38
CA GLY C 123 -65.19 6.38 6.17
C GLY C 123 -63.73 6.15 5.82
N ILE C 124 -63.17 7.08 5.06
CA ILE C 124 -61.82 6.96 4.53
C ILE C 124 -60.94 8.00 5.21
N TYR C 125 -59.78 7.56 5.72
CA TYR C 125 -58.82 8.46 6.33
C TYR C 125 -57.51 8.43 5.58
N ASN C 126 -56.91 9.59 5.31
CA ASN C 126 -55.68 9.64 4.50
C ASN C 126 -54.46 10.24 5.18
N CYS C 127 -53.35 9.50 5.24
CA CYS C 127 -52.10 10.09 5.78
C CYS C 127 -51.17 10.60 4.66
N TYR C 128 -51.08 11.93 4.50
CA TYR C 128 -50.19 12.53 3.48
C TYR C 128 -48.88 12.89 4.13
N ILE C 129 -47.76 12.67 3.45
CA ILE C 129 -46.48 12.85 4.12
C ILE C 129 -45.46 13.43 3.14
N MET C 130 -44.78 14.49 3.58
CA MET C 130 -43.63 15.01 2.85
C MET C 130 -42.48 15.14 3.82
N ASN C 131 -41.32 14.62 3.42
CA ASN C 131 -40.12 14.61 4.25
C ASN C 131 -38.99 15.22 3.43
N PRO C 132 -38.97 16.55 3.26
CA PRO C 132 -37.92 17.19 2.48
C PRO C 132 -36.53 16.83 3.02
N PRO C 133 -35.52 16.67 2.14
CA PRO C 133 -35.54 16.88 0.70
C PRO C 133 -35.97 15.66 -0.11
N ASP C 134 -36.51 14.64 0.55
CA ASP C 134 -37.07 13.51 -0.18
C ASP C 134 -38.10 14.04 -1.18
N ARG C 135 -37.97 13.61 -2.44
CA ARG C 135 -38.78 14.22 -3.49
C ARG C 135 -40.23 13.76 -3.44
N HIS C 136 -40.46 12.47 -3.18
CA HIS C 136 -41.79 11.90 -3.36
C HIS C 136 -42.65 12.07 -2.12
N ARG C 137 -43.91 12.44 -2.35
CA ARG C 137 -44.92 12.57 -1.31
C ARG C 137 -45.55 11.20 -1.07
N GLY C 138 -45.79 10.88 0.20
CA GLY C 138 -46.41 9.63 0.57
C GLY C 138 -47.91 9.80 0.81
N HIS C 139 -48.64 8.72 0.60
CA HIS C 139 -50.09 8.73 0.82
C HIS C 139 -50.53 7.36 1.31
N GLY C 140 -51.10 7.32 2.51
CA GLY C 140 -51.74 6.13 3.04
C GLY C 140 -53.23 6.36 3.12
N LYS C 141 -54.00 5.30 2.84
CA LYS C 141 -55.45 5.38 2.86
C LYS C 141 -56.02 4.22 3.67
N ILE C 142 -56.80 4.54 4.69
CA ILE C 142 -57.42 3.54 5.57
C ILE C 142 -58.93 3.64 5.45
N HIS C 143 -59.59 2.50 5.26
CA HIS C 143 -61.05 2.43 5.30
C HIS C 143 -61.42 1.96 6.69
N LEU C 144 -61.97 2.86 7.49
CA LEU C 144 -62.38 2.56 8.85
C LEU C 144 -63.84 2.12 8.84
N GLN C 145 -64.10 0.95 9.39
CA GLN C 145 -65.46 0.41 9.51
C GLN C 145 -65.79 0.25 10.99
N VAL C 146 -67.00 0.64 11.36
CA VAL C 146 -67.42 0.63 12.75
C VAL C 146 -68.40 -0.51 12.97
N LEU C 147 -68.03 -1.44 13.83
CA LEU C 147 -68.81 -2.61 14.14
C LEU C 147 -69.74 -2.36 15.31
N MET C 148 -70.81 -3.15 15.38
CA MET C 148 -71.81 -3.03 16.45
C MET C 148 -71.17 -3.29 17.81
#